data_8BCC
#
_entry.id   8BCC
#
_cell.length_a   100.425
_cell.length_b   119.408
_cell.length_c   188.270
_cell.angle_alpha   90.000
_cell.angle_beta   90.000
_cell.angle_gamma   90.000
#
_symmetry.space_group_name_H-M   'P 21 21 21'
#
loop_
_entity.id
_entity.type
_entity.pdbx_description
1 polymer 'U5 small nuclear ribonucleoprotein 200 kDa helicase'
2 polymer 'Pre-mRNA-processing-splicing factor 8'
3 non-polymer 3-oxidanylbenzenesulfonamide
4 non-polymer 1,2-ETHANEDIOL
5 water water
#
loop_
_entity_poly.entity_id
_entity_poly.type
_entity_poly.pdbx_seq_one_letter_code
_entity_poly.pdbx_strand_id
1 'polypeptide(L)'
;GAEFMDLDQGGEALAPRQVLDLEDLVFTQGSHFMANKRCQLPDGSFRRQRKGYEEVHVPALKPKPFGSEEQLLPVEKLPK
YAQAGFEGFKTLNRIQSKLYRAALETDENLLLCAPTGAGKTNVALMCMLREIGKHINMDGTINVDDFKIIYIAPMRSLVQ
EMVGSFGKRLATYGITVAELTGDHQLCKEEISATQIIVCTPEKWDIITRKGGERTYTQLVRLIILDEIHLLHDDRGPVLE
ALVARAIRNIEMTQEDVRLIGLSATLPNYEDVATFLRVDPAKGLFYFDNSFRPVPLEQTYVGITEKKAIKRFQIMNEIVY
EKIMEHAGKNQVLVFVHSRKETGKTARAIRDMCLEKDTLGLFLREGSASTEVLRTEAEQCKNLELKDLLPYGFAIHHAGM
TRVDRTLVEDLFADKHIQVLVSTATLAWGVNLPAHTVIIKGTQVYSPEKGRWTELGALDILQMLGRAGRPQYDTKGEGIL
ITSHGELQYYLSLLNQQLPIESQMVSKLPDMLNAEIVLGNVQNAKDAVNWLGYAYLYIRMLRSPTLYGISHDDLKGDPLL
DQRRLDLVHTAALMLDKNNLVKYDKKTGNFQVTELGRIASHYYITNDTVQTYNQLLKPTLSEIELFRVFSLSSEFKNITV
REEEKLELQKLLERVPIPVKESIEEPSAKINVLLQAFISQLKLEGFALMADMVYVTQSAGRLMRAIFEIVLNRGWAQLTD
KTLNLCKMIDKRMWQSMCPLRQFRKLPEEVVKKIEKKNFPFERLYDLNHNEIGELIRMPKMGKTIHKYVHLFPKLELSVH
LQPITRSTLKVELTITPDFQWDEKVHGSSEAFWILVEDVDSEVILHHEYFLLKAKYAQDEHLITFFVPVFEPLPPQYFIR
VVSDRWLSCETQLPVSFRHLILPEKYPPPTELLDLQPLPVSALRNSAFESLYQDKFPFFNPIQTQVFNTVYNSDDNVFVG
APTGSGKTICAEFAILRMLLQSSEGRCVYITPMEALAEQVYMDWYEKFQDRLNKKVVLLTGETSTDLKLLGKGNIIISTP
EKWDILSRRWKQRKNVQNINLFVVDEVHLIGGENGPVLEVICSRMRYISSQIERPIRIVALSSSLSNAKDVAHWLGCSAT
STFNFHPNVRPVPLELHIQGFNISHTQTRLLSMAKPVYHAITKHSPKKPVIVFVPSRKQTRLTAIDILTTCAADIQRQRF
LHCTEKDLIPYLEKLSDSTLKETLLNGVGYLHEGLSPMERRLVEQLFSSGAIQVVVASRSLCWGMNVAAHLVIIMDTQYY
NGKIHAYVDYPIYDVLQMVGHANRPLQDDEGRCVIMCQGSKKDFFKKFLYEPLPVESHLDHCMHDHFNAEIVTKTIENKQ
DAVDYLTWTFLYRRMTQNPNYYNLQGISHRHLSDHLSELVEQTLSDLEQSKCISIEDEMDVAPLNLGMIAAYYYINYTTI
ELFSMSLNAKTKVRGLIEIISNAAEYENIPIRHHEDNLLRQLAQKVPHKLNNPKFNDPHVKTNLLLQAHLSRMQLSAELQ
SDTEEILSKAIRLIQACVDVLSSNGWLSPALAAMELAQMVTQAMWSKDSYLKQLPHFTSEHIKRCTDKGVESVFDIMEME
DEERNALLQLTDSQIADVARFCNRYPNIELSYEVVDKDSIRSGGPVVVLVQLEREEEVTGPVIAPLFPQKREEGWWVVIG
DAKSNSLISIKRLTLQQKAKVKLDFVAPATGAHNYTLYFMSDAYMGCDQEYKFSVDVKEAETDSDSD
;
B
2 'polypeptide(L)'
;GPLGSMTQTFSSKTEWRVRAISAANLHLRTNHIYVSSDDIKETGYTYILPKNVLKKFICISDLRAQIAGYLYGVSPPDNP
QVKEIRCIVMVPQWGTHQTVHLPGQLPQHEYLKEMEPLGWIHTQPNESPQLSPQDVTTHAKIMADNPSWDGEKTIIITCS
FTPGSCTLTAYKLTPSGYEWGRQNTDKGNNPKGYLPSHYERVQMLLSDRFLGFFMVPAQSSWNYNFMGVRHDPNMKYELQ
LANPKEFYHEVHRPSHFLNFALL
;
J
#
# COMPACT_ATOMS: atom_id res chain seq x y z
N LEU A 14 -37.38 -8.20 -17.34
CA LEU A 14 -36.01 -8.10 -17.83
C LEU A 14 -35.99 -7.36 -19.16
N ALA A 15 -36.52 -7.99 -20.20
CA ALA A 15 -36.21 -7.50 -21.54
C ALA A 15 -36.95 -6.21 -21.89
N PRO A 16 -38.28 -6.05 -21.61
CA PRO A 16 -38.97 -4.83 -22.08
C PRO A 16 -38.67 -3.59 -21.24
N ARG A 17 -37.39 -3.23 -21.20
CA ARG A 17 -36.96 -2.06 -20.44
C ARG A 17 -37.22 -0.77 -21.22
N GLN A 18 -37.28 0.32 -20.47
CA GLN A 18 -37.60 1.63 -21.01
C GLN A 18 -36.56 2.62 -20.47
N VAL A 19 -36.12 3.55 -21.31
CA VAL A 19 -35.05 4.47 -20.96
C VAL A 19 -35.67 5.76 -20.43
N LEU A 20 -35.42 6.07 -19.16
CA LEU A 20 -36.04 7.21 -18.52
C LEU A 20 -35.21 8.47 -18.72
N ASP A 21 -35.83 9.61 -18.44
CA ASP A 21 -35.13 10.89 -18.35
C ASP A 21 -35.00 11.23 -16.87
N LEU A 22 -33.84 10.94 -16.28
CA LEU A 22 -33.68 11.15 -14.85
C LEU A 22 -33.92 12.61 -14.46
N GLU A 23 -33.43 13.55 -15.27
CA GLU A 23 -33.53 14.95 -14.92
C GLU A 23 -34.98 15.41 -14.77
N ASP A 24 -35.90 14.81 -15.54
CA ASP A 24 -37.31 15.16 -15.40
C ASP A 24 -37.95 14.52 -14.16
N LEU A 25 -37.24 13.66 -13.45
CA LEU A 25 -37.77 13.13 -12.20
C LEU A 25 -37.19 13.85 -10.98
N VAL A 26 -36.21 14.74 -11.18
CA VAL A 26 -35.56 15.40 -10.06
C VAL A 26 -36.49 16.44 -9.43
N PHE A 27 -36.49 16.51 -8.10
CA PHE A 27 -36.99 17.67 -7.37
C PHE A 27 -35.92 18.75 -7.42
N THR A 28 -36.12 19.79 -8.25
CA THR A 28 -35.05 20.77 -8.46
C THR A 28 -34.80 21.62 -7.23
N GLN A 29 -35.83 21.88 -6.40
CA GLN A 29 -35.65 22.75 -5.23
C GLN A 29 -34.86 22.09 -4.11
N GLY A 30 -34.45 20.82 -4.24
CA GLY A 30 -33.64 20.20 -3.22
C GLY A 30 -34.38 20.16 -1.88
N SER A 31 -33.71 20.60 -0.82
CA SER A 31 -34.37 20.64 0.48
C SER A 31 -35.49 21.69 0.53
N HIS A 32 -35.62 22.54 -0.48
CA HIS A 32 -36.71 23.51 -0.50
C HIS A 32 -37.98 22.95 -1.14
N PHE A 33 -37.95 21.71 -1.62
CA PHE A 33 -39.15 21.08 -2.15
C PHE A 33 -40.17 20.84 -1.03
N MET A 34 -41.42 21.13 -1.33
CA MET A 34 -42.52 21.08 -0.37
C MET A 34 -43.58 20.13 -0.91
N ALA A 35 -43.56 18.89 -0.44
CA ALA A 35 -44.52 17.89 -0.93
C ALA A 35 -45.93 18.13 -0.40
N ASN A 36 -46.07 18.78 0.76
CA ASN A 36 -47.39 19.00 1.35
C ASN A 36 -48.07 20.21 0.74
N LYS A 37 -49.38 20.10 0.51
CA LYS A 37 -50.14 21.16 -0.15
C LYS A 37 -50.78 22.12 0.84
N ARG A 38 -51.12 21.65 2.03
CA ARG A 38 -51.69 22.51 3.06
C ARG A 38 -50.78 22.51 4.28
N CYS A 39 -50.91 23.56 5.08
CA CYS A 39 -50.17 23.70 6.33
C CYS A 39 -51.16 24.13 7.40
N GLN A 40 -51.26 23.36 8.48
CA GLN A 40 -52.17 23.61 9.57
C GLN A 40 -51.41 24.26 10.72
N LEU A 41 -51.79 25.52 11.06
CA LEU A 41 -51.11 26.26 12.13
C LEU A 41 -51.64 25.85 13.50
N PRO A 42 -50.77 25.82 14.51
CA PRO A 42 -51.25 25.54 15.87
C PRO A 42 -52.31 26.53 16.31
N ASP A 43 -53.08 26.13 17.31
CA ASP A 43 -54.11 27.00 17.84
C ASP A 43 -53.50 28.27 18.41
N GLY A 44 -54.14 29.40 18.10
CA GLY A 44 -53.66 30.69 18.55
C GLY A 44 -52.81 31.45 17.54
N SER A 45 -52.45 30.82 16.42
CA SER A 45 -51.68 31.52 15.41
C SER A 45 -52.55 32.56 14.72
N PHE A 46 -51.97 33.72 14.40
CA PHE A 46 -52.75 34.74 13.72
C PHE A 46 -51.88 35.50 12.73
N ARG A 47 -52.56 36.13 11.78
CA ARG A 47 -51.94 36.82 10.66
C ARG A 47 -52.30 38.30 10.73
N ARG A 48 -51.31 39.17 10.63
CA ARG A 48 -51.58 40.61 10.55
C ARG A 48 -50.87 41.21 9.34
N GLN A 49 -51.57 42.10 8.64
CA GLN A 49 -51.07 42.72 7.42
C GLN A 49 -50.43 44.05 7.74
N ARG A 50 -49.37 44.39 7.01
CA ARG A 50 -48.72 45.68 7.15
C ARG A 50 -48.19 46.09 5.79
N LYS A 51 -47.80 47.36 5.68
CA LYS A 51 -47.46 47.93 4.38
C LYS A 51 -46.23 47.23 3.82
N GLY A 52 -46.45 46.39 2.82
CA GLY A 52 -45.37 45.70 2.18
C GLY A 52 -45.04 44.33 2.74
N TYR A 53 -45.71 43.91 3.82
CA TYR A 53 -45.37 42.58 4.32
C TYR A 53 -46.48 42.03 5.21
N GLU A 54 -46.55 40.71 5.25
CA GLU A 54 -47.42 40.00 6.17
C GLU A 54 -46.62 39.44 7.34
N GLU A 55 -47.21 39.47 8.53
CA GLU A 55 -46.65 38.79 9.69
C GLU A 55 -47.56 37.66 10.13
N VAL A 56 -46.95 36.53 10.49
CA VAL A 56 -47.65 35.39 11.03
C VAL A 56 -47.03 35.09 12.38
N HIS A 57 -47.84 35.13 13.43
CA HIS A 57 -47.39 34.77 14.76
C HIS A 57 -47.92 33.39 15.13
N VAL A 58 -47.03 32.56 15.67
CA VAL A 58 -47.36 31.25 16.19
C VAL A 58 -46.98 31.22 17.67
N PRO A 59 -47.93 31.00 18.58
CA PRO A 59 -47.61 31.06 20.01
C PRO A 59 -46.77 29.88 20.46
N ALA A 60 -46.06 30.09 21.57
CA ALA A 60 -45.27 29.04 22.18
C ALA A 60 -46.15 27.92 22.70
N LEU A 61 -45.68 26.68 22.54
CA LEU A 61 -46.44 25.52 22.95
C LEU A 61 -46.34 25.29 24.45
N LYS A 62 -47.38 24.72 25.01
CA LYS A 62 -47.27 24.25 26.39
C LYS A 62 -46.62 22.87 26.42
N PRO A 63 -45.69 22.63 27.35
CA PRO A 63 -45.14 21.29 27.50
C PRO A 63 -46.25 20.30 27.85
N LYS A 64 -46.13 19.09 27.33
CA LYS A 64 -47.16 18.09 27.50
C LYS A 64 -47.19 17.57 28.93
N PRO A 65 -48.36 17.17 29.43
CA PRO A 65 -48.43 16.53 30.75
C PRO A 65 -47.54 15.29 30.82
N PHE A 66 -47.22 14.88 32.04
CA PHE A 66 -46.29 13.77 32.25
C PHE A 66 -46.98 12.42 32.11
N GLY A 67 -47.68 12.21 30.99
CA GLY A 67 -48.23 10.92 30.61
C GLY A 67 -48.91 10.12 31.70
N SER A 68 -48.33 8.97 32.05
CA SER A 68 -48.86 8.07 33.09
C SER A 68 -47.73 7.70 34.05
N GLU A 69 -47.35 8.68 34.88
CA GLU A 69 -46.28 8.52 35.88
C GLU A 69 -44.97 8.07 35.24
N GLU A 70 -44.71 8.49 34.00
CA GLU A 70 -43.37 8.32 33.44
C GLU A 70 -42.40 9.09 34.33
N GLN A 71 -41.52 8.39 35.03
CA GLN A 71 -40.66 9.03 36.01
C GLN A 71 -39.24 9.14 35.46
N LEU A 72 -38.59 10.26 35.77
CA LEU A 72 -37.24 10.52 35.31
C LEU A 72 -36.26 9.55 35.98
N LEU A 73 -35.41 8.92 35.18
CA LEU A 73 -34.63 7.79 35.67
C LEU A 73 -33.38 8.27 36.39
N PRO A 74 -33.19 7.93 37.67
CA PRO A 74 -31.93 8.28 38.34
C PRO A 74 -30.79 7.53 37.69
N VAL A 75 -29.65 8.21 37.55
CA VAL A 75 -28.46 7.59 36.99
C VAL A 75 -28.09 6.34 37.78
N GLU A 76 -28.49 6.28 39.05
CA GLU A 76 -28.22 5.10 39.87
C GLU A 76 -28.85 3.85 39.28
N LYS A 77 -30.07 3.98 38.74
CA LYS A 77 -30.77 2.82 38.17
C LYS A 77 -30.15 2.33 36.87
N LEU A 78 -29.23 3.08 36.28
CA LEU A 78 -28.55 2.61 35.08
C LEU A 78 -27.63 1.43 35.42
N PRO A 79 -27.31 0.60 34.43
CA PRO A 79 -26.23 -0.37 34.60
C PRO A 79 -24.94 0.32 35.00
N LYS A 80 -24.20 -0.31 35.91
CA LYS A 80 -23.10 0.39 36.57
C LYS A 80 -21.98 0.73 35.60
N TYR A 81 -21.75 -0.09 34.58
CA TYR A 81 -20.72 0.22 33.60
C TYR A 81 -21.06 1.46 32.78
N ALA A 82 -22.33 1.88 32.74
CA ALA A 82 -22.74 3.07 32.02
C ALA A 82 -22.81 4.31 32.90
N GLN A 83 -22.74 4.15 34.23
CA GLN A 83 -22.91 5.28 35.12
C GLN A 83 -21.75 6.27 35.02
N ALA A 84 -20.54 5.80 34.70
CA ALA A 84 -19.42 6.72 34.56
C ALA A 84 -19.66 7.72 33.44
N GLY A 85 -20.29 7.27 32.34
CA GLY A 85 -20.69 8.16 31.27
C GLY A 85 -21.74 9.18 31.63
N PHE A 86 -22.28 9.11 32.84
CA PHE A 86 -23.23 10.09 33.35
C PHE A 86 -22.73 10.67 34.66
N GLU A 87 -21.41 10.77 34.80
CA GLU A 87 -20.81 11.37 35.98
C GLU A 87 -21.14 12.85 36.05
N GLY A 88 -21.56 13.30 37.21
CA GLY A 88 -22.00 14.67 37.38
C GLY A 88 -23.43 14.95 37.01
N PHE A 89 -24.27 13.92 36.88
CA PHE A 89 -25.70 14.12 36.70
C PHE A 89 -26.45 13.28 37.72
N LYS A 90 -27.61 13.79 38.15
CA LYS A 90 -28.46 13.10 39.08
C LYS A 90 -29.45 12.19 38.36
N THR A 91 -30.15 12.76 37.38
CA THR A 91 -31.27 12.08 36.73
C THR A 91 -31.24 12.39 35.24
N LEU A 92 -31.49 11.36 34.43
CA LEU A 92 -31.69 11.55 33.00
C LEU A 92 -32.80 12.57 32.75
N ASN A 93 -32.72 13.26 31.61
CA ASN A 93 -33.83 14.11 31.22
C ASN A 93 -35.00 13.24 30.76
N ARG A 94 -36.07 13.91 30.31
CA ARG A 94 -37.31 13.20 29.99
C ARG A 94 -37.12 12.22 28.84
N ILE A 95 -36.55 12.69 27.72
CA ILE A 95 -36.42 11.88 26.52
C ILE A 95 -35.44 10.72 26.74
N GLN A 96 -34.34 10.99 27.45
CA GLN A 96 -33.42 9.91 27.80
C GLN A 96 -34.10 8.85 28.66
N SER A 97 -34.96 9.27 29.59
CA SER A 97 -35.66 8.29 30.42
C SER A 97 -36.58 7.42 29.57
N LYS A 98 -37.30 8.02 28.63
CA LYS A 98 -38.12 7.21 27.71
C LYS A 98 -37.26 6.32 26.82
N LEU A 99 -36.00 6.68 26.60
CA LEU A 99 -35.15 5.96 25.64
C LEU A 99 -34.16 5.01 26.28
N TYR A 100 -34.07 4.98 27.62
CA TYR A 100 -33.01 4.24 28.29
C TYR A 100 -33.06 2.74 27.97
N ARG A 101 -34.23 2.12 28.12
CA ARG A 101 -34.32 0.69 27.89
C ARG A 101 -33.92 0.33 26.45
N ALA A 102 -34.48 1.06 25.48
CA ALA A 102 -34.19 0.77 24.08
C ALA A 102 -32.72 1.04 23.74
N ALA A 103 -32.15 2.10 24.31
CA ALA A 103 -30.79 2.48 23.92
C ALA A 103 -29.75 1.60 24.58
N LEU A 104 -29.91 1.34 25.88
CA LEU A 104 -28.88 0.66 26.66
C LEU A 104 -29.15 -0.83 26.88
N GLU A 105 -30.41 -1.26 26.89
CA GLU A 105 -30.78 -2.64 27.18
C GLU A 105 -31.07 -3.49 25.94
N THR A 106 -31.09 -2.90 24.74
CA THR A 106 -31.28 -3.69 23.53
C THR A 106 -30.32 -3.20 22.46
N ASP A 107 -30.17 -4.01 21.41
CA ASP A 107 -29.41 -3.65 20.22
C ASP A 107 -30.31 -3.23 19.06
N GLU A 108 -31.57 -2.90 19.33
CA GLU A 108 -32.51 -2.51 18.28
C GLU A 108 -32.00 -1.28 17.53
N ASN A 109 -32.08 -1.32 16.19
CA ASN A 109 -31.92 -0.10 15.42
C ASN A 109 -32.95 0.92 15.90
N LEU A 110 -32.56 2.19 15.91
CA LEU A 110 -33.46 3.20 16.45
C LEU A 110 -33.64 4.35 15.48
N LEU A 111 -34.79 4.99 15.57
CA LEU A 111 -34.99 6.31 15.00
C LEU A 111 -35.64 7.17 16.06
N LEU A 112 -34.98 8.26 16.42
CA LEU A 112 -35.50 9.22 17.40
C LEU A 112 -35.76 10.54 16.69
N CYS A 113 -37.01 10.96 16.64
CA CYS A 113 -37.39 12.28 16.16
C CYS A 113 -37.75 13.14 17.35
N ALA A 114 -37.16 14.32 17.41
CA ALA A 114 -37.38 15.24 18.51
C ALA A 114 -36.98 16.63 18.06
N PRO A 115 -37.48 17.68 18.72
CA PRO A 115 -37.05 19.04 18.38
C PRO A 115 -35.59 19.24 18.70
N THR A 116 -34.98 20.19 17.98
CA THR A 116 -33.55 20.43 18.12
C THR A 116 -33.24 20.83 19.56
N GLY A 117 -32.21 20.21 20.13
CA GLY A 117 -31.80 20.48 21.49
C GLY A 117 -32.63 19.81 22.57
N ALA A 118 -33.49 18.85 22.20
CA ALA A 118 -34.33 18.18 23.20
C ALA A 118 -33.61 17.05 23.92
N GLY A 119 -32.53 16.51 23.34
CA GLY A 119 -31.71 15.55 24.05
C GLY A 119 -31.12 14.42 23.23
N LYS A 120 -31.31 14.47 21.90
CA LYS A 120 -30.95 13.34 21.05
C LYS A 120 -29.49 12.92 21.24
N THR A 121 -28.61 13.88 21.53
CA THR A 121 -27.19 13.56 21.63
C THR A 121 -26.91 12.64 22.81
N ASN A 122 -27.59 12.85 23.94
CA ASN A 122 -27.34 12.00 25.11
C ASN A 122 -27.92 10.61 24.91
N VAL A 123 -28.97 10.48 24.07
CA VAL A 123 -29.41 9.16 23.65
C VAL A 123 -28.31 8.48 22.83
N ALA A 124 -27.69 9.23 21.91
CA ALA A 124 -26.59 8.67 21.13
C ALA A 124 -25.46 8.22 22.04
N LEU A 125 -25.19 8.99 23.09
CA LEU A 125 -24.19 8.57 24.07
C LEU A 125 -24.60 7.25 24.73
N MET A 126 -25.87 7.09 25.06
CA MET A 126 -26.31 5.83 25.65
C MET A 126 -26.07 4.65 24.71
N CYS A 127 -26.34 4.83 23.42
CA CYS A 127 -26.02 3.76 22.46
C CYS A 127 -24.53 3.46 22.43
N MET A 128 -23.70 4.50 22.41
CA MET A 128 -22.26 4.30 22.43
C MET A 128 -21.84 3.55 23.69
N LEU A 129 -22.46 3.85 24.83
CA LEU A 129 -22.11 3.17 26.06
C LEU A 129 -22.49 1.69 25.98
N ARG A 130 -23.66 1.40 25.41
CA ARG A 130 -24.02 0.00 25.20
C ARG A 130 -22.96 -0.71 24.38
N GLU A 131 -22.47 -0.08 23.32
CA GLU A 131 -21.42 -0.74 22.54
C GLU A 131 -20.14 -0.91 23.36
N ILE A 132 -19.78 0.11 24.15
CA ILE A 132 -18.57 0.04 24.96
C ILE A 132 -18.66 -1.10 25.96
N GLY A 133 -19.87 -1.36 26.46
CA GLY A 133 -20.07 -2.42 27.43
C GLY A 133 -19.70 -3.79 26.89
N LYS A 134 -19.93 -4.02 25.61
CA LYS A 134 -19.56 -5.30 25.00
C LYS A 134 -18.05 -5.59 25.04
N HIS A 135 -17.20 -4.71 25.57
CA HIS A 135 -15.76 -4.87 25.47
C HIS A 135 -15.06 -4.55 26.79
N ILE A 136 -15.79 -4.64 27.90
CA ILE A 136 -15.25 -4.40 29.22
C ILE A 136 -14.67 -5.71 29.75
N ASN A 137 -13.37 -5.72 30.01
CA ASN A 137 -12.71 -6.92 30.49
C ASN A 137 -13.07 -7.19 31.96
N MET A 138 -12.59 -8.33 32.46
CA MET A 138 -12.80 -8.61 33.88
C MET A 138 -11.97 -7.71 34.77
N ASP A 139 -10.83 -7.22 34.27
CA ASP A 139 -10.01 -6.29 35.02
C ASP A 139 -10.53 -4.86 34.98
N GLY A 140 -11.66 -4.61 34.32
CA GLY A 140 -12.24 -3.29 34.26
C GLY A 140 -11.81 -2.45 33.08
N THR A 141 -10.77 -2.87 32.35
CA THR A 141 -10.31 -2.13 31.19
C THR A 141 -11.17 -2.47 29.96
N ILE A 142 -11.03 -1.63 28.94
CA ILE A 142 -11.81 -1.72 27.70
C ILE A 142 -10.89 -2.16 26.58
N ASN A 143 -11.38 -3.08 25.74
CA ASN A 143 -10.54 -3.70 24.72
C ASN A 143 -10.12 -2.72 23.60
N VAL A 144 -10.87 -1.64 23.40
CA VAL A 144 -10.54 -0.48 22.55
C VAL A 144 -10.01 -0.82 21.16
N ASP A 145 -9.36 -1.96 21.00
CA ASP A 145 -8.94 -2.37 19.67
C ASP A 145 -9.89 -3.37 19.04
N ASP A 146 -10.99 -3.71 19.74
CA ASP A 146 -11.95 -4.69 19.27
C ASP A 146 -13.11 -4.09 18.46
N PHE A 147 -13.20 -2.77 18.35
CA PHE A 147 -14.44 -2.18 17.84
C PHE A 147 -14.21 -0.73 17.46
N LYS A 148 -15.13 -0.20 16.65
CA LYS A 148 -15.15 1.19 16.24
C LYS A 148 -16.59 1.66 16.11
N ILE A 149 -16.80 2.94 16.41
CA ILE A 149 -18.12 3.58 16.35
C ILE A 149 -18.02 4.79 15.43
N ILE A 150 -18.94 4.89 14.47
CA ILE A 150 -18.98 6.02 13.54
C ILE A 150 -20.13 6.94 13.93
N TYR A 151 -19.83 8.23 14.08
CA TYR A 151 -20.83 9.25 14.35
C TYR A 151 -20.82 10.19 13.16
N ILE A 152 -21.90 10.20 12.39
CA ILE A 152 -21.98 10.93 11.14
C ILE A 152 -22.81 12.18 11.36
N ALA A 153 -22.18 13.34 11.17
CA ALA A 153 -22.80 14.63 11.38
C ALA A 153 -22.69 15.47 10.10
N PRO A 154 -23.71 16.29 9.79
CA PRO A 154 -23.75 16.95 8.47
C PRO A 154 -22.68 18.01 8.29
N MET A 155 -22.35 18.78 9.32
CA MET A 155 -21.46 19.92 9.19
C MET A 155 -20.16 19.67 9.95
N ARG A 156 -19.07 20.21 9.43
CA ARG A 156 -17.75 19.97 10.01
C ARG A 156 -17.62 20.62 11.38
N SER A 157 -18.16 21.82 11.54
CA SER A 157 -18.08 22.49 12.84
C SER A 157 -18.80 21.69 13.91
N LEU A 158 -19.93 21.08 13.54
CA LEU A 158 -20.62 20.18 14.43
C LEU A 158 -19.76 18.96 14.76
N VAL A 159 -19.10 18.40 13.74
CA VAL A 159 -18.18 17.28 13.95
C VAL A 159 -17.15 17.61 15.02
N GLN A 160 -16.58 18.82 14.97
CA GLN A 160 -15.55 19.19 15.94
C GLN A 160 -16.12 19.35 17.34
N GLU A 161 -17.28 20.01 17.46
CA GLU A 161 -17.89 20.12 18.78
C GLU A 161 -18.19 18.74 19.35
N MET A 162 -18.63 17.81 18.50
CA MET A 162 -18.96 16.47 18.99
C MET A 162 -17.69 15.74 19.45
N VAL A 163 -16.58 15.90 18.72
CA VAL A 163 -15.32 15.32 19.18
C VAL A 163 -15.00 15.82 20.59
N GLY A 164 -15.13 17.13 20.80
CA GLY A 164 -14.89 17.67 22.13
C GLY A 164 -15.78 17.05 23.20
N SER A 165 -17.10 17.11 22.98
CA SER A 165 -18.01 16.74 24.06
C SER A 165 -18.01 15.23 24.31
N PHE A 166 -18.04 14.42 23.25
CA PHE A 166 -17.94 12.97 23.41
C PHE A 166 -16.62 12.58 24.07
N GLY A 167 -15.50 13.14 23.60
CA GLY A 167 -14.23 12.86 24.24
C GLY A 167 -14.24 13.15 25.73
N LYS A 168 -14.83 14.27 26.13
CA LYS A 168 -14.83 14.59 27.56
C LYS A 168 -15.74 13.65 28.34
N ARG A 169 -16.89 13.27 27.76
CA ARG A 169 -17.77 12.34 28.46
C ARG A 169 -17.15 10.97 28.60
N LEU A 170 -16.33 10.55 27.62
CA LEU A 170 -15.84 9.18 27.57
C LEU A 170 -14.38 9.03 27.97
N ALA A 171 -13.69 10.13 28.29
CA ALA A 171 -12.30 10.05 28.70
C ALA A 171 -12.07 8.99 29.79
N THR A 172 -12.97 8.95 30.79
CA THR A 172 -12.85 8.05 31.93
C THR A 172 -12.91 6.57 31.55
N TYR A 173 -13.34 6.24 30.33
CA TYR A 173 -13.35 4.86 29.88
C TYR A 173 -12.06 4.46 29.17
N GLY A 174 -11.21 5.41 28.81
CA GLY A 174 -10.08 5.13 27.94
C GLY A 174 -10.38 5.28 26.46
N ILE A 175 -11.50 5.90 26.11
CA ILE A 175 -11.95 5.98 24.72
C ILE A 175 -11.34 7.19 24.06
N THR A 176 -10.83 7.00 22.85
CA THR A 176 -10.32 8.07 22.00
C THR A 176 -11.40 8.44 20.98
N VAL A 177 -11.75 9.73 20.93
CA VAL A 177 -12.70 10.27 19.95
C VAL A 177 -11.94 11.22 19.05
N ALA A 178 -12.22 11.15 17.74
CA ALA A 178 -11.45 11.98 16.82
C ALA A 178 -12.17 12.19 15.50
N GLU A 179 -11.87 13.33 14.89
CA GLU A 179 -12.34 13.69 13.57
C GLU A 179 -11.49 13.00 12.52
N LEU A 180 -12.12 12.62 11.41
CA LEU A 180 -11.38 12.01 10.32
C LEU A 180 -10.58 13.05 9.55
N THR A 181 -9.29 12.79 9.42
CA THR A 181 -8.32 13.72 8.87
C THR A 181 -8.36 13.72 7.35
N GLY A 182 -7.72 14.73 6.76
CA GLY A 182 -7.96 15.03 5.35
C GLY A 182 -7.10 14.25 4.38
N ASP A 183 -5.91 13.82 4.81
CA ASP A 183 -5.00 13.09 3.94
C ASP A 183 -5.04 11.61 4.31
N HIS A 184 -6.04 10.91 3.76
CA HIS A 184 -6.21 9.50 4.07
C HIS A 184 -5.12 8.65 3.43
N GLN A 185 -4.53 9.11 2.33
CA GLN A 185 -3.50 8.34 1.65
C GLN A 185 -2.25 8.14 2.51
N LEU A 186 -2.07 8.97 3.55
CA LEU A 186 -0.87 8.92 4.38
C LEU A 186 -1.15 8.66 5.85
N CYS A 187 -2.17 9.32 6.43
CA CYS A 187 -2.44 9.27 7.87
C CYS A 187 -3.64 8.38 8.15
N LYS A 188 -3.38 7.11 8.49
CA LYS A 188 -4.37 6.21 9.03
C LYS A 188 -3.96 5.65 10.38
N GLU A 189 -2.78 6.04 10.89
CA GLU A 189 -2.28 5.50 12.14
C GLU A 189 -3.15 5.91 13.32
N GLU A 190 -3.77 7.09 13.25
CA GLU A 190 -4.63 7.53 14.33
C GLU A 190 -5.95 6.78 14.33
N ILE A 191 -6.50 6.53 13.14
CA ILE A 191 -7.74 5.78 12.99
C ILE A 191 -7.66 4.44 13.72
N SER A 192 -6.48 3.81 13.73
CA SER A 192 -6.31 2.58 14.49
C SER A 192 -6.38 2.80 16.00
N ALA A 193 -6.09 4.02 16.48
CA ALA A 193 -6.20 4.32 17.90
C ALA A 193 -7.49 5.05 18.25
N THR A 194 -8.33 5.35 17.26
CA THR A 194 -9.58 6.06 17.47
C THR A 194 -10.72 5.05 17.56
N GLN A 195 -11.42 5.03 18.69
CA GLN A 195 -12.59 4.17 18.80
C GLN A 195 -13.84 4.83 18.27
N ILE A 196 -13.97 6.14 18.41
CA ILE A 196 -15.13 6.88 17.94
C ILE A 196 -14.67 7.87 16.88
N ILE A 197 -14.99 7.57 15.63
CA ILE A 197 -14.69 8.43 14.51
C ILE A 197 -15.91 9.31 14.23
N VAL A 198 -15.71 10.62 14.22
CA VAL A 198 -16.77 11.58 13.95
C VAL A 198 -16.49 12.19 12.59
N CYS A 199 -17.49 12.20 11.70
CA CYS A 199 -17.25 12.69 10.35
C CYS A 199 -18.56 13.00 9.63
N THR A 200 -18.42 13.61 8.46
CA THR A 200 -19.55 13.94 7.60
C THR A 200 -19.97 12.72 6.80
N PRO A 201 -21.16 12.76 6.18
CA PRO A 201 -21.56 11.63 5.31
C PRO A 201 -20.61 11.42 4.16
N GLU A 202 -20.15 12.52 3.55
CA GLU A 202 -19.33 12.43 2.35
C GLU A 202 -18.00 11.74 2.65
N LYS A 203 -17.38 12.06 3.79
CA LYS A 203 -16.11 11.42 4.15
C LYS A 203 -16.29 9.92 4.35
N TRP A 204 -17.30 9.52 5.13
CA TRP A 204 -17.52 8.09 5.31
C TRP A 204 -17.83 7.41 3.99
N ASP A 205 -18.54 8.10 3.10
CA ASP A 205 -18.82 7.53 1.78
C ASP A 205 -17.53 7.27 1.00
N ILE A 206 -16.64 8.27 0.96
CA ILE A 206 -15.43 8.10 0.16
C ILE A 206 -14.52 7.06 0.80
N ILE A 207 -14.55 6.91 2.13
CA ILE A 207 -13.69 5.92 2.75
C ILE A 207 -14.21 4.50 2.51
N THR A 208 -15.50 4.26 2.76
CA THR A 208 -15.97 2.93 2.41
C THR A 208 -16.00 2.68 0.89
N ARG A 209 -15.81 3.72 0.07
CA ARG A 209 -15.81 3.52 -1.38
C ARG A 209 -14.54 2.80 -1.83
N LYS A 210 -13.40 3.18 -1.28
CA LYS A 210 -12.16 2.47 -1.55
C LYS A 210 -12.17 1.11 -0.87
N GLY A 211 -11.50 0.15 -1.48
CA GLY A 211 -11.31 -1.12 -0.82
C GLY A 211 -10.61 -0.93 0.51
N GLY A 212 -9.35 -0.50 0.46
CA GLY A 212 -8.58 -0.21 1.66
C GLY A 212 -7.73 -1.36 2.16
N GLU A 213 -7.69 -2.48 1.44
CA GLU A 213 -6.93 -3.65 1.83
C GLU A 213 -7.29 -4.10 3.24
N ARG A 214 -6.43 -3.79 4.21
CA ARG A 214 -6.65 -4.18 5.59
C ARG A 214 -7.28 -2.98 6.31
N THR A 215 -8.56 -2.79 6.04
CA THR A 215 -9.26 -1.63 6.55
C THR A 215 -9.58 -1.82 8.03
N TYR A 216 -10.21 -0.80 8.61
CA TYR A 216 -10.77 -0.87 9.94
C TYR A 216 -12.29 -0.79 9.92
N THR A 217 -12.88 -0.61 8.74
CA THR A 217 -14.33 -0.54 8.61
C THR A 217 -15.02 -1.80 9.10
N GLN A 218 -14.32 -2.93 9.12
CA GLN A 218 -14.91 -4.19 9.57
C GLN A 218 -15.10 -4.24 11.08
N LEU A 219 -14.46 -3.35 11.83
CA LEU A 219 -14.69 -3.26 13.28
C LEU A 219 -15.89 -2.41 13.64
N VAL A 220 -16.45 -1.65 12.69
CA VAL A 220 -17.56 -0.76 12.98
C VAL A 220 -18.77 -1.57 13.43
N ARG A 221 -19.22 -1.32 14.65
CA ARG A 221 -20.38 -2.01 15.21
C ARG A 221 -21.57 -1.09 15.39
N LEU A 222 -21.36 0.22 15.30
CA LEU A 222 -22.43 1.16 15.54
C LEU A 222 -22.19 2.34 14.62
N ILE A 223 -23.25 2.72 13.90
CA ILE A 223 -23.25 3.95 13.11
C ILE A 223 -24.38 4.83 13.62
N ILE A 224 -24.05 6.07 13.97
CA ILE A 224 -25.02 7.07 14.36
C ILE A 224 -25.12 8.05 13.21
N LEU A 225 -26.34 8.25 12.70
CA LEU A 225 -26.67 9.18 11.62
C LEU A 225 -27.44 10.34 12.25
N ASP A 226 -26.72 11.40 12.57
CA ASP A 226 -27.28 12.61 13.18
C ASP A 226 -27.93 13.50 12.12
N GLU A 227 -29.00 14.19 12.50
CA GLU A 227 -29.71 15.07 11.58
C GLU A 227 -30.06 14.33 10.29
N ILE A 228 -30.65 13.14 10.43
CA ILE A 228 -30.90 12.31 9.28
C ILE A 228 -31.94 12.92 8.35
N HIS A 229 -32.70 13.92 8.79
CA HIS A 229 -33.60 14.58 7.84
C HIS A 229 -32.84 15.25 6.70
N LEU A 230 -31.50 15.30 6.76
CA LEU A 230 -30.73 15.72 5.59
C LEU A 230 -31.04 14.86 4.37
N LEU A 231 -31.67 13.69 4.55
CA LEU A 231 -32.24 12.92 3.46
C LEU A 231 -32.94 13.80 2.43
N HIS A 232 -33.66 14.84 2.90
CA HIS A 232 -34.42 15.76 2.05
C HIS A 232 -33.54 16.76 1.29
N ASP A 233 -32.27 16.89 1.65
CA ASP A 233 -31.34 17.81 1.03
C ASP A 233 -30.72 17.18 -0.23
N ASP A 234 -30.07 18.03 -1.05
CA ASP A 234 -29.30 17.47 -2.17
C ASP A 234 -28.15 16.58 -1.69
N ARG A 235 -27.72 16.71 -0.43
CA ARG A 235 -26.74 15.78 0.13
C ARG A 235 -27.36 14.47 0.61
N GLY A 236 -28.69 14.36 0.68
CA GLY A 236 -29.34 13.17 1.18
C GLY A 236 -28.93 11.86 0.55
N PRO A 237 -28.71 11.81 -0.77
CA PRO A 237 -28.32 10.53 -1.37
C PRO A 237 -27.05 9.97 -0.81
N VAL A 238 -26.16 10.79 -0.23
CA VAL A 238 -24.98 10.22 0.42
C VAL A 238 -25.39 9.34 1.60
N LEU A 239 -26.36 9.80 2.41
CA LEU A 239 -26.87 8.98 3.50
C LEU A 239 -27.53 7.72 2.97
N GLU A 240 -28.30 7.83 1.88
CA GLU A 240 -28.92 6.64 1.31
C GLU A 240 -27.84 5.64 0.86
N ALA A 241 -26.81 6.14 0.18
CA ALA A 241 -25.67 5.30 -0.19
C ALA A 241 -25.08 4.57 1.02
N LEU A 242 -24.80 5.32 2.09
CA LEU A 242 -24.20 4.74 3.28
C LEU A 242 -25.08 3.65 3.87
N VAL A 243 -26.37 3.92 4.02
CA VAL A 243 -27.24 2.97 4.69
C VAL A 243 -27.43 1.72 3.83
N ALA A 244 -27.71 1.92 2.54
CA ALA A 244 -27.83 0.76 1.65
C ALA A 244 -26.57 -0.11 1.72
N ARG A 245 -25.40 0.52 1.63
CA ARG A 245 -24.15 -0.22 1.66
C ARG A 245 -23.98 -0.96 2.99
N ALA A 246 -24.34 -0.33 4.10
CA ALA A 246 -24.16 -0.94 5.41
C ALA A 246 -25.05 -2.17 5.57
N ILE A 247 -26.32 -2.06 5.18
CA ILE A 247 -27.26 -3.15 5.38
C ILE A 247 -26.92 -4.33 4.46
N ARG A 248 -26.62 -4.05 3.18
CA ARG A 248 -26.21 -5.15 2.32
C ARG A 248 -24.91 -5.79 2.80
N ASN A 249 -24.02 -5.01 3.40
CA ASN A 249 -22.77 -5.58 3.87
C ASN A 249 -22.98 -6.44 5.10
N ILE A 250 -23.94 -6.06 5.95
CA ILE A 250 -24.37 -6.94 7.03
C ILE A 250 -24.84 -8.26 6.46
N GLU A 251 -25.67 -8.21 5.40
CA GLU A 251 -26.14 -9.46 4.79
C GLU A 251 -24.98 -10.31 4.30
N MET A 252 -24.00 -9.71 3.63
CA MET A 252 -22.89 -10.49 3.09
C MET A 252 -21.70 -10.60 4.05
N THR A 253 -21.90 -10.31 5.33
CA THR A 253 -20.96 -10.68 6.40
C THR A 253 -21.62 -11.47 7.52
N GLN A 254 -22.93 -11.33 7.73
CA GLN A 254 -23.64 -11.87 8.88
C GLN A 254 -23.15 -11.27 10.21
N GLU A 255 -22.44 -10.16 10.14
CA GLU A 255 -21.97 -9.42 11.31
C GLU A 255 -22.82 -8.14 11.46
N ASP A 256 -23.66 -8.10 12.49
CA ASP A 256 -24.58 -7.00 12.68
C ASP A 256 -23.85 -5.68 12.84
N VAL A 257 -24.52 -4.61 12.41
CA VAL A 257 -24.15 -3.26 12.75
C VAL A 257 -25.42 -2.57 13.24
N ARG A 258 -25.36 -1.98 14.43
CA ARG A 258 -26.50 -1.22 14.92
C ARG A 258 -26.53 0.15 14.24
N LEU A 259 -27.73 0.54 13.77
CA LEU A 259 -27.96 1.85 13.16
C LEU A 259 -28.86 2.71 14.05
N ILE A 260 -28.41 3.94 14.31
CA ILE A 260 -29.17 4.90 15.12
C ILE A 260 -29.39 6.14 14.26
N GLY A 261 -30.65 6.48 13.99
CA GLY A 261 -30.99 7.71 13.29
C GLY A 261 -31.54 8.77 14.25
N LEU A 262 -31.06 10.00 14.09
CA LEU A 262 -31.52 11.13 14.90
C LEU A 262 -32.09 12.19 13.96
N SER A 263 -33.35 12.56 14.18
CA SER A 263 -34.10 13.29 13.19
C SER A 263 -34.88 14.43 13.82
N ALA A 264 -35.09 15.48 13.03
CA ALA A 264 -36.11 16.45 13.34
C ALA A 264 -37.48 15.80 13.21
N THR A 265 -38.48 16.46 13.77
CA THR A 265 -39.86 15.94 13.72
C THR A 265 -40.55 16.43 12.46
N LEU A 266 -40.51 15.63 11.41
CA LEU A 266 -41.07 15.97 10.12
C LEU A 266 -41.78 14.76 9.54
N PRO A 267 -42.74 14.97 8.63
CA PRO A 267 -43.49 13.83 8.05
C PRO A 267 -42.60 12.85 7.30
N ASN A 268 -43.02 11.57 7.34
CA ASN A 268 -42.41 10.41 6.68
C ASN A 268 -41.36 9.78 7.58
N TYR A 269 -41.35 10.15 8.86
CA TYR A 269 -40.40 9.53 9.78
C TYR A 269 -40.64 8.03 9.88
N GLU A 270 -41.86 7.56 9.62
CA GLU A 270 -42.05 6.12 9.62
C GLU A 270 -41.40 5.46 8.41
N ASP A 271 -41.35 6.17 7.28
CA ASP A 271 -40.62 5.65 6.13
C ASP A 271 -39.12 5.69 6.36
N VAL A 272 -38.61 6.77 6.96
CA VAL A 272 -37.21 6.78 7.39
C VAL A 272 -36.90 5.57 8.26
N ALA A 273 -37.82 5.25 9.19
CA ALA A 273 -37.61 4.09 10.06
C ALA A 273 -37.52 2.80 9.26
N THR A 274 -38.48 2.57 8.36
CA THR A 274 -38.37 1.45 7.43
C THR A 274 -37.00 1.40 6.74
N PHE A 275 -36.52 2.55 6.29
CA PHE A 275 -35.26 2.62 5.55
C PHE A 275 -34.07 2.20 6.40
N LEU A 276 -34.12 2.48 7.71
CA LEU A 276 -33.09 2.08 8.66
C LEU A 276 -33.34 0.69 9.24
N ARG A 277 -34.38 -0.01 8.79
CA ARG A 277 -34.72 -1.32 9.34
C ARG A 277 -34.97 -1.22 10.83
N VAL A 278 -35.72 -0.20 11.22
CA VAL A 278 -36.16 0.00 12.59
C VAL A 278 -37.52 -0.68 12.75
N ASP A 279 -37.63 -1.54 13.74
CA ASP A 279 -38.93 -2.09 14.09
C ASP A 279 -39.75 -0.98 14.73
N PRO A 280 -40.86 -0.55 14.13
CA PRO A 280 -41.61 0.57 14.72
C PRO A 280 -42.10 0.28 16.11
N ALA A 281 -42.39 -0.98 16.41
CA ALA A 281 -42.93 -1.27 17.73
C ALA A 281 -41.85 -1.26 18.80
N LYS A 282 -40.57 -1.23 18.43
CA LYS A 282 -39.47 -1.31 19.40
C LYS A 282 -38.51 -0.14 19.35
N GLY A 283 -38.12 0.32 18.16
CA GLY A 283 -37.09 1.34 18.06
C GLY A 283 -37.50 2.71 17.57
N LEU A 284 -38.78 2.98 17.36
CA LEU A 284 -39.24 4.25 16.80
C LEU A 284 -39.78 5.13 17.91
N PHE A 285 -39.27 6.35 18.03
CA PHE A 285 -39.73 7.27 19.05
C PHE A 285 -39.93 8.64 18.42
N TYR A 286 -41.13 9.20 18.59
CA TYR A 286 -41.47 10.50 18.04
C TYR A 286 -41.90 11.43 19.16
N PHE A 287 -41.22 12.56 19.28
CA PHE A 287 -41.52 13.54 20.32
C PHE A 287 -41.82 14.85 19.62
N ASP A 288 -43.03 15.38 19.83
CA ASP A 288 -43.44 16.56 19.07
C ASP A 288 -42.74 17.81 19.62
N ASN A 289 -43.06 18.97 19.04
CA ASN A 289 -42.33 20.20 19.35
C ASN A 289 -42.62 20.76 20.73
N SER A 290 -43.58 20.19 21.47
CA SER A 290 -43.75 20.60 22.86
C SER A 290 -42.59 20.15 23.75
N PHE A 291 -41.74 19.26 23.24
CA PHE A 291 -40.57 18.82 23.99
C PHE A 291 -39.36 19.70 23.74
N ARG A 292 -39.54 20.85 23.13
CA ARG A 292 -38.43 21.79 22.98
C ARG A 292 -37.99 22.23 24.37
N PRO A 293 -36.68 22.17 24.68
CA PRO A 293 -36.22 22.51 26.04
C PRO A 293 -36.77 23.81 26.59
N VAL A 294 -36.91 24.83 25.77
CA VAL A 294 -37.61 26.06 26.17
C VAL A 294 -38.62 26.38 25.08
N PRO A 295 -39.87 26.71 25.42
CA PRO A 295 -40.89 26.92 24.38
C PRO A 295 -40.50 28.01 23.40
N LEU A 296 -41.07 27.96 22.20
CA LEU A 296 -40.70 28.88 21.14
C LEU A 296 -41.92 29.65 20.64
N GLU A 297 -41.91 30.95 20.86
CA GLU A 297 -42.82 31.86 20.17
C GLU A 297 -42.22 32.22 18.82
N GLN A 298 -42.96 32.01 17.74
CA GLN A 298 -42.41 32.19 16.41
C GLN A 298 -43.08 33.37 15.73
N THR A 299 -42.26 34.14 15.00
CA THR A 299 -42.73 35.24 14.17
C THR A 299 -42.16 35.05 12.78
N TYR A 300 -43.04 34.98 11.79
CA TYR A 300 -42.66 34.85 10.40
C TYR A 300 -43.05 36.12 9.66
N VAL A 301 -42.11 36.75 8.99
CA VAL A 301 -42.35 38.00 8.26
C VAL A 301 -42.09 37.73 6.78
N GLY A 302 -43.15 37.79 5.97
CA GLY A 302 -43.04 37.59 4.54
C GLY A 302 -43.22 38.90 3.80
N ILE A 303 -42.16 39.36 3.13
CA ILE A 303 -42.20 40.65 2.45
C ILE A 303 -42.80 40.47 1.06
N THR A 304 -43.81 41.27 0.76
CA THR A 304 -44.45 41.21 -0.55
C THR A 304 -43.77 42.07 -1.59
N GLU A 305 -43.03 43.10 -1.16
CA GLU A 305 -42.39 44.02 -2.09
C GLU A 305 -41.41 43.27 -2.99
N LYS A 306 -41.52 43.49 -4.30
CA LYS A 306 -40.62 42.88 -5.27
C LYS A 306 -39.43 43.75 -5.63
N LYS A 307 -39.60 45.06 -5.73
CA LYS A 307 -38.51 45.92 -6.15
C LYS A 307 -37.36 45.84 -5.14
N ALA A 308 -36.15 45.61 -5.66
CA ALA A 308 -35.02 45.23 -4.82
C ALA A 308 -34.69 46.27 -3.76
N ILE A 309 -34.51 47.53 -4.18
CA ILE A 309 -34.05 48.56 -3.26
C ILE A 309 -35.05 48.75 -2.12
N LYS A 310 -36.33 48.94 -2.48
CA LYS A 310 -37.37 49.11 -1.46
C LYS A 310 -37.47 47.87 -0.58
N ARG A 311 -37.34 46.68 -1.17
CA ARG A 311 -37.42 45.46 -0.38
C ARG A 311 -36.31 45.40 0.67
N PHE A 312 -35.10 45.85 0.30
CA PHE A 312 -33.99 45.83 1.26
C PHE A 312 -34.20 46.84 2.36
N GLN A 313 -34.77 48.00 2.04
CA GLN A 313 -35.03 48.97 3.10
C GLN A 313 -36.18 48.51 4.00
N ILE A 314 -37.21 47.88 3.43
CA ILE A 314 -38.26 47.28 4.24
C ILE A 314 -37.67 46.25 5.19
N MET A 315 -36.72 45.46 4.69
CA MET A 315 -36.02 44.49 5.53
C MET A 315 -35.37 45.18 6.71
N ASN A 316 -34.56 46.21 6.44
CA ASN A 316 -33.86 46.87 7.53
C ASN A 316 -34.82 47.51 8.50
N GLU A 317 -35.97 48.00 8.02
CA GLU A 317 -36.96 48.59 8.93
C GLU A 317 -37.59 47.54 9.82
N ILE A 318 -37.97 46.39 9.26
CA ILE A 318 -38.50 45.31 10.08
C ILE A 318 -37.48 44.87 11.13
N VAL A 319 -36.22 44.75 10.72
CA VAL A 319 -35.18 44.35 11.66
C VAL A 319 -35.06 45.37 12.79
N TYR A 320 -35.03 46.66 12.43
CA TYR A 320 -34.88 47.69 13.44
C TYR A 320 -36.02 47.65 14.43
N GLU A 321 -37.26 47.66 13.91
CA GLU A 321 -38.42 47.65 14.80
C GLU A 321 -38.43 46.43 15.70
N LYS A 322 -38.01 45.27 15.17
CA LYS A 322 -37.98 44.08 16.02
C LYS A 322 -36.89 44.18 17.07
N ILE A 323 -35.71 44.70 16.71
CA ILE A 323 -34.66 44.97 17.69
C ILE A 323 -35.20 45.85 18.81
N MET A 324 -35.98 46.86 18.45
CA MET A 324 -36.45 47.82 19.45
C MET A 324 -37.39 47.18 20.46
N GLU A 325 -38.09 46.11 20.08
CA GLU A 325 -38.93 45.40 21.03
C GLU A 325 -38.13 44.66 22.08
N HIS A 326 -36.81 44.57 21.91
CA HIS A 326 -35.94 43.80 22.80
C HIS A 326 -34.76 44.59 23.35
N ALA A 327 -34.52 45.82 22.87
CA ALA A 327 -33.39 46.62 23.32
C ALA A 327 -33.46 46.89 24.81
N GLY A 328 -32.45 46.41 25.54
CA GLY A 328 -32.43 46.52 26.98
C GLY A 328 -33.15 45.39 27.70
N LYS A 329 -34.01 44.65 27.02
CA LYS A 329 -34.75 43.55 27.64
C LYS A 329 -34.14 42.19 27.32
N ASN A 330 -33.79 41.95 26.05
CA ASN A 330 -33.32 40.64 25.63
C ASN A 330 -32.15 40.79 24.66
N GLN A 331 -31.19 39.89 24.77
CA GLN A 331 -30.19 39.77 23.72
C GLN A 331 -30.86 39.34 22.43
N VAL A 332 -30.31 39.80 21.30
CA VAL A 332 -30.82 39.43 19.99
C VAL A 332 -29.66 39.00 19.09
N LEU A 333 -29.80 37.81 18.53
CA LEU A 333 -28.83 37.21 17.62
C LEU A 333 -29.42 37.22 16.22
N VAL A 334 -28.82 37.99 15.33
CA VAL A 334 -29.25 38.10 13.96
C VAL A 334 -28.37 37.21 13.11
N PHE A 335 -28.97 36.36 12.29
CA PHE A 335 -28.24 35.55 11.33
C PHE A 335 -28.40 36.16 9.94
N VAL A 336 -27.25 36.42 9.30
CA VAL A 336 -27.17 36.85 7.91
C VAL A 336 -26.28 35.84 7.20
N HIS A 337 -26.18 35.98 5.88
CA HIS A 337 -25.67 34.88 5.07
C HIS A 337 -24.43 35.23 4.29
N SER A 338 -23.74 36.31 4.67
CA SER A 338 -22.43 36.65 4.13
C SER A 338 -21.57 37.17 5.25
N ARG A 339 -20.26 36.91 5.14
CA ARG A 339 -19.32 37.40 6.15
C ARG A 339 -19.30 38.92 6.18
N LYS A 340 -19.26 39.56 4.99
CA LYS A 340 -19.33 41.01 4.92
C LYS A 340 -20.68 41.54 5.41
N GLU A 341 -21.74 40.74 5.23
CA GLU A 341 -23.07 41.19 5.57
C GLU A 341 -23.25 41.34 7.08
N THR A 342 -22.55 40.52 7.88
CA THR A 342 -22.61 40.69 9.33
C THR A 342 -22.28 42.12 9.72
N GLY A 343 -21.12 42.61 9.26
CA GLY A 343 -20.74 43.99 9.54
C GLY A 343 -21.68 44.98 8.93
N LYS A 344 -22.09 44.77 7.67
CA LYS A 344 -23.00 45.73 7.03
C LYS A 344 -24.32 45.85 7.80
N THR A 345 -24.82 44.73 8.34
CA THR A 345 -26.09 44.75 9.04
C THR A 345 -25.96 45.35 10.44
N ALA A 346 -24.93 44.92 11.18
CA ALA A 346 -24.69 45.54 12.48
C ALA A 346 -24.54 47.04 12.34
N ARG A 347 -23.84 47.50 11.31
CA ARG A 347 -23.68 48.94 11.09
C ARG A 347 -25.01 49.59 10.70
N ALA A 348 -25.79 48.97 9.82
CA ALA A 348 -27.09 49.52 9.48
C ALA A 348 -27.94 49.75 10.73
N ILE A 349 -28.01 48.74 11.59
CA ILE A 349 -28.85 48.84 12.79
C ILE A 349 -28.28 49.87 13.77
N ARG A 350 -26.96 49.86 13.99
CA ARG A 350 -26.38 50.78 14.96
C ARG A 350 -26.50 52.23 14.50
N ASP A 351 -26.38 52.47 13.19
CA ASP A 351 -26.55 53.82 12.69
C ASP A 351 -28.01 54.25 12.75
N MET A 352 -28.95 53.34 12.46
CA MET A 352 -30.36 53.65 12.66
C MET A 352 -30.65 53.99 14.13
N CYS A 353 -29.96 53.31 15.05
CA CYS A 353 -30.14 53.59 16.47
C CYS A 353 -29.55 54.94 16.83
N LEU A 354 -28.41 55.29 16.23
CA LEU A 354 -27.83 56.60 16.46
C LEU A 354 -28.77 57.71 16.02
N GLU A 355 -29.23 57.64 14.76
CA GLU A 355 -30.10 58.70 14.25
C GLU A 355 -31.34 58.89 15.12
N LYS A 356 -31.88 57.80 15.65
CA LYS A 356 -33.11 57.86 16.43
C LYS A 356 -32.86 57.99 17.93
N ASP A 357 -31.62 58.25 18.36
CA ASP A 357 -31.28 58.42 19.76
C ASP A 357 -31.77 57.24 20.60
N THR A 358 -31.56 56.03 20.09
CA THR A 358 -31.96 54.82 20.79
C THR A 358 -30.78 53.96 21.23
N LEU A 359 -29.55 54.37 20.92
CA LEU A 359 -28.37 53.61 21.32
C LEU A 359 -28.33 53.40 22.83
N GLY A 360 -28.96 54.29 23.60
CA GLY A 360 -28.87 54.20 25.05
C GLY A 360 -29.64 53.05 25.66
N LEU A 361 -30.60 52.47 24.93
CA LEU A 361 -31.38 51.38 25.48
C LEU A 361 -30.58 50.08 25.58
N PHE A 362 -29.51 49.94 24.79
CA PHE A 362 -28.69 48.74 24.86
C PHE A 362 -27.71 48.80 26.02
N LEU A 363 -26.95 49.88 26.11
CA LEU A 363 -26.04 50.12 27.23
C LEU A 363 -26.57 51.31 28.03
N ARG A 364 -27.03 51.03 29.24
CA ARG A 364 -27.46 52.09 30.13
C ARG A 364 -26.28 52.53 31.01
N GLU A 365 -26.53 53.52 31.85
CA GLU A 365 -25.52 53.98 32.79
C GLU A 365 -25.54 53.13 34.06
N GLY A 366 -24.42 53.15 34.78
CA GLY A 366 -24.33 52.39 36.01
C GLY A 366 -24.03 50.92 35.82
N SER A 367 -23.40 50.54 34.72
CA SER A 367 -23.03 49.15 34.45
C SER A 367 -21.67 49.15 33.77
N ALA A 368 -20.73 48.40 34.35
CA ALA A 368 -19.34 48.43 33.91
C ALA A 368 -19.20 47.77 32.55
N SER A 369 -20.33 47.34 31.98
CA SER A 369 -20.30 46.65 30.68
C SER A 369 -19.78 47.57 29.60
N THR A 370 -20.15 48.85 29.65
CA THR A 370 -19.66 49.82 28.67
C THR A 370 -18.14 49.88 28.70
N GLU A 371 -17.56 49.85 29.89
CA GLU A 371 -16.10 49.92 30.01
C GLU A 371 -15.45 48.64 29.51
N VAL A 372 -16.03 47.48 29.82
CA VAL A 372 -15.48 46.23 29.32
C VAL A 372 -15.49 46.22 27.80
N LEU A 373 -16.56 46.72 27.20
CA LEU A 373 -16.62 46.80 25.74
C LEU A 373 -15.60 47.80 25.20
N ARG A 374 -15.48 48.97 25.83
CA ARG A 374 -14.47 49.95 25.40
C ARG A 374 -13.08 49.35 25.40
N THR A 375 -12.69 48.73 26.53
CA THR A 375 -11.32 48.24 26.65
C THR A 375 -11.07 47.05 25.74
N GLU A 376 -12.05 46.15 25.60
CA GLU A 376 -11.85 44.99 24.75
C GLU A 376 -11.93 45.34 23.27
N ALA A 377 -12.60 46.45 22.92
CA ALA A 377 -12.56 46.94 21.55
C ALA A 377 -11.26 47.66 21.25
N GLU A 378 -10.68 48.33 22.25
CA GLU A 378 -9.41 49.02 22.04
C GLU A 378 -8.30 48.04 21.66
N GLN A 379 -8.23 46.89 22.34
CA GLN A 379 -7.18 45.91 22.13
C GLN A 379 -7.65 44.74 21.27
N CYS A 380 -8.76 44.89 20.55
CA CYS A 380 -9.29 43.76 19.78
C CYS A 380 -8.50 43.51 18.50
N LYS A 381 -8.30 44.57 17.71
CA LYS A 381 -7.57 44.62 16.44
C LYS A 381 -8.38 44.16 15.24
N ASN A 382 -9.67 43.87 15.39
CA ASN A 382 -10.59 43.74 14.27
C ASN A 382 -11.34 45.07 14.11
N LEU A 383 -11.27 45.65 12.91
CA LEU A 383 -11.72 47.03 12.75
C LEU A 383 -13.24 47.16 12.83
N GLU A 384 -13.97 46.25 12.20
CA GLU A 384 -15.42 46.23 12.36
C GLU A 384 -15.81 46.00 13.82
N LEU A 385 -15.13 45.04 14.48
CA LEU A 385 -15.34 44.85 15.91
C LEU A 385 -15.01 46.12 16.69
N LYS A 386 -13.94 46.83 16.29
CA LYS A 386 -13.65 48.10 16.93
C LYS A 386 -14.82 49.06 16.82
N ASP A 387 -15.31 49.27 15.59
CA ASP A 387 -16.39 50.24 15.40
C ASP A 387 -17.65 49.84 16.14
N LEU A 388 -17.83 48.54 16.41
CA LEU A 388 -19.13 48.10 16.91
C LEU A 388 -19.17 47.79 18.41
N LEU A 389 -18.14 47.16 18.96
CA LEU A 389 -18.19 46.68 20.33
C LEU A 389 -18.55 47.73 21.38
N PRO A 390 -18.10 48.99 21.30
CA PRO A 390 -18.53 49.97 22.31
C PRO A 390 -20.02 50.19 22.36
N TYR A 391 -20.74 50.02 21.24
CA TYR A 391 -22.18 50.22 21.21
C TYR A 391 -22.97 48.97 21.61
N GLY A 392 -22.29 47.90 22.00
CA GLY A 392 -22.98 46.66 22.31
C GLY A 392 -23.28 45.77 21.13
N PHE A 393 -22.93 46.20 19.92
CA PHE A 393 -23.10 45.39 18.71
C PHE A 393 -21.83 44.60 18.44
N ALA A 394 -21.99 43.39 17.92
CA ALA A 394 -20.84 42.57 17.54
C ALA A 394 -21.14 41.79 16.26
N ILE A 395 -20.06 41.28 15.65
CA ILE A 395 -20.15 40.39 14.50
C ILE A 395 -19.37 39.11 14.83
N HIS A 396 -19.75 38.02 14.17
CA HIS A 396 -19.10 36.72 14.37
C HIS A 396 -19.19 35.94 13.07
N HIS A 397 -18.05 35.69 12.43
CA HIS A 397 -18.02 34.91 11.21
C HIS A 397 -16.68 34.17 11.14
N ALA A 398 -16.49 33.45 10.03
CA ALA A 398 -15.42 32.45 9.95
C ALA A 398 -14.05 33.08 9.73
N GLY A 399 -13.97 34.14 8.92
CA GLY A 399 -12.69 34.77 8.64
C GLY A 399 -12.20 35.68 9.75
N MET A 400 -12.28 35.19 11.00
CA MET A 400 -11.90 35.96 12.17
C MET A 400 -10.98 35.12 13.05
N THR A 401 -10.18 35.81 13.84
CA THR A 401 -9.25 35.17 14.76
C THR A 401 -9.99 34.23 15.72
N ARG A 402 -9.32 33.15 16.12
CA ARG A 402 -9.91 32.22 17.07
C ARG A 402 -10.21 32.89 18.40
N VAL A 403 -9.26 33.66 18.92
CA VAL A 403 -9.52 34.32 20.20
C VAL A 403 -10.45 35.52 20.04
N ASP A 404 -10.63 36.06 18.84
CA ASP A 404 -11.63 37.11 18.69
C ASP A 404 -13.04 36.53 18.62
N ARG A 405 -13.20 35.37 17.99
CA ARG A 405 -14.44 34.61 18.08
C ARG A 405 -14.71 34.21 19.53
N THR A 406 -13.66 33.82 20.26
CA THR A 406 -13.82 33.53 21.68
C THR A 406 -14.17 34.79 22.47
N LEU A 407 -13.65 35.94 22.07
CA LEU A 407 -14.03 37.19 22.70
C LEU A 407 -15.52 37.44 22.54
N VAL A 408 -16.01 37.30 21.32
CA VAL A 408 -17.44 37.50 21.06
C VAL A 408 -18.25 36.50 21.89
N GLU A 409 -17.83 35.24 21.91
CA GLU A 409 -18.60 34.20 22.59
C GLU A 409 -18.65 34.45 24.10
N ASP A 410 -17.52 34.81 24.70
CA ASP A 410 -17.50 35.09 26.13
C ASP A 410 -18.30 36.34 26.45
N LEU A 411 -18.15 37.40 25.65
CA LEU A 411 -18.86 38.64 25.92
C LEU A 411 -20.37 38.47 25.77
N PHE A 412 -20.80 37.64 24.82
CA PHE A 412 -22.23 37.37 24.70
C PHE A 412 -22.71 36.51 25.85
N ALA A 413 -21.92 35.50 26.26
CA ALA A 413 -22.32 34.67 27.39
C ALA A 413 -22.37 35.49 28.67
N ASP A 414 -21.39 36.37 28.87
CA ASP A 414 -21.35 37.30 30.00
C ASP A 414 -22.36 38.44 29.86
N LYS A 415 -23.21 38.40 28.84
CA LYS A 415 -24.32 39.33 28.63
C LYS A 415 -23.87 40.77 28.38
N HIS A 416 -22.63 40.96 27.92
CA HIS A 416 -22.15 42.30 27.57
C HIS A 416 -22.69 42.73 26.22
N ILE A 417 -22.49 41.90 25.20
CA ILE A 417 -23.07 42.15 23.88
C ILE A 417 -24.58 42.01 23.97
N GLN A 418 -25.29 42.91 23.29
CA GLN A 418 -26.75 42.88 23.26
C GLN A 418 -27.32 42.56 21.89
N VAL A 419 -26.55 42.81 20.83
CA VAL A 419 -26.93 42.53 19.45
C VAL A 419 -25.74 41.89 18.76
N LEU A 420 -25.92 40.67 18.27
CA LEU A 420 -24.83 39.91 17.67
C LEU A 420 -25.24 39.42 16.29
N VAL A 421 -24.53 39.89 15.26
CA VAL A 421 -24.79 39.51 13.88
C VAL A 421 -23.78 38.44 13.47
N SER A 422 -24.30 37.31 12.98
CA SER A 422 -23.49 36.13 12.76
C SER A 422 -23.96 35.40 11.52
N THR A 423 -23.19 34.39 11.14
CA THR A 423 -23.47 33.50 10.02
C THR A 423 -23.87 32.14 10.56
N ALA A 424 -24.12 31.20 9.65
CA ALA A 424 -24.56 29.87 10.07
C ALA A 424 -23.49 29.16 10.89
N THR A 425 -22.22 29.45 10.61
CA THR A 425 -21.12 28.72 11.24
C THR A 425 -21.26 28.72 12.75
N LEU A 426 -21.60 29.86 13.34
CA LEU A 426 -21.77 29.92 14.79
C LEU A 426 -22.91 29.01 15.25
N ALA A 427 -23.99 28.95 14.48
CA ALA A 427 -25.11 28.11 14.87
C ALA A 427 -24.72 26.63 14.87
N TRP A 428 -23.84 26.23 13.96
CA TRP A 428 -23.43 24.83 13.92
C TRP A 428 -22.26 24.51 14.86
N GLY A 429 -21.40 25.47 15.14
CA GLY A 429 -20.12 25.18 15.78
C GLY A 429 -20.00 25.48 17.26
N VAL A 430 -20.65 26.54 17.72
CA VAL A 430 -20.59 26.94 19.11
C VAL A 430 -21.95 26.70 19.77
N ASN A 431 -21.92 26.55 21.09
CA ASN A 431 -23.13 26.42 21.88
C ASN A 431 -23.39 27.78 22.52
N LEU A 432 -24.03 28.66 21.73
CA LEU A 432 -24.26 30.04 22.11
C LEU A 432 -25.72 30.38 21.85
N PRO A 433 -26.61 30.13 22.80
CA PRO A 433 -28.02 30.50 22.63
C PRO A 433 -28.30 31.97 22.98
N ALA A 434 -29.48 32.42 22.59
CA ALA A 434 -29.89 33.81 22.76
C ALA A 434 -31.39 33.86 22.87
N HIS A 435 -31.88 34.75 23.73
CA HIS A 435 -33.32 34.82 23.97
C HIS A 435 -34.08 35.06 22.67
N THR A 436 -33.61 36.02 21.87
CA THR A 436 -34.26 36.39 20.62
C THR A 436 -33.32 36.08 19.47
N VAL A 437 -33.84 35.42 18.43
CA VAL A 437 -33.09 35.10 17.22
C VAL A 437 -33.87 35.62 16.03
N ILE A 438 -33.19 36.35 15.16
CA ILE A 438 -33.76 36.88 13.92
C ILE A 438 -32.99 36.32 12.74
N ILE A 439 -33.68 35.67 11.82
CA ILE A 439 -33.10 35.24 10.55
C ILE A 439 -33.40 36.34 9.54
N LYS A 440 -32.38 37.13 9.18
CA LYS A 440 -32.60 38.28 8.30
C LYS A 440 -32.42 37.82 6.86
N GLY A 441 -33.54 37.48 6.21
CA GLY A 441 -33.54 37.01 4.85
C GLY A 441 -33.15 35.54 4.75
N THR A 442 -33.75 34.80 3.82
CA THR A 442 -33.47 33.38 3.67
C THR A 442 -32.81 33.04 2.33
N GLN A 443 -32.28 34.05 1.63
CA GLN A 443 -31.57 33.88 0.37
C GLN A 443 -30.07 33.80 0.63
N VAL A 444 -29.40 32.85 -0.03
CA VAL A 444 -27.96 32.64 0.07
C VAL A 444 -27.45 32.31 -1.31
N TYR A 445 -26.20 32.70 -1.58
CA TYR A 445 -25.62 32.45 -2.89
C TYR A 445 -25.00 31.06 -2.92
N SER A 446 -25.42 30.24 -3.88
CA SER A 446 -24.89 28.90 -4.07
C SER A 446 -24.02 28.87 -5.32
N PRO A 447 -22.70 28.84 -5.17
CA PRO A 447 -21.83 28.73 -6.35
C PRO A 447 -22.07 27.48 -7.16
N GLU A 448 -22.34 26.37 -6.48
CA GLU A 448 -22.62 25.13 -7.20
C GLU A 448 -23.89 25.27 -8.04
N LYS A 449 -24.92 25.90 -7.49
CA LYS A 449 -26.07 26.21 -8.31
C LYS A 449 -25.84 27.41 -9.20
N GLY A 450 -24.78 28.18 -8.92
CA GLY A 450 -24.47 29.38 -9.67
C GLY A 450 -25.43 30.53 -9.46
N ARG A 451 -26.27 30.47 -8.42
CA ARG A 451 -27.35 31.46 -8.26
C ARG A 451 -27.73 31.59 -6.80
N TRP A 452 -28.52 32.62 -6.51
CA TRP A 452 -29.12 32.74 -5.20
C TRP A 452 -30.23 31.71 -5.04
N THR A 453 -30.36 31.19 -3.82
CA THR A 453 -31.29 30.11 -3.53
C THR A 453 -31.74 30.28 -2.09
N GLU A 454 -32.74 29.51 -1.69
CA GLU A 454 -33.19 29.54 -0.31
C GLU A 454 -32.21 28.79 0.59
N LEU A 455 -32.10 29.26 1.83
CA LEU A 455 -31.34 28.53 2.83
C LEU A 455 -31.83 27.09 2.97
N GLY A 456 -30.90 26.16 3.16
CA GLY A 456 -31.27 24.79 3.43
C GLY A 456 -32.04 24.66 4.73
N ALA A 457 -32.92 23.66 4.77
CA ALA A 457 -33.76 23.44 5.95
C ALA A 457 -32.93 23.19 7.21
N LEU A 458 -31.86 22.38 7.10
CA LEU A 458 -31.04 22.10 8.27
C LEU A 458 -30.46 23.38 8.88
N ASP A 459 -29.98 24.30 8.04
CA ASP A 459 -29.49 25.58 8.53
C ASP A 459 -30.58 26.36 9.26
N ILE A 460 -31.78 26.41 8.68
CA ILE A 460 -32.88 27.14 9.31
C ILE A 460 -33.21 26.54 10.68
N LEU A 461 -33.34 25.21 10.73
CA LEU A 461 -33.66 24.53 11.98
C LEU A 461 -32.61 24.81 13.03
N GLN A 462 -31.32 24.75 12.65
CA GLN A 462 -30.26 24.96 13.63
C GLN A 462 -30.30 26.39 14.18
N MET A 463 -30.38 27.37 13.27
CA MET A 463 -30.41 28.77 13.68
C MET A 463 -31.57 29.05 14.62
N LEU A 464 -32.76 28.57 14.30
CA LEU A 464 -33.89 28.82 15.19
C LEU A 464 -33.80 27.98 16.46
N GLY A 465 -33.10 26.86 16.40
CA GLY A 465 -32.86 26.09 17.61
C GLY A 465 -32.06 26.90 18.61
N ARG A 466 -31.27 27.86 18.14
CA ARG A 466 -30.53 28.71 19.07
C ARG A 466 -31.40 29.71 19.84
N ALA A 467 -32.69 29.84 19.53
CA ALA A 467 -33.55 30.79 20.24
C ALA A 467 -34.07 30.19 21.55
N GLY A 468 -33.89 30.94 22.64
CA GLY A 468 -34.25 30.47 23.96
C GLY A 468 -33.09 29.80 24.67
N ARG A 469 -32.54 30.45 25.70
CA ARG A 469 -31.48 29.86 26.51
C ARG A 469 -32.09 28.90 27.52
N PRO A 470 -31.57 27.67 27.64
CA PRO A 470 -32.34 26.60 28.29
C PRO A 470 -32.74 26.87 29.72
N GLN A 471 -31.86 27.44 30.54
CA GLN A 471 -32.18 27.64 31.95
C GLN A 471 -32.24 29.11 32.37
N TYR A 472 -32.22 30.05 31.42
CA TYR A 472 -32.34 31.46 31.73
C TYR A 472 -33.62 32.10 31.20
N ASP A 473 -34.32 31.45 30.27
CA ASP A 473 -35.44 32.05 29.56
C ASP A 473 -36.70 31.23 29.79
N THR A 474 -37.83 31.91 29.98
CA THR A 474 -39.13 31.27 30.10
C THR A 474 -39.73 30.93 28.73
N LYS A 475 -39.21 31.55 27.67
CA LYS A 475 -39.59 31.27 26.29
C LYS A 475 -38.47 31.80 25.41
N GLY A 476 -38.42 31.31 24.18
CA GLY A 476 -37.54 31.89 23.19
C GLY A 476 -38.37 32.61 22.15
N GLU A 477 -37.77 33.50 21.37
CA GLU A 477 -38.50 34.24 20.36
C GLU A 477 -37.75 34.17 19.04
N GLY A 478 -38.33 33.43 18.08
CA GLY A 478 -37.73 33.25 16.78
C GLY A 478 -38.48 34.06 15.75
N ILE A 479 -37.78 34.98 15.11
CA ILE A 479 -38.32 35.83 14.08
C ILE A 479 -37.60 35.45 12.79
N LEU A 480 -38.36 35.09 11.76
CA LEU A 480 -37.80 34.70 10.48
C LEU A 480 -38.33 35.65 9.43
N ILE A 481 -37.44 36.28 8.66
CA ILE A 481 -37.84 37.25 7.65
C ILE A 481 -37.52 36.67 6.28
N THR A 482 -38.52 36.63 5.41
CA THR A 482 -38.39 36.00 4.10
C THR A 482 -39.30 36.72 3.12
N SER A 483 -39.30 36.26 1.87
CA SER A 483 -40.27 36.75 0.91
C SER A 483 -41.59 35.99 1.07
N HIS A 484 -42.69 36.71 0.83
CA HIS A 484 -44.02 36.22 1.16
C HIS A 484 -44.28 34.82 0.60
N GLY A 485 -43.89 34.57 -0.65
CA GLY A 485 -44.15 33.28 -1.27
C GLY A 485 -43.49 32.10 -0.60
N GLU A 486 -42.59 32.32 0.36
CA GLU A 486 -41.96 31.23 1.08
C GLU A 486 -42.59 30.94 2.43
N LEU A 487 -43.55 31.77 2.88
CA LEU A 487 -44.08 31.61 4.23
C LEU A 487 -44.54 30.18 4.50
N GLN A 488 -45.43 29.65 3.67
CA GLN A 488 -45.91 28.29 3.89
C GLN A 488 -44.75 27.33 4.03
N TYR A 489 -43.75 27.43 3.15
CA TYR A 489 -42.60 26.54 3.26
C TYR A 489 -42.04 26.57 4.68
N TYR A 490 -41.65 27.76 5.16
CA TYR A 490 -40.99 27.77 6.45
C TYR A 490 -41.96 27.40 7.55
N LEU A 491 -43.25 27.76 7.36
CA LEU A 491 -44.25 27.39 8.36
C LEU A 491 -44.35 25.89 8.47
N SER A 492 -44.21 25.19 7.35
CA SER A 492 -44.22 23.73 7.41
C SER A 492 -42.97 23.22 8.10
N LEU A 493 -41.81 23.78 7.75
CA LEU A 493 -40.57 23.22 8.27
C LEU A 493 -40.54 23.29 9.79
N LEU A 494 -41.03 24.38 10.36
CA LEU A 494 -40.91 24.57 11.80
C LEU A 494 -42.17 24.13 12.54
N ASN A 495 -43.10 23.49 11.84
CA ASN A 495 -44.29 23.02 12.56
C ASN A 495 -44.65 21.61 12.10
N GLN A 496 -43.62 20.77 11.97
CA GLN A 496 -43.77 19.32 11.89
C GLN A 496 -44.44 18.87 10.60
N GLN A 497 -44.29 19.64 9.52
CA GLN A 497 -45.15 19.40 8.37
C GLN A 497 -44.46 19.43 7.02
N LEU A 498 -43.16 19.62 6.97
CA LEU A 498 -42.44 19.55 5.71
C LEU A 498 -41.92 18.12 5.50
N PRO A 499 -42.54 17.34 4.62
CA PRO A 499 -42.22 15.90 4.57
C PRO A 499 -40.82 15.68 4.04
N ILE A 500 -40.18 14.64 4.56
CA ILE A 500 -38.83 14.27 4.14
C ILE A 500 -38.93 13.40 2.89
N GLU A 501 -38.37 13.88 1.78
CA GLU A 501 -38.40 13.16 0.51
C GLU A 501 -36.99 12.73 0.11
N SER A 502 -36.92 11.86 -0.90
CA SER A 502 -35.65 11.37 -1.43
C SER A 502 -35.24 12.21 -2.62
N GLN A 503 -34.01 12.74 -2.56
CA GLN A 503 -33.40 13.53 -3.64
C GLN A 503 -32.52 12.67 -4.55
N MET A 504 -32.75 11.37 -4.56
CA MET A 504 -31.73 10.41 -4.98
C MET A 504 -31.58 10.25 -6.50
N VAL A 505 -32.65 10.43 -7.28
CA VAL A 505 -32.54 10.11 -8.71
C VAL A 505 -31.45 10.94 -9.37
N SER A 506 -31.26 12.19 -8.93
CA SER A 506 -30.20 13.01 -9.51
C SER A 506 -28.84 12.35 -9.35
N LYS A 507 -28.59 11.70 -8.22
CA LYS A 507 -27.30 11.08 -7.98
C LYS A 507 -27.26 9.62 -8.40
N LEU A 508 -28.32 9.09 -9.03
CA LEU A 508 -28.36 7.65 -9.26
C LEU A 508 -27.14 7.11 -10.01
N PRO A 509 -26.74 7.64 -11.18
CA PRO A 509 -25.59 7.02 -11.88
C PRO A 509 -24.32 7.00 -11.04
N ASP A 510 -23.95 8.13 -10.43
CA ASP A 510 -22.74 8.17 -9.60
C ASP A 510 -22.82 7.12 -8.49
N MET A 511 -23.92 7.11 -7.74
CA MET A 511 -24.06 6.12 -6.68
C MET A 511 -23.98 4.71 -7.24
N LEU A 512 -24.56 4.47 -8.42
CA LEU A 512 -24.53 3.12 -8.94
C LEU A 512 -23.10 2.72 -9.25
N ASN A 513 -22.34 3.65 -9.84
CA ASN A 513 -20.98 3.33 -10.20
C ASN A 513 -20.20 2.96 -8.96
N ALA A 514 -20.51 3.60 -7.82
CA ALA A 514 -19.73 3.30 -6.63
C ALA A 514 -19.92 1.85 -6.25
N GLU A 515 -21.17 1.37 -6.30
CA GLU A 515 -21.42 -0.02 -5.93
C GLU A 515 -20.84 -0.96 -6.95
N ILE A 516 -20.75 -0.53 -8.22
CA ILE A 516 -20.13 -1.40 -9.19
C ILE A 516 -18.64 -1.50 -8.91
N VAL A 517 -18.02 -0.38 -8.53
CA VAL A 517 -16.57 -0.41 -8.37
C VAL A 517 -16.22 -1.30 -7.19
N LEU A 518 -17.08 -1.33 -6.16
CA LEU A 518 -16.86 -2.15 -4.97
C LEU A 518 -17.10 -3.62 -5.21
N GLY A 519 -17.71 -4.01 -6.33
CA GLY A 519 -18.12 -5.39 -6.52
C GLY A 519 -19.41 -5.77 -5.81
N ASN A 520 -20.01 -4.86 -5.05
CA ASN A 520 -21.32 -5.11 -4.47
C ASN A 520 -22.40 -5.25 -5.56
N VAL A 521 -22.23 -4.62 -6.71
CA VAL A 521 -23.23 -4.74 -7.76
C VAL A 521 -22.52 -5.13 -9.04
N GLN A 522 -22.85 -6.31 -9.57
CA GLN A 522 -22.22 -6.84 -10.77
C GLN A 522 -23.17 -6.92 -11.96
N ASN A 523 -24.46 -6.66 -11.77
CA ASN A 523 -25.40 -6.70 -12.87
C ASN A 523 -26.67 -5.96 -12.47
N ALA A 524 -27.57 -5.83 -13.45
CA ALA A 524 -28.81 -5.09 -13.23
C ALA A 524 -29.65 -5.71 -12.12
N LYS A 525 -29.62 -7.04 -11.96
CA LYS A 525 -30.42 -7.65 -10.89
C LYS A 525 -29.90 -7.25 -9.53
N ASP A 526 -28.58 -7.34 -9.34
CA ASP A 526 -27.93 -6.78 -8.16
C ASP A 526 -28.31 -5.34 -7.93
N ALA A 527 -28.28 -4.51 -8.97
CA ALA A 527 -28.57 -3.08 -8.77
C ALA A 527 -30.02 -2.85 -8.37
N VAL A 528 -30.95 -3.65 -8.90
CA VAL A 528 -32.33 -3.58 -8.47
C VAL A 528 -32.43 -3.93 -7.00
N ASN A 529 -31.81 -5.04 -6.61
CA ASN A 529 -31.74 -5.42 -5.20
C ASN A 529 -31.20 -4.26 -4.36
N TRP A 530 -30.12 -3.64 -4.83
CA TRP A 530 -29.47 -2.59 -4.07
C TRP A 530 -30.38 -1.39 -3.91
N LEU A 531 -31.04 -0.99 -5.00
CA LEU A 531 -31.93 0.15 -4.95
C LEU A 531 -33.08 -0.10 -3.99
N GLY A 532 -33.46 -1.37 -3.82
CA GLY A 532 -34.47 -1.73 -2.83
C GLY A 532 -34.16 -1.31 -1.40
N TYR A 533 -32.91 -0.98 -1.08
CA TYR A 533 -32.54 -0.50 0.24
C TYR A 533 -32.49 1.01 0.34
N ALA A 534 -32.62 1.70 -0.78
CA ALA A 534 -32.60 3.16 -0.81
C ALA A 534 -33.85 3.72 -0.14
N TYR A 535 -33.72 4.94 0.40
CA TYR A 535 -34.89 5.66 0.90
C TYR A 535 -35.84 6.01 -0.24
N LEU A 536 -35.28 6.21 -1.44
CA LEU A 536 -36.06 6.45 -2.64
C LEU A 536 -37.09 5.36 -2.87
N TYR A 537 -36.68 4.10 -2.70
CA TYR A 537 -37.61 2.99 -2.92
C TYR A 537 -38.77 3.04 -1.94
N ILE A 538 -38.48 3.26 -0.66
CA ILE A 538 -39.54 3.34 0.35
C ILE A 538 -40.55 4.42 -0.03
N ARG A 539 -40.05 5.60 -0.40
CA ARG A 539 -40.94 6.70 -0.76
C ARG A 539 -41.72 6.41 -2.05
N MET A 540 -41.10 5.76 -3.02
CA MET A 540 -41.78 5.39 -4.26
C MET A 540 -42.93 4.43 -3.98
N LEU A 541 -42.70 3.43 -3.12
CA LEU A 541 -43.78 2.54 -2.68
C LEU A 541 -44.89 3.29 -1.99
N ARG A 542 -44.55 4.28 -1.15
CA ARG A 542 -45.58 4.92 -0.35
C ARG A 542 -46.27 6.07 -1.07
N SER A 543 -45.57 6.77 -1.98
CA SER A 543 -46.13 7.92 -2.68
C SER A 543 -45.72 7.86 -4.15
N PRO A 544 -46.25 6.89 -4.90
CA PRO A 544 -45.78 6.73 -6.29
C PRO A 544 -45.94 7.97 -7.15
N THR A 545 -47.04 8.69 -7.02
CA THR A 545 -47.28 9.79 -7.94
C THR A 545 -46.30 10.93 -7.71
N LEU A 546 -45.79 11.06 -6.48
CA LEU A 546 -44.72 12.02 -6.22
C LEU A 546 -43.48 11.73 -7.05
N TYR A 547 -43.20 10.46 -7.33
CA TYR A 547 -41.99 10.06 -8.03
C TYR A 547 -42.27 9.61 -9.46
N GLY A 548 -43.37 10.06 -10.05
CA GLY A 548 -43.63 9.83 -11.46
C GLY A 548 -44.21 8.48 -11.80
N ILE A 549 -44.89 7.84 -10.86
CA ILE A 549 -45.42 6.50 -11.04
C ILE A 549 -46.93 6.55 -10.88
N SER A 550 -47.67 6.05 -11.87
CA SER A 550 -49.12 6.00 -11.77
C SER A 550 -49.54 5.00 -10.70
N HIS A 551 -50.66 5.29 -10.04
CA HIS A 551 -51.25 4.31 -9.12
C HIS A 551 -51.60 3.03 -9.86
N ASP A 552 -52.05 3.14 -11.11
CA ASP A 552 -52.26 1.95 -11.91
C ASP A 552 -50.93 1.26 -12.22
N ASP A 553 -49.88 2.04 -12.52
CA ASP A 553 -48.57 1.43 -12.75
C ASP A 553 -48.08 0.68 -11.51
N LEU A 554 -48.29 1.25 -10.32
CA LEU A 554 -47.90 0.55 -9.10
C LEU A 554 -48.69 -0.74 -8.93
N LYS A 555 -50.01 -0.69 -9.14
CA LYS A 555 -50.79 -1.92 -9.01
C LYS A 555 -50.42 -2.96 -10.07
N GLY A 556 -49.85 -2.53 -11.20
CA GLY A 556 -49.32 -3.50 -12.14
C GLY A 556 -47.89 -3.93 -11.88
N ASP A 557 -47.19 -3.24 -11.00
CA ASP A 557 -45.79 -3.51 -10.68
C ASP A 557 -45.61 -3.29 -9.18
N PRO A 558 -46.26 -4.16 -8.36
CA PRO A 558 -46.49 -3.79 -6.95
C PRO A 558 -45.24 -3.70 -6.11
N LEU A 559 -44.18 -4.42 -6.43
CA LEU A 559 -42.90 -4.22 -5.75
C LEU A 559 -42.02 -3.22 -6.48
N LEU A 560 -42.52 -2.60 -7.55
CA LEU A 560 -41.73 -1.70 -8.40
C LEU A 560 -40.45 -2.36 -8.90
N ASP A 561 -40.59 -3.61 -9.35
CA ASP A 561 -39.48 -4.32 -9.97
C ASP A 561 -39.15 -3.74 -11.34
N GLN A 562 -40.16 -3.56 -12.18
CA GLN A 562 -39.96 -2.98 -13.50
C GLN A 562 -39.44 -1.55 -13.41
N ARG A 563 -40.01 -0.74 -12.52
CA ARG A 563 -39.59 0.65 -12.40
C ARG A 563 -38.13 0.76 -11.98
N ARG A 564 -37.70 -0.11 -11.06
CA ARG A 564 -36.29 -0.13 -10.65
C ARG A 564 -35.39 -0.66 -11.77
N LEU A 565 -35.86 -1.66 -12.51
CA LEU A 565 -35.05 -2.12 -13.63
C LEU A 565 -34.87 -1.00 -14.65
N ASP A 566 -35.92 -0.20 -14.87
CA ASP A 566 -35.80 0.92 -15.79
C ASP A 566 -34.84 1.98 -15.28
N LEU A 567 -34.89 2.30 -13.98
CA LEU A 567 -33.97 3.28 -13.42
C LEU A 567 -32.53 2.79 -13.55
N VAL A 568 -32.29 1.53 -13.19
CA VAL A 568 -30.94 0.97 -13.27
C VAL A 568 -30.47 0.93 -14.71
N HIS A 569 -31.32 0.48 -15.63
CA HIS A 569 -31.03 0.50 -17.06
C HIS A 569 -30.57 1.88 -17.52
N THR A 570 -31.33 2.92 -17.16
CA THR A 570 -31.01 4.26 -17.62
C THR A 570 -29.68 4.73 -17.05
N ALA A 571 -29.46 4.53 -15.74
CA ALA A 571 -28.17 4.93 -15.16
C ALA A 571 -27.02 4.16 -15.80
N ALA A 572 -27.20 2.86 -16.01
CA ALA A 572 -26.17 2.03 -16.60
C ALA A 572 -25.83 2.52 -18.01
N LEU A 573 -26.84 2.89 -18.79
CA LEU A 573 -26.55 3.42 -20.13
C LEU A 573 -25.80 4.74 -20.03
N MET A 574 -26.15 5.58 -19.06
CA MET A 574 -25.38 6.81 -18.89
C MET A 574 -23.91 6.50 -18.58
N LEU A 575 -23.66 5.57 -17.66
CA LEU A 575 -22.29 5.27 -17.28
C LEU A 575 -21.54 4.59 -18.42
N ASP A 576 -22.24 3.78 -19.21
CA ASP A 576 -21.60 3.10 -20.33
C ASP A 576 -21.23 4.10 -21.41
N LYS A 577 -22.12 5.05 -21.71
CA LYS A 577 -21.82 6.11 -22.66
C LYS A 577 -20.57 6.88 -22.25
N ASN A 578 -20.38 7.11 -20.96
CA ASN A 578 -19.26 7.88 -20.47
C ASN A 578 -18.04 7.02 -20.13
N ASN A 579 -18.02 5.75 -20.55
CA ASN A 579 -16.87 4.86 -20.40
C ASN A 579 -16.47 4.60 -18.96
N LEU A 580 -17.38 4.73 -17.99
CA LEU A 580 -17.07 4.26 -16.64
C LEU A 580 -17.30 2.77 -16.49
N VAL A 581 -18.21 2.21 -17.27
CA VAL A 581 -18.68 0.85 -17.10
C VAL A 581 -18.93 0.25 -18.48
N LYS A 582 -18.61 -1.03 -18.65
CA LYS A 582 -19.10 -1.77 -19.82
C LYS A 582 -20.39 -2.49 -19.44
N TYR A 583 -21.49 -2.12 -20.09
CA TYR A 583 -22.82 -2.59 -19.75
C TYR A 583 -23.35 -3.45 -20.89
N ASP A 584 -23.54 -4.74 -20.61
CA ASP A 584 -24.13 -5.68 -21.57
C ASP A 584 -25.64 -5.77 -21.32
N LYS A 585 -26.42 -5.24 -22.27
CA LYS A 585 -27.87 -5.11 -22.11
C LYS A 585 -28.57 -6.46 -22.07
N LYS A 586 -28.19 -7.39 -22.94
CA LYS A 586 -28.82 -8.72 -22.92
C LYS A 586 -28.68 -9.37 -21.55
N THR A 587 -27.44 -9.57 -21.11
CA THR A 587 -27.23 -10.20 -19.81
C THR A 587 -27.52 -9.24 -18.68
N GLY A 588 -27.36 -7.94 -18.93
CA GLY A 588 -27.36 -6.97 -17.86
C GLY A 588 -26.07 -6.93 -17.08
N ASN A 589 -24.97 -7.42 -17.65
CA ASN A 589 -23.75 -7.49 -16.86
C ASN A 589 -23.05 -6.14 -16.84
N PHE A 590 -22.31 -5.92 -15.76
CA PHE A 590 -21.61 -4.67 -15.47
C PHE A 590 -20.13 -4.98 -15.29
N GLN A 591 -19.28 -4.50 -16.19
CA GLN A 591 -17.83 -4.63 -16.10
C GLN A 591 -17.21 -3.32 -15.63
N VAL A 592 -16.38 -3.40 -14.58
CA VAL A 592 -15.74 -2.23 -14.02
C VAL A 592 -14.63 -1.75 -14.96
N THR A 593 -14.32 -0.45 -14.90
CA THR A 593 -13.17 0.12 -15.59
C THR A 593 -12.35 0.94 -14.62
N GLU A 594 -11.08 1.15 -14.98
CA GLU A 594 -10.21 2.04 -14.23
C GLU A 594 -10.77 3.45 -14.17
N LEU A 595 -11.27 3.95 -15.29
CA LEU A 595 -11.91 5.26 -15.28
C LEU A 595 -13.08 5.29 -14.30
N GLY A 596 -13.92 4.25 -14.31
CA GLY A 596 -14.99 4.16 -13.33
C GLY A 596 -14.47 4.17 -11.90
N ARG A 597 -13.41 3.40 -11.64
CA ARG A 597 -12.86 3.33 -10.30
C ARG A 597 -12.35 4.68 -9.83
N ILE A 598 -11.65 5.41 -10.71
CA ILE A 598 -11.12 6.71 -10.33
C ILE A 598 -12.25 7.70 -10.07
N ALA A 599 -13.32 7.62 -10.85
CA ALA A 599 -14.46 8.49 -10.60
C ALA A 599 -15.07 8.22 -9.23
N SER A 600 -15.17 6.94 -8.85
CA SER A 600 -15.72 6.66 -7.53
C SER A 600 -14.75 7.07 -6.40
N HIS A 601 -13.47 6.67 -6.50
CA HIS A 601 -12.54 6.87 -5.41
C HIS A 601 -12.19 8.35 -5.19
N TYR A 602 -12.23 9.16 -6.23
CA TYR A 602 -11.96 10.57 -6.08
C TYR A 602 -13.21 11.40 -6.00
N TYR A 603 -14.39 10.75 -5.93
CA TYR A 603 -15.65 11.46 -5.74
C TYR A 603 -15.92 12.41 -6.91
N ILE A 604 -15.68 11.93 -8.12
CA ILE A 604 -15.86 12.69 -9.35
C ILE A 604 -17.15 12.25 -10.01
N THR A 605 -17.94 13.21 -10.50
CA THR A 605 -19.16 12.84 -11.21
C THR A 605 -18.84 12.28 -12.60
N ASN A 606 -19.72 11.40 -13.10
CA ASN A 606 -19.37 10.56 -14.25
C ASN A 606 -19.12 11.38 -15.53
N ASP A 607 -19.83 12.52 -15.70
CA ASP A 607 -19.57 13.37 -16.87
C ASP A 607 -18.16 13.93 -16.85
N THR A 608 -17.64 14.27 -15.67
CA THR A 608 -16.30 14.83 -15.61
C THR A 608 -15.25 13.85 -16.09
N VAL A 609 -15.35 12.57 -15.71
CA VAL A 609 -14.31 11.66 -16.17
C VAL A 609 -14.51 11.38 -17.64
N GLN A 610 -15.74 11.44 -18.15
CA GLN A 610 -15.87 11.38 -19.60
C GLN A 610 -15.06 12.48 -20.25
N THR A 611 -15.22 13.71 -19.75
CA THR A 611 -14.45 14.83 -20.31
C THR A 611 -12.95 14.60 -20.21
N TYR A 612 -12.48 14.21 -19.02
CA TYR A 612 -11.05 13.94 -18.85
C TYR A 612 -10.56 12.88 -19.84
N ASN A 613 -11.32 11.80 -20.00
CA ASN A 613 -10.92 10.76 -20.93
C ASN A 613 -10.90 11.27 -22.37
N GLN A 614 -11.83 12.15 -22.70
CA GLN A 614 -11.90 12.63 -24.08
C GLN A 614 -10.74 13.59 -24.40
N LEU A 615 -10.33 14.41 -23.42
CA LEU A 615 -9.41 15.51 -23.71
C LEU A 615 -7.97 15.27 -23.27
N LEU A 616 -7.72 14.37 -22.31
CA LEU A 616 -6.36 14.16 -21.86
C LEU A 616 -5.54 13.45 -22.95
N LYS A 617 -4.41 14.04 -23.30
CA LYS A 617 -3.45 13.52 -24.26
C LYS A 617 -2.06 13.65 -23.64
N PRO A 618 -1.11 12.81 -24.05
CA PRO A 618 0.25 12.92 -23.48
C PRO A 618 0.94 14.23 -23.82
N THR A 619 0.55 14.90 -24.90
CA THR A 619 1.21 16.11 -25.38
C THR A 619 0.65 17.38 -24.76
N LEU A 620 -0.28 17.28 -23.81
CA LEU A 620 -0.91 18.48 -23.25
C LEU A 620 0.10 19.38 -22.55
N SER A 621 -0.07 20.70 -22.75
CA SER A 621 0.65 21.76 -22.04
C SER A 621 -0.12 22.19 -20.79
N GLU A 622 0.57 22.97 -19.94
CA GLU A 622 -0.13 23.61 -18.81
C GLU A 622 -1.40 24.31 -19.28
N ILE A 623 -1.33 25.01 -20.42
CA ILE A 623 -2.48 25.72 -20.98
C ILE A 623 -3.68 24.79 -21.08
N GLU A 624 -3.50 23.69 -21.80
CA GLU A 624 -4.63 22.80 -22.03
C GLU A 624 -5.02 22.04 -20.76
N LEU A 625 -4.07 21.81 -19.87
CA LEU A 625 -4.40 21.19 -18.58
C LEU A 625 -5.37 22.07 -17.79
N PHE A 626 -5.05 23.36 -17.66
CA PHE A 626 -5.94 24.28 -16.95
C PHE A 626 -7.30 24.35 -17.63
N ARG A 627 -7.33 24.36 -18.96
CA ARG A 627 -8.64 24.36 -19.62
C ARG A 627 -9.41 23.06 -19.34
N VAL A 628 -8.74 21.91 -19.40
CA VAL A 628 -9.41 20.64 -19.13
C VAL A 628 -10.02 20.65 -17.74
N PHE A 629 -9.24 21.05 -16.74
CA PHE A 629 -9.79 21.18 -15.39
C PHE A 629 -10.99 22.10 -15.38
N SER A 630 -10.90 23.25 -16.06
CA SER A 630 -11.98 24.20 -15.99
C SER A 630 -13.26 23.68 -16.63
N LEU A 631 -13.17 22.66 -17.48
CA LEU A 631 -14.36 22.09 -18.11
C LEU A 631 -15.07 21.05 -17.23
N SER A 632 -14.75 20.95 -15.95
CA SER A 632 -15.31 19.88 -15.14
C SER A 632 -16.79 20.11 -14.82
N SER A 633 -17.59 19.04 -14.94
CA SER A 633 -19.03 19.16 -14.75
C SER A 633 -19.41 19.67 -13.36
N GLU A 634 -18.55 19.53 -12.35
CA GLU A 634 -18.84 20.15 -11.06
C GLU A 634 -19.13 21.65 -11.19
N PHE A 635 -18.55 22.29 -12.20
CA PHE A 635 -18.69 23.72 -12.44
C PHE A 635 -19.74 24.06 -13.51
N LYS A 636 -20.64 23.10 -13.82
CA LYS A 636 -21.54 23.25 -14.97
C LYS A 636 -22.48 24.43 -14.84
N ASN A 637 -22.74 24.92 -13.63
CA ASN A 637 -23.65 26.05 -13.45
C ASN A 637 -22.92 27.38 -13.33
N ILE A 638 -21.59 27.39 -13.38
CA ILE A 638 -20.85 28.65 -13.29
C ILE A 638 -21.11 29.47 -14.55
N THR A 639 -21.46 30.75 -14.38
CA THR A 639 -21.63 31.68 -15.49
C THR A 639 -20.75 32.91 -15.30
N VAL A 640 -20.59 33.68 -16.36
CA VAL A 640 -19.84 34.92 -16.34
C VAL A 640 -20.85 36.06 -16.33
N ARG A 641 -20.99 36.72 -15.20
CA ARG A 641 -21.90 37.85 -15.07
C ARG A 641 -21.25 39.10 -15.65
N GLU A 642 -22.06 39.93 -16.29
CA GLU A 642 -21.53 41.16 -16.89
C GLU A 642 -20.77 41.98 -15.83
N GLU A 643 -21.31 42.04 -14.61
CA GLU A 643 -20.68 42.84 -13.57
C GLU A 643 -19.31 42.30 -13.15
N GLU A 644 -19.00 41.05 -13.51
CA GLU A 644 -17.70 40.46 -13.24
C GLU A 644 -16.70 40.64 -14.36
N LYS A 645 -17.14 41.10 -15.54
CA LYS A 645 -16.31 40.93 -16.73
C LYS A 645 -15.02 41.73 -16.63
N LEU A 646 -15.12 43.04 -16.41
CA LEU A 646 -13.93 43.88 -16.45
C LEU A 646 -12.87 43.40 -15.46
N GLU A 647 -13.28 43.11 -14.22
CA GLU A 647 -12.34 42.55 -13.24
C GLU A 647 -11.67 41.31 -13.81
N LEU A 648 -12.46 40.34 -14.25
CA LEU A 648 -11.89 39.14 -14.86
C LEU A 648 -10.98 39.52 -16.02
N GLN A 649 -11.42 40.48 -16.85
CA GLN A 649 -10.62 40.92 -17.98
C GLN A 649 -9.22 41.29 -17.53
N LYS A 650 -9.13 42.05 -16.44
CA LYS A 650 -7.83 42.44 -15.92
C LYS A 650 -6.94 41.22 -15.73
N LEU A 651 -7.42 40.26 -14.93
CA LEU A 651 -6.62 39.07 -14.66
C LEU A 651 -6.31 38.32 -15.95
N LEU A 652 -7.27 38.28 -16.87
CA LEU A 652 -7.05 37.49 -18.07
C LEU A 652 -6.00 38.13 -18.97
N GLU A 653 -5.78 39.45 -18.86
CA GLU A 653 -4.74 40.08 -19.68
C GLU A 653 -3.35 39.80 -19.15
N ARG A 654 -3.22 39.11 -18.02
CA ARG A 654 -1.93 38.98 -17.37
C ARG A 654 -1.68 37.64 -16.70
N VAL A 655 -2.59 36.65 -16.80
CA VAL A 655 -2.40 35.37 -16.11
C VAL A 655 -1.13 34.71 -16.62
N PRO A 656 -0.35 34.04 -15.76
CA PRO A 656 0.90 33.42 -16.25
C PRO A 656 0.67 32.23 -17.17
N ILE A 657 -0.44 31.51 -17.03
CA ILE A 657 -0.83 30.46 -17.97
C ILE A 657 -1.81 31.06 -18.97
N PRO A 658 -1.45 31.20 -20.24
CA PRO A 658 -2.39 31.80 -21.21
C PRO A 658 -3.69 31.02 -21.33
N VAL A 659 -4.78 31.76 -21.55
CA VAL A 659 -6.12 31.19 -21.69
C VAL A 659 -6.56 31.39 -23.14
N LYS A 660 -6.89 30.29 -23.82
CA LYS A 660 -7.20 30.36 -25.23
C LYS A 660 -8.58 30.96 -25.50
N GLU A 661 -9.57 30.67 -24.65
CA GLU A 661 -10.94 31.06 -24.95
C GLU A 661 -11.29 32.43 -24.37
N SER A 662 -12.38 32.99 -24.90
CA SER A 662 -12.81 34.34 -24.56
C SER A 662 -13.43 34.39 -23.18
N ILE A 663 -13.44 35.61 -22.60
CA ILE A 663 -14.05 35.82 -21.31
C ILE A 663 -15.56 35.64 -21.32
N GLU A 664 -16.17 35.50 -22.51
CA GLU A 664 -17.58 35.11 -22.60
C GLU A 664 -17.81 33.74 -21.97
N GLU A 665 -16.79 32.90 -21.97
CA GLU A 665 -16.94 31.49 -21.63
C GLU A 665 -16.69 31.26 -20.15
N PRO A 666 -17.63 30.63 -19.43
CA PRO A 666 -17.37 30.25 -18.03
C PRO A 666 -16.04 29.53 -17.80
N SER A 667 -15.65 28.65 -18.73
CA SER A 667 -14.37 27.95 -18.73
C SER A 667 -13.20 28.88 -18.43
N ALA A 668 -13.23 30.09 -19.04
CA ALA A 668 -12.15 31.05 -18.84
C ALA A 668 -12.19 31.66 -17.45
N LYS A 669 -13.39 32.00 -16.96
CA LYS A 669 -13.52 32.51 -15.60
C LYS A 669 -13.00 31.50 -14.59
N ILE A 670 -13.30 30.21 -14.81
CA ILE A 670 -12.88 29.17 -13.87
C ILE A 670 -11.36 29.01 -13.89
N ASN A 671 -10.79 28.98 -15.10
CA ASN A 671 -9.34 28.93 -15.26
C ASN A 671 -8.67 30.08 -14.51
N VAL A 672 -9.20 31.30 -14.71
CA VAL A 672 -8.61 32.49 -14.10
C VAL A 672 -8.77 32.46 -12.59
N LEU A 673 -9.92 31.97 -12.09
CA LEU A 673 -10.11 31.82 -10.65
C LEU A 673 -9.06 30.88 -10.05
N LEU A 674 -8.79 29.74 -10.71
CA LEU A 674 -7.75 28.84 -10.19
C LEU A 674 -6.40 29.53 -10.15
N GLN A 675 -6.00 30.16 -11.27
CA GLN A 675 -4.69 30.80 -11.31
C GLN A 675 -4.58 31.90 -10.28
N ALA A 676 -5.68 32.64 -10.06
CA ALA A 676 -5.70 33.69 -9.05
C ALA A 676 -5.56 33.12 -7.66
N PHE A 677 -6.21 31.99 -7.40
CA PHE A 677 -6.12 31.36 -6.09
C PHE A 677 -4.71 30.89 -5.79
N ILE A 678 -4.02 30.37 -6.81
CA ILE A 678 -2.64 29.93 -6.62
C ILE A 678 -1.74 31.14 -6.37
N SER A 679 -1.90 32.19 -7.18
CA SER A 679 -1.15 33.41 -6.96
C SER A 679 -1.60 34.18 -5.72
N GLN A 680 -2.59 33.67 -4.98
CA GLN A 680 -3.12 34.32 -3.78
C GLN A 680 -3.55 35.76 -4.06
N LEU A 681 -4.38 35.93 -5.08
CA LEU A 681 -4.85 37.25 -5.47
C LEU A 681 -6.18 37.59 -4.80
N LYS A 682 -6.27 38.80 -4.26
CA LYS A 682 -7.53 39.31 -3.73
C LYS A 682 -8.41 39.85 -4.86
N LEU A 683 -9.66 39.43 -4.86
CA LEU A 683 -10.67 39.91 -5.80
C LEU A 683 -11.78 40.63 -5.04
N GLU A 684 -12.55 41.44 -5.75
CA GLU A 684 -13.51 42.32 -5.09
C GLU A 684 -14.95 41.86 -5.22
N GLY A 685 -15.41 41.53 -6.42
CA GLY A 685 -16.77 41.00 -6.57
C GLY A 685 -17.08 39.87 -5.60
N PHE A 686 -18.23 39.95 -4.93
CA PHE A 686 -18.64 38.92 -3.97
C PHE A 686 -18.91 37.59 -4.67
N ALA A 687 -19.60 37.68 -5.82
CA ALA A 687 -19.83 36.50 -6.65
C ALA A 687 -18.52 35.80 -6.97
N LEU A 688 -17.52 36.58 -7.43
CA LEU A 688 -16.24 36.00 -7.85
C LEU A 688 -15.54 35.30 -6.71
N MET A 689 -15.58 35.86 -5.50
CA MET A 689 -14.84 35.26 -4.40
C MET A 689 -15.50 33.97 -3.93
N ALA A 690 -16.83 33.97 -3.80
CA ALA A 690 -17.51 32.71 -3.46
C ALA A 690 -17.26 31.65 -4.52
N ASP A 691 -17.28 32.04 -5.79
CA ASP A 691 -17.00 31.11 -6.89
C ASP A 691 -15.58 30.57 -6.81
N MET A 692 -14.60 31.43 -6.54
CA MET A 692 -13.22 30.97 -6.44
C MET A 692 -13.09 29.93 -5.34
N VAL A 693 -13.70 30.19 -4.19
CA VAL A 693 -13.69 29.22 -3.11
C VAL A 693 -14.25 27.88 -3.60
N TYR A 694 -15.43 27.92 -4.24
CA TYR A 694 -16.07 26.68 -4.67
C TYR A 694 -15.20 25.92 -5.68
N VAL A 695 -14.56 26.65 -6.60
CA VAL A 695 -13.72 26.03 -7.63
C VAL A 695 -12.51 25.35 -6.99
N THR A 696 -11.84 26.07 -6.10
CA THR A 696 -10.57 25.57 -5.58
C THR A 696 -10.76 24.53 -4.49
N GLN A 697 -11.89 24.55 -3.78
CA GLN A 697 -12.15 23.51 -2.79
C GLN A 697 -12.08 22.12 -3.40
N SER A 698 -12.48 21.96 -4.65
CA SER A 698 -12.50 20.68 -5.34
C SER A 698 -11.34 20.49 -6.31
N ALA A 699 -10.63 21.58 -6.64
CA ALA A 699 -9.48 21.47 -7.52
C ALA A 699 -8.50 20.38 -7.06
N GLY A 700 -8.24 20.30 -5.75
CA GLY A 700 -7.31 19.33 -5.24
C GLY A 700 -7.58 17.89 -5.65
N ARG A 701 -8.77 17.37 -5.35
CA ARG A 701 -9.04 15.97 -5.68
C ARG A 701 -9.33 15.78 -7.16
N LEU A 702 -9.87 16.79 -7.85
CA LEU A 702 -9.97 16.66 -9.30
C LEU A 702 -8.59 16.50 -9.94
N MET A 703 -7.62 17.32 -9.53
CA MET A 703 -6.29 17.24 -10.13
C MET A 703 -5.57 15.97 -9.69
N ARG A 704 -5.86 15.45 -8.48
CA ARG A 704 -5.31 14.15 -8.12
C ARG A 704 -5.89 13.03 -8.96
N ALA A 705 -7.17 13.15 -9.34
CA ALA A 705 -7.74 12.16 -10.24
C ALA A 705 -7.04 12.19 -11.59
N ILE A 706 -6.80 13.40 -12.11
CA ILE A 706 -6.08 13.51 -13.37
C ILE A 706 -4.69 12.89 -13.25
N PHE A 707 -4.02 13.18 -12.13
CA PHE A 707 -2.70 12.62 -11.88
C PHE A 707 -2.73 11.11 -11.92
N GLU A 708 -3.68 10.49 -11.23
CA GLU A 708 -3.68 9.03 -11.22
C GLU A 708 -3.92 8.48 -12.62
N ILE A 709 -4.84 9.09 -13.38
CA ILE A 709 -5.11 8.66 -14.77
C ILE A 709 -3.81 8.65 -15.58
N VAL A 710 -3.13 9.80 -15.64
CA VAL A 710 -2.01 9.93 -16.57
C VAL A 710 -0.77 9.20 -16.04
N LEU A 711 -0.62 9.11 -14.72
CA LEU A 711 0.49 8.35 -14.17
C LEU A 711 0.34 6.88 -14.55
N ASN A 712 -0.86 6.31 -14.37
CA ASN A 712 -0.96 4.90 -14.70
C ASN A 712 -0.98 4.65 -16.20
N ARG A 713 -1.13 5.70 -17.01
CA ARG A 713 -0.93 5.49 -18.44
C ARG A 713 0.54 5.61 -18.87
N GLY A 714 1.45 6.01 -17.99
CA GLY A 714 2.84 6.13 -18.36
C GLY A 714 3.26 7.41 -19.05
N TRP A 715 2.46 8.49 -18.94
CA TRP A 715 2.69 9.75 -19.67
C TRP A 715 3.60 10.66 -18.83
N ALA A 716 4.91 10.60 -19.10
CA ALA A 716 5.88 11.21 -18.19
C ALA A 716 5.69 12.72 -18.05
N GLN A 717 5.62 13.45 -19.18
CA GLN A 717 5.49 14.90 -19.14
C GLN A 717 4.21 15.31 -18.42
N LEU A 718 3.08 14.69 -18.79
CA LEU A 718 1.82 15.11 -18.21
C LEU A 718 1.75 14.71 -16.74
N THR A 719 2.34 13.57 -16.40
CA THR A 719 2.39 13.19 -14.98
C THR A 719 3.16 14.23 -14.19
N ASP A 720 4.23 14.75 -14.78
CA ASP A 720 4.99 15.78 -14.07
C ASP A 720 4.17 17.05 -13.89
N LYS A 721 3.59 17.56 -14.99
CA LYS A 721 2.79 18.80 -14.90
C LYS A 721 1.63 18.66 -13.92
N THR A 722 0.97 17.50 -13.91
CA THR A 722 -0.22 17.32 -13.09
C THR A 722 0.14 17.19 -11.61
N LEU A 723 1.13 16.36 -11.27
CA LEU A 723 1.53 16.33 -9.86
C LEU A 723 1.98 17.71 -9.39
N ASN A 724 2.71 18.43 -10.26
CA ASN A 724 3.10 19.80 -9.93
C ASN A 724 1.89 20.67 -9.63
N LEU A 725 0.86 20.57 -10.48
CA LEU A 725 -0.33 21.40 -10.26
C LEU A 725 -1.04 21.05 -8.97
N CYS A 726 -1.15 19.75 -8.65
CA CYS A 726 -1.65 19.35 -7.32
C CYS A 726 -0.92 20.11 -6.22
N LYS A 727 0.41 20.12 -6.29
CA LYS A 727 1.17 20.73 -5.20
C LYS A 727 1.03 22.26 -5.19
N MET A 728 0.90 22.88 -6.36
CA MET A 728 0.68 24.33 -6.38
C MET A 728 -0.67 24.69 -5.79
N ILE A 729 -1.69 23.88 -6.07
CA ILE A 729 -2.99 24.09 -5.46
C ILE A 729 -2.90 23.93 -3.94
N ASP A 730 -2.15 22.92 -3.47
CA ASP A 730 -2.08 22.69 -2.03
C ASP A 730 -1.23 23.76 -1.31
N LYS A 731 -0.11 24.15 -1.88
CA LYS A 731 0.80 25.10 -1.23
C LYS A 731 0.48 26.55 -1.55
N ARG A 732 -0.38 26.81 -2.55
CA ARG A 732 -0.78 28.15 -2.96
C ARG A 732 0.43 29.01 -3.35
N MET A 733 1.25 28.47 -4.25
CA MET A 733 2.41 29.13 -4.81
C MET A 733 2.79 28.42 -6.10
N TRP A 734 3.50 29.13 -6.96
CA TRP A 734 4.01 28.53 -8.18
C TRP A 734 5.42 27.97 -7.94
N GLN A 735 5.83 27.08 -8.85
CA GLN A 735 7.19 26.54 -8.85
C GLN A 735 8.22 27.65 -8.77
N SER A 736 7.99 28.74 -9.51
CA SER A 736 8.95 29.85 -9.58
C SER A 736 9.27 30.44 -8.21
N MET A 737 8.46 30.16 -7.20
CA MET A 737 8.68 30.77 -5.90
C MET A 737 9.67 29.95 -5.06
N CYS A 738 10.41 30.65 -4.21
CA CYS A 738 11.37 30.05 -3.31
C CYS A 738 10.72 28.92 -2.52
N PRO A 739 11.18 27.68 -2.66
CA PRO A 739 10.57 26.57 -1.90
C PRO A 739 10.64 26.78 -0.40
N LEU A 740 11.52 27.67 0.06
CA LEU A 740 11.57 28.00 1.49
C LEU A 740 10.24 28.56 2.00
N ARG A 741 9.45 29.15 1.11
CA ARG A 741 8.10 29.58 1.47
C ARG A 741 7.30 28.47 2.14
N GLN A 742 7.62 27.21 1.86
CA GLN A 742 6.83 26.11 2.40
C GLN A 742 7.09 25.87 3.88
N PHE A 743 8.08 26.51 4.46
CA PHE A 743 8.23 26.51 5.91
C PHE A 743 7.46 27.74 6.39
N ARG A 744 6.23 27.53 6.86
CA ARG A 744 5.39 28.66 7.23
C ARG A 744 6.03 29.48 8.34
N LYS A 745 6.83 28.84 9.20
CA LYS A 745 7.47 29.56 10.30
C LYS A 745 8.49 30.59 9.82
N LEU A 746 8.93 30.52 8.57
CA LEU A 746 9.95 31.46 8.12
C LEU A 746 9.31 32.77 7.71
N PRO A 747 9.96 33.91 8.01
CA PRO A 747 9.38 35.21 7.64
C PRO A 747 9.29 35.38 6.14
N GLU A 748 8.12 35.82 5.67
CA GLU A 748 7.92 36.04 4.24
C GLU A 748 8.88 37.08 3.70
N GLU A 749 9.30 38.04 4.54
CA GLU A 749 10.16 39.10 4.07
C GLU A 749 11.53 38.57 3.67
N VAL A 750 12.09 37.66 4.47
CA VAL A 750 13.43 37.15 4.17
C VAL A 750 13.40 36.24 2.96
N VAL A 751 12.33 35.44 2.80
CA VAL A 751 12.27 34.59 1.61
C VAL A 751 12.06 35.45 0.37
N LYS A 752 11.38 36.60 0.51
CA LYS A 752 11.30 37.50 -0.63
C LYS A 752 12.65 38.12 -0.96
N LYS A 753 13.39 38.53 0.08
CA LYS A 753 14.77 38.98 -0.13
C LYS A 753 15.58 37.94 -0.90
N ILE A 754 15.43 36.66 -0.53
CA ILE A 754 16.15 35.60 -1.23
C ILE A 754 15.68 35.50 -2.67
N GLU A 755 14.35 35.53 -2.88
CA GLU A 755 13.80 35.43 -4.24
C GLU A 755 14.37 36.51 -5.14
N LYS A 756 14.61 37.69 -4.58
CA LYS A 756 15.06 38.82 -5.39
C LYS A 756 16.39 38.55 -6.09
N LYS A 757 17.25 37.71 -5.52
CA LYS A 757 18.57 37.49 -6.11
C LYS A 757 18.57 36.42 -7.21
N ASN A 758 17.46 35.72 -7.42
CA ASN A 758 17.25 34.88 -8.60
C ASN A 758 18.24 33.73 -8.77
N PHE A 759 19.20 33.56 -7.85
CA PHE A 759 20.16 32.48 -7.94
C PHE A 759 19.49 31.13 -7.70
N PRO A 760 20.12 30.03 -8.12
CA PRO A 760 19.52 28.70 -7.89
C PRO A 760 19.48 28.33 -6.41
N PHE A 761 18.37 27.70 -6.01
CA PHE A 761 18.22 27.28 -4.61
C PHE A 761 19.24 26.23 -4.23
N GLU A 762 19.58 25.34 -5.17
CA GLU A 762 20.51 24.25 -4.85
C GLU A 762 21.85 24.76 -4.34
N ARG A 763 22.30 25.91 -4.84
CA ARG A 763 23.60 26.42 -4.42
C ARG A 763 23.63 26.78 -2.94
N LEU A 764 22.47 26.86 -2.29
CA LEU A 764 22.45 27.10 -0.86
C LEU A 764 23.05 25.94 -0.09
N TYR A 765 23.02 24.73 -0.66
CA TYR A 765 23.46 23.54 0.08
C TYR A 765 24.96 23.52 0.32
N ASP A 766 25.73 24.26 -0.49
CA ASP A 766 27.18 24.19 -0.41
C ASP A 766 27.76 25.26 0.50
N LEU A 767 27.12 26.43 0.57
CA LEU A 767 27.59 27.50 1.43
C LEU A 767 27.32 27.16 2.89
N ASN A 768 27.76 28.04 3.78
CA ASN A 768 27.48 27.90 5.20
C ASN A 768 26.71 29.11 5.70
N HIS A 769 26.42 29.09 7.01
CA HIS A 769 25.60 30.16 7.58
C HIS A 769 26.22 31.53 7.32
N ASN A 770 27.56 31.63 7.39
CA ASN A 770 28.24 32.86 7.01
C ASN A 770 27.94 33.25 5.57
N GLU A 771 28.24 32.35 4.63
CA GLU A 771 28.12 32.67 3.22
C GLU A 771 26.66 32.91 2.82
N ILE A 772 25.72 32.18 3.45
CA ILE A 772 24.32 32.38 3.12
C ILE A 772 23.84 33.73 3.65
N GLY A 773 24.19 34.05 4.90
CA GLY A 773 23.87 35.38 5.40
C GLY A 773 24.47 36.48 4.56
N GLU A 774 25.61 36.22 3.92
CA GLU A 774 26.23 37.23 3.08
C GLU A 774 25.50 37.34 1.73
N LEU A 775 25.10 36.22 1.16
CA LEU A 775 24.45 36.25 -0.15
C LEU A 775 23.07 36.89 -0.06
N ILE A 776 22.36 36.64 1.03
CA ILE A 776 21.05 37.25 1.26
C ILE A 776 21.16 38.75 1.50
N ARG A 777 22.37 39.24 1.78
CA ARG A 777 22.62 40.58 2.32
C ARG A 777 21.88 40.80 3.64
N MET A 778 21.52 39.71 4.33
CA MET A 778 20.97 39.77 5.69
C MET A 778 21.68 38.71 6.50
N PRO A 779 22.86 39.03 7.04
CA PRO A 779 23.63 38.01 7.77
C PRO A 779 23.01 37.60 9.09
N LYS A 780 22.22 38.50 9.70
CA LYS A 780 21.63 38.31 11.03
C LYS A 780 21.11 36.91 11.28
N MET A 781 20.71 36.20 10.23
CA MET A 781 20.09 34.90 10.45
C MET A 781 20.53 33.87 9.42
N GLY A 782 21.76 34.01 8.92
CA GLY A 782 22.35 32.97 8.09
C GLY A 782 22.07 31.61 8.69
N LYS A 783 22.42 31.46 9.97
CA LYS A 783 22.21 30.19 10.68
C LYS A 783 20.79 29.68 10.48
N THR A 784 19.80 30.53 10.79
CA THR A 784 18.41 30.11 10.68
C THR A 784 18.15 29.52 9.30
N ILE A 785 18.52 30.26 8.26
CA ILE A 785 18.20 29.79 6.92
C ILE A 785 18.96 28.51 6.61
N HIS A 786 20.21 28.43 7.06
CA HIS A 786 20.98 27.18 6.95
C HIS A 786 20.16 26.02 7.50
N LYS A 787 19.65 26.19 8.72
CA LYS A 787 18.84 25.14 9.33
C LYS A 787 17.73 24.70 8.39
N TYR A 788 16.97 25.67 7.88
CA TYR A 788 15.82 25.31 7.05
C TYR A 788 16.26 24.67 5.75
N VAL A 789 17.39 25.11 5.19
CA VAL A 789 17.89 24.51 3.95
C VAL A 789 18.07 23.01 4.15
N HIS A 790 18.55 22.59 5.32
CA HIS A 790 18.80 21.18 5.52
C HIS A 790 17.62 20.46 6.14
N LEU A 791 16.53 21.18 6.43
CA LEU A 791 15.27 20.51 6.72
C LEU A 791 14.49 20.17 5.45
N PHE A 792 14.75 20.86 4.35
CA PHE A 792 14.04 20.62 3.10
C PHE A 792 14.30 19.20 2.62
N PRO A 793 13.26 18.41 2.33
CA PRO A 793 13.48 17.01 1.98
C PRO A 793 14.39 16.90 0.75
N LYS A 794 15.28 15.90 0.79
CA LYS A 794 16.32 15.77 -0.21
C LYS A 794 16.90 14.38 -0.14
N LEU A 795 17.01 13.70 -1.29
CA LEU A 795 17.47 12.31 -1.35
C LEU A 795 18.64 12.18 -2.32
N GLU A 796 19.59 11.30 -1.98
CA GLU A 796 20.65 10.88 -2.89
C GLU A 796 20.35 9.49 -3.45
N LEU A 797 20.71 9.28 -4.71
CA LEU A 797 20.30 8.10 -5.45
C LEU A 797 21.53 7.40 -6.02
N SER A 798 21.46 6.08 -6.07
CA SER A 798 22.56 5.33 -6.66
C SER A 798 21.99 4.02 -7.18
N VAL A 799 22.59 3.47 -8.23
CA VAL A 799 22.07 2.24 -8.80
C VAL A 799 23.15 1.20 -8.93
N HIS A 800 22.72 -0.04 -8.77
CA HIS A 800 23.44 -1.20 -9.26
C HIS A 800 22.59 -1.79 -10.38
N LEU A 801 23.14 -1.77 -11.59
CA LEU A 801 22.54 -2.37 -12.78
C LEU A 801 22.89 -3.85 -12.87
N GLN A 802 21.88 -4.70 -13.06
CA GLN A 802 22.03 -6.14 -12.99
C GLN A 802 21.32 -6.77 -14.18
N PRO A 803 22.03 -6.98 -15.28
CA PRO A 803 21.38 -7.55 -16.46
C PRO A 803 20.87 -8.93 -16.16
N ILE A 804 19.62 -9.18 -16.56
CA ILE A 804 19.05 -10.51 -16.50
C ILE A 804 19.24 -11.22 -17.84
N THR A 805 18.93 -10.52 -18.93
CA THR A 805 19.08 -11.01 -20.29
C THR A 805 19.61 -9.86 -21.14
N ARG A 806 19.55 -10.04 -22.45
CA ARG A 806 19.87 -8.96 -23.36
C ARG A 806 18.70 -8.01 -23.56
N SER A 807 17.53 -8.29 -22.98
CA SER A 807 16.39 -7.41 -23.13
C SER A 807 15.64 -7.13 -21.83
N THR A 808 16.09 -7.66 -20.69
CA THR A 808 15.48 -7.35 -19.40
C THR A 808 16.59 -7.03 -18.40
N LEU A 809 16.39 -5.95 -17.66
CA LEU A 809 17.41 -5.39 -16.78
C LEU A 809 16.83 -5.22 -15.38
N LYS A 810 17.49 -5.82 -14.40
CA LYS A 810 17.12 -5.59 -13.02
C LYS A 810 17.90 -4.40 -12.47
N VAL A 811 17.22 -3.54 -11.73
CA VAL A 811 17.81 -2.34 -11.17
C VAL A 811 17.62 -2.39 -9.66
N GLU A 812 18.72 -2.21 -8.92
CA GLU A 812 18.66 -2.00 -7.48
C GLU A 812 19.01 -0.53 -7.21
N LEU A 813 18.02 0.23 -6.75
CA LEU A 813 18.15 1.64 -6.43
C LEU A 813 18.35 1.80 -4.92
N THR A 814 19.38 2.54 -4.56
CA THR A 814 19.68 2.87 -3.17
C THR A 814 19.32 4.33 -2.96
N ILE A 815 18.44 4.56 -1.99
CA ILE A 815 17.91 5.87 -1.63
C ILE A 815 18.53 6.23 -0.28
N THR A 816 19.38 7.25 -0.26
CA THR A 816 20.01 7.70 0.96
C THR A 816 19.43 9.06 1.33
N PRO A 817 18.73 9.19 2.45
CA PRO A 817 18.19 10.50 2.82
C PRO A 817 19.30 11.48 3.14
N ASP A 818 19.13 12.72 2.71
CA ASP A 818 20.18 13.73 2.82
C ASP A 818 19.63 15.00 3.43
N PHE A 819 18.78 14.88 4.44
CA PHE A 819 18.27 16.04 5.15
C PHE A 819 18.03 15.69 6.61
N GLN A 820 18.00 16.70 7.46
CA GLN A 820 17.67 16.50 8.86
C GLN A 820 16.16 16.35 8.99
N TRP A 821 15.73 15.34 9.72
CA TRP A 821 14.31 15.17 9.99
C TRP A 821 13.90 15.99 11.21
N ASP A 822 12.63 16.39 11.23
CA ASP A 822 12.07 17.12 12.36
C ASP A 822 10.56 16.92 12.31
N GLU A 823 10.01 16.28 13.34
CA GLU A 823 8.59 15.90 13.30
C GLU A 823 7.67 17.11 13.14
N LYS A 824 8.07 18.28 13.62
CA LYS A 824 7.16 19.41 13.48
C LYS A 824 7.11 19.96 12.06
N VAL A 825 8.03 19.54 11.20
CA VAL A 825 7.95 19.92 9.79
C VAL A 825 7.64 18.73 8.88
N HIS A 826 8.08 17.52 9.21
CA HIS A 826 7.89 16.36 8.37
C HIS A 826 6.87 15.37 8.89
N GLY A 827 6.29 15.61 10.05
CA GLY A 827 5.37 14.64 10.62
C GLY A 827 6.07 13.34 10.94
N SER A 828 5.39 12.23 10.67
CA SER A 828 5.94 10.91 10.91
C SER A 828 6.34 10.17 9.65
N SER A 829 6.07 10.73 8.47
CA SER A 829 6.44 10.11 7.22
C SER A 829 6.50 11.18 6.14
N GLU A 830 7.17 10.85 5.04
CA GLU A 830 7.32 11.73 3.90
C GLU A 830 7.19 10.85 2.66
N ALA A 831 6.29 11.19 1.75
CA ALA A 831 5.98 10.31 0.62
C ALA A 831 6.59 10.83 -0.68
N PHE A 832 7.06 9.90 -1.51
CA PHE A 832 7.67 10.20 -2.80
C PHE A 832 7.14 9.25 -3.85
N TRP A 833 7.30 9.65 -5.11
CA TRP A 833 7.11 8.77 -6.24
C TRP A 833 8.45 8.51 -6.89
N ILE A 834 8.69 7.26 -7.22
CA ILE A 834 9.86 6.80 -7.96
C ILE A 834 9.38 6.55 -9.38
N LEU A 835 9.97 7.27 -10.33
CA LEU A 835 9.55 7.23 -11.72
C LEU A 835 10.76 6.90 -12.58
N VAL A 836 10.69 5.78 -13.28
CA VAL A 836 11.72 5.36 -14.23
C VAL A 836 11.20 5.73 -15.61
N GLU A 837 11.88 6.67 -16.25
CA GLU A 837 11.48 7.28 -17.52
C GLU A 837 12.48 6.96 -18.62
N ASP A 838 11.98 6.94 -19.86
CA ASP A 838 12.76 6.41 -20.98
C ASP A 838 13.73 7.47 -21.51
N VAL A 839 14.39 7.15 -22.62
CA VAL A 839 15.42 8.01 -23.22
C VAL A 839 14.96 9.45 -23.35
N ASP A 840 13.70 9.66 -23.70
CA ASP A 840 13.21 10.98 -24.06
C ASP A 840 12.42 11.64 -22.95
N SER A 841 12.36 11.02 -21.77
CA SER A 841 11.49 11.49 -20.69
C SER A 841 10.05 11.61 -21.17
N GLU A 842 9.62 10.66 -22.00
CA GLU A 842 8.25 10.64 -22.48
C GLU A 842 7.40 9.51 -21.91
N VAL A 843 7.99 8.37 -21.60
CA VAL A 843 7.26 7.19 -21.15
C VAL A 843 7.76 6.78 -19.77
N ILE A 844 6.83 6.56 -18.85
CA ILE A 844 7.15 6.02 -17.52
C ILE A 844 7.30 4.51 -17.68
N LEU A 845 8.54 4.03 -17.69
CA LEU A 845 8.76 2.58 -17.79
C LEU A 845 8.36 1.89 -16.50
N HIS A 846 8.58 2.55 -15.36
CA HIS A 846 8.18 1.94 -14.10
C HIS A 846 7.91 3.05 -13.08
N HIS A 847 7.07 2.77 -12.11
CA HIS A 847 6.79 3.76 -11.07
C HIS A 847 6.27 3.07 -9.84
N GLU A 848 6.60 3.65 -8.68
CA GLU A 848 6.05 3.11 -7.45
C GLU A 848 6.13 4.15 -6.34
N TYR A 849 5.22 4.03 -5.38
CA TYR A 849 5.15 4.92 -4.23
C TYR A 849 6.22 4.53 -3.22
N PHE A 850 6.89 5.53 -2.64
CA PHE A 850 7.96 5.30 -1.66
C PHE A 850 7.66 6.11 -0.41
N LEU A 851 7.64 5.47 0.75
CA LEU A 851 7.31 6.13 2.00
C LEU A 851 8.52 6.12 2.92
N LEU A 852 9.03 7.29 3.26
CA LEU A 852 10.14 7.42 4.19
C LEU A 852 9.58 7.72 5.57
N LYS A 853 9.61 6.72 6.46
CA LYS A 853 9.11 6.90 7.82
C LYS A 853 10.19 7.56 8.69
N ALA A 854 9.72 8.28 9.71
CA ALA A 854 10.64 8.97 10.63
C ALA A 854 11.60 8.00 11.28
N LYS A 855 11.16 6.79 11.59
CA LYS A 855 12.04 5.83 12.26
C LYS A 855 13.16 5.32 11.37
N TYR A 856 13.08 5.53 10.05
CA TYR A 856 14.13 5.10 9.13
C TYR A 856 14.73 6.28 8.39
N ALA A 857 14.54 7.49 8.92
CA ALA A 857 14.99 8.71 8.24
C ALA A 857 16.51 8.78 8.06
N GLN A 858 17.27 7.98 8.79
CA GLN A 858 18.72 8.01 8.65
C GLN A 858 19.26 6.78 7.93
N ASP A 859 18.38 5.95 7.38
CA ASP A 859 18.77 4.65 6.83
C ASP A 859 18.66 4.63 5.31
N GLU A 860 19.61 3.97 4.66
CA GLU A 860 19.45 3.68 3.25
C GLU A 860 18.22 2.80 3.03
N HIS A 861 17.52 3.02 1.92
CA HIS A 861 16.43 2.15 1.51
C HIS A 861 16.78 1.55 0.15
N LEU A 862 16.44 0.28 -0.01
CA LEU A 862 16.74 -0.47 -1.21
C LEU A 862 15.46 -0.79 -1.95
N ILE A 863 15.43 -0.48 -3.24
CA ILE A 863 14.28 -0.68 -4.09
C ILE A 863 14.76 -1.46 -5.29
N THR A 864 13.99 -2.45 -5.73
CA THR A 864 14.41 -3.27 -6.86
C THR A 864 13.27 -3.40 -7.84
N PHE A 865 13.58 -3.26 -9.13
CA PHE A 865 12.53 -3.40 -10.15
C PHE A 865 13.16 -3.85 -11.46
N PHE A 866 12.31 -4.23 -12.41
CA PHE A 866 12.75 -4.63 -13.74
C PHE A 866 12.33 -3.60 -14.77
N VAL A 867 13.19 -3.41 -15.78
CA VAL A 867 12.83 -2.56 -16.91
C VAL A 867 13.31 -3.24 -18.19
N PRO A 868 12.54 -3.06 -19.28
CA PRO A 868 12.97 -3.59 -20.57
C PRO A 868 14.11 -2.76 -21.13
N VAL A 869 14.94 -3.44 -21.91
CA VAL A 869 16.05 -2.84 -22.64
C VAL A 869 16.11 -3.52 -23.99
N PHE A 870 16.85 -2.92 -24.93
CA PHE A 870 16.85 -3.44 -26.29
C PHE A 870 18.23 -3.24 -26.91
N GLU A 871 18.38 -3.77 -28.12
CA GLU A 871 19.63 -3.66 -28.87
C GLU A 871 19.36 -2.98 -30.21
N PRO A 872 20.19 -1.99 -30.59
CA PRO A 872 21.34 -1.45 -29.85
C PRO A 872 20.87 -0.72 -28.59
N LEU A 873 21.67 -0.76 -27.52
CA LEU A 873 21.25 -0.19 -26.27
C LEU A 873 20.89 1.29 -26.43
N PRO A 874 19.88 1.77 -25.73
CA PRO A 874 19.60 3.20 -25.71
C PRO A 874 20.64 3.94 -24.90
N PRO A 875 20.82 5.25 -25.13
CA PRO A 875 21.80 6.02 -24.36
C PRO A 875 21.61 5.90 -22.85
N GLN A 876 20.42 6.20 -22.34
CA GLN A 876 20.22 6.24 -20.90
C GLN A 876 18.73 6.18 -20.59
N TYR A 877 18.42 5.71 -19.39
CA TYR A 877 17.13 5.92 -18.74
C TYR A 877 17.29 6.96 -17.64
N PHE A 878 16.20 7.29 -16.95
CA PHE A 878 16.28 8.25 -15.86
C PHE A 878 15.47 7.74 -14.69
N ILE A 879 15.98 7.96 -13.48
CA ILE A 879 15.22 7.69 -12.26
C ILE A 879 14.96 9.03 -11.57
N ARG A 880 13.70 9.45 -11.56
CA ARG A 880 13.26 10.63 -10.85
C ARG A 880 12.64 10.19 -9.54
N VAL A 881 13.03 10.82 -8.45
CA VAL A 881 12.32 10.65 -7.20
C VAL A 881 11.83 12.01 -6.79
N VAL A 882 10.51 12.15 -6.70
CA VAL A 882 9.88 13.46 -6.51
C VAL A 882 8.92 13.40 -5.32
N SER A 883 8.95 14.44 -4.49
CA SER A 883 8.07 14.51 -3.33
C SER A 883 6.60 14.54 -3.77
N ASP A 884 5.74 13.91 -2.97
CA ASP A 884 4.32 13.89 -3.26
C ASP A 884 3.61 15.14 -2.78
N ARG A 885 4.26 15.94 -1.94
CA ARG A 885 3.64 17.17 -1.44
C ARG A 885 4.53 18.41 -1.46
N TRP A 886 5.85 18.30 -1.45
CA TRP A 886 6.69 19.51 -1.48
C TRP A 886 6.93 19.91 -2.92
N LEU A 887 6.76 21.20 -3.20
CA LEU A 887 7.20 21.75 -4.47
C LEU A 887 8.72 21.85 -4.53
N SER A 888 9.26 21.70 -5.74
CA SER A 888 10.70 21.80 -6.00
C SER A 888 11.48 20.86 -5.11
N CYS A 889 10.97 19.65 -4.95
CA CYS A 889 11.66 18.65 -4.13
C CYS A 889 11.80 17.39 -4.98
N GLU A 890 12.95 17.24 -5.63
CA GLU A 890 13.13 16.16 -6.59
C GLU A 890 14.61 15.91 -6.83
N THR A 891 14.94 14.65 -7.09
CA THR A 891 16.26 14.26 -7.54
C THR A 891 16.16 13.38 -8.79
N GLN A 892 16.89 13.72 -9.83
CA GLN A 892 16.95 12.89 -11.02
C GLN A 892 18.34 12.30 -11.18
N LEU A 893 18.42 10.99 -11.31
CA LEU A 893 19.67 10.27 -11.54
C LEU A 893 19.67 9.69 -12.94
N PRO A 894 20.55 10.14 -13.83
CA PRO A 894 20.65 9.50 -15.14
C PRO A 894 21.24 8.11 -14.99
N VAL A 895 20.67 7.16 -15.71
CA VAL A 895 21.20 5.81 -15.78
C VAL A 895 21.72 5.56 -17.19
N SER A 896 22.98 5.90 -17.42
CA SER A 896 23.60 5.66 -18.71
C SER A 896 23.98 4.19 -18.87
N PHE A 897 23.99 3.74 -20.12
CA PHE A 897 24.27 2.35 -20.46
C PHE A 897 25.56 2.19 -21.25
N ARG A 898 26.40 3.22 -21.26
CA ARG A 898 27.60 3.19 -22.10
C ARG A 898 28.50 2.02 -21.74
N HIS A 899 28.50 1.59 -20.47
CA HIS A 899 29.38 0.52 -20.01
C HIS A 899 28.58 -0.67 -19.46
N LEU A 900 27.30 -0.77 -19.80
CA LEU A 900 26.55 -1.96 -19.43
C LEU A 900 27.08 -3.15 -20.21
N ILE A 901 27.51 -4.19 -19.48
CA ILE A 901 27.94 -5.46 -20.07
C ILE A 901 26.74 -6.41 -20.04
N LEU A 902 26.13 -6.62 -21.21
CA LEU A 902 25.04 -7.57 -21.40
C LEU A 902 25.56 -9.01 -21.42
N PRO A 903 24.76 -9.95 -20.91
CA PRO A 903 25.14 -11.36 -21.02
C PRO A 903 25.02 -11.84 -22.46
N GLU A 904 25.74 -12.91 -22.76
CA GLU A 904 25.69 -13.46 -24.11
C GLU A 904 24.31 -14.05 -24.37
N LYS A 905 23.83 -13.88 -25.60
CA LYS A 905 22.59 -14.49 -26.04
C LYS A 905 22.61 -15.99 -25.73
N TYR A 906 21.51 -16.51 -25.20
CA TYR A 906 21.56 -17.88 -24.70
C TYR A 906 21.61 -18.87 -25.87
N PRO A 907 22.20 -20.05 -25.65
CA PRO A 907 22.42 -21.00 -26.74
C PRO A 907 21.12 -21.64 -27.16
N PRO A 908 21.11 -22.38 -28.28
CA PRO A 908 19.91 -23.08 -28.69
C PRO A 908 19.62 -24.25 -27.76
N PRO A 909 18.38 -24.69 -27.67
CA PRO A 909 18.07 -25.88 -26.86
C PRO A 909 18.70 -27.13 -27.44
N THR A 910 18.82 -28.14 -26.57
CA THR A 910 19.10 -29.48 -27.05
C THR A 910 17.96 -29.95 -27.93
N GLU A 911 18.28 -30.36 -29.16
CA GLU A 911 17.25 -30.85 -30.07
C GLU A 911 16.59 -32.09 -29.48
N LEU A 912 15.25 -32.12 -29.53
CA LEU A 912 14.51 -33.31 -29.18
C LEU A 912 14.50 -34.25 -30.37
N LEU A 913 15.24 -35.35 -30.27
CA LEU A 913 15.32 -36.31 -31.36
C LEU A 913 14.07 -37.17 -31.37
N ASP A 914 13.55 -37.42 -32.58
CA ASP A 914 12.37 -38.25 -32.76
C ASP A 914 12.81 -39.71 -32.65
N LEU A 915 12.58 -40.30 -31.49
CA LEU A 915 13.00 -41.66 -31.19
C LEU A 915 11.78 -42.54 -31.04
N GLN A 916 11.94 -43.81 -31.36
CA GLN A 916 10.87 -44.76 -31.10
C GLN A 916 10.62 -44.82 -29.60
N PRO A 917 9.39 -44.68 -29.15
CA PRO A 917 9.14 -44.66 -27.70
C PRO A 917 9.78 -45.85 -27.02
N LEU A 918 10.49 -45.59 -25.94
CA LEU A 918 11.27 -46.64 -25.28
C LEU A 918 10.36 -47.51 -24.43
N PRO A 919 10.22 -48.80 -24.76
CA PRO A 919 9.37 -49.68 -23.92
C PRO A 919 9.98 -49.91 -22.55
N VAL A 920 9.11 -50.21 -21.58
CA VAL A 920 9.56 -50.50 -20.22
C VAL A 920 10.57 -51.66 -20.22
N SER A 921 10.36 -52.63 -21.12
CA SER A 921 11.24 -53.80 -21.19
C SER A 921 12.70 -53.43 -21.45
N ALA A 922 12.97 -52.20 -21.90
CA ALA A 922 14.35 -51.76 -22.09
C ALA A 922 15.15 -51.82 -20.81
N LEU A 923 14.50 -51.82 -19.64
CA LEU A 923 15.25 -51.94 -18.40
C LEU A 923 15.95 -53.30 -18.27
N ARG A 924 15.54 -54.30 -19.05
CA ARG A 924 16.04 -55.68 -19.02
C ARG A 924 16.20 -56.17 -17.58
N ASN A 925 15.07 -56.24 -16.87
CA ASN A 925 15.02 -56.68 -15.48
C ASN A 925 13.59 -56.76 -14.99
N SER A 926 13.03 -57.97 -14.89
CA SER A 926 11.61 -58.13 -14.60
C SER A 926 11.22 -57.44 -13.30
N ALA A 927 12.03 -57.60 -12.25
CA ALA A 927 11.83 -56.85 -11.02
C ALA A 927 11.75 -55.35 -11.30
N PHE A 928 12.78 -54.80 -11.96
CA PHE A 928 12.78 -53.37 -12.25
C PHE A 928 11.59 -52.97 -13.09
N GLU A 929 11.24 -53.80 -14.06
CA GLU A 929 10.11 -53.50 -14.95
C GLU A 929 8.78 -53.53 -14.23
N SER A 930 8.67 -54.25 -13.11
CA SER A 930 7.39 -54.29 -12.41
C SER A 930 7.02 -52.96 -11.76
N LEU A 931 7.94 -51.98 -11.74
CA LEU A 931 7.61 -50.68 -11.16
C LEU A 931 6.71 -49.84 -12.06
N TYR A 932 6.78 -50.02 -13.38
CA TYR A 932 6.09 -49.15 -14.32
C TYR A 932 5.16 -49.85 -15.30
N GLN A 933 5.27 -51.17 -15.45
CA GLN A 933 4.61 -51.85 -16.56
C GLN A 933 3.09 -51.75 -16.47
N ASP A 934 2.56 -51.64 -15.25
CA ASP A 934 1.12 -51.45 -15.07
C ASP A 934 0.68 -50.01 -15.30
N LYS A 935 1.62 -49.06 -15.28
CA LYS A 935 1.28 -47.65 -15.41
C LYS A 935 1.22 -47.18 -16.86
N PHE A 936 2.20 -47.57 -17.68
CA PHE A 936 2.27 -47.10 -19.05
C PHE A 936 3.06 -48.11 -19.88
N PRO A 937 2.93 -48.06 -21.21
CA PRO A 937 3.71 -48.98 -22.05
C PRO A 937 5.06 -48.43 -22.47
N PHE A 938 5.20 -47.10 -22.54
CA PHE A 938 6.40 -46.46 -23.06
C PHE A 938 6.73 -45.21 -22.25
N PHE A 939 8.01 -44.86 -22.25
CA PHE A 939 8.45 -43.61 -21.64
C PHE A 939 8.29 -42.45 -22.62
N ASN A 940 8.10 -41.25 -22.08
CA ASN A 940 7.86 -40.10 -22.93
C ASN A 940 9.14 -39.78 -23.71
N PRO A 941 9.13 -38.82 -24.64
CA PRO A 941 10.34 -38.58 -25.45
C PRO A 941 11.57 -38.17 -24.67
N ILE A 942 11.42 -37.41 -23.58
CA ILE A 942 12.60 -36.95 -22.84
C ILE A 942 13.27 -38.14 -22.14
N GLN A 943 12.48 -38.91 -21.38
CA GLN A 943 12.98 -40.12 -20.75
C GLN A 943 13.63 -41.04 -21.78
N THR A 944 12.97 -41.22 -22.94
CA THR A 944 13.53 -42.03 -24.01
C THR A 944 14.90 -41.53 -24.45
N GLN A 945 15.05 -40.20 -24.57
CA GLN A 945 16.28 -39.62 -25.07
C GLN A 945 17.43 -39.69 -24.06
N VAL A 946 17.13 -39.57 -22.77
CA VAL A 946 18.21 -39.54 -21.79
C VAL A 946 18.53 -40.92 -21.22
N PHE A 947 17.67 -41.90 -21.46
CA PHE A 947 17.80 -43.22 -20.83
C PHE A 947 19.18 -43.82 -20.99
N ASN A 948 19.73 -43.80 -22.21
CA ASN A 948 20.99 -44.48 -22.46
C ASN A 948 22.09 -43.91 -21.56
N THR A 949 22.18 -42.59 -21.47
CA THR A 949 23.17 -41.94 -20.62
C THR A 949 22.92 -42.23 -19.14
N VAL A 950 21.66 -42.15 -18.72
CA VAL A 950 21.39 -42.28 -17.29
C VAL A 950 21.60 -43.71 -16.82
N TYR A 951 21.19 -44.67 -17.64
CA TYR A 951 21.10 -46.07 -17.25
C TYR A 951 22.32 -46.88 -17.65
N ASN A 952 23.04 -46.48 -18.70
CA ASN A 952 24.13 -47.26 -19.28
C ASN A 952 25.48 -46.56 -19.18
N SER A 953 25.60 -45.53 -18.35
CA SER A 953 26.87 -44.86 -18.13
C SER A 953 26.86 -44.28 -16.73
N ASP A 954 28.00 -43.77 -16.30
CA ASP A 954 28.13 -43.18 -14.97
C ASP A 954 28.38 -41.68 -15.03
N ASP A 955 28.24 -41.08 -16.20
CA ASP A 955 28.47 -39.65 -16.37
C ASP A 955 27.52 -38.85 -15.49
N ASN A 956 28.00 -37.71 -15.01
CA ASN A 956 27.11 -36.75 -14.41
C ASN A 956 26.17 -36.22 -15.50
N VAL A 957 24.92 -35.95 -15.13
CA VAL A 957 23.88 -35.66 -16.11
C VAL A 957 23.09 -34.43 -15.68
N PHE A 958 22.77 -33.58 -16.64
CA PHE A 958 21.84 -32.47 -16.44
C PHE A 958 20.65 -32.69 -17.35
N VAL A 959 19.45 -32.64 -16.79
CA VAL A 959 18.20 -32.74 -17.54
C VAL A 959 17.38 -31.51 -17.19
N GLY A 960 17.29 -30.57 -18.13
CA GLY A 960 16.44 -29.41 -18.01
C GLY A 960 15.25 -29.53 -18.96
N ALA A 961 14.06 -29.28 -18.42
CA ALA A 961 12.81 -29.49 -19.12
C ALA A 961 11.66 -28.88 -18.31
N PRO A 962 10.56 -28.48 -18.96
CA PRO A 962 9.43 -27.91 -18.21
C PRO A 962 8.93 -28.86 -17.13
N THR A 963 8.42 -28.28 -16.05
CA THR A 963 7.71 -29.06 -15.04
C THR A 963 6.62 -29.88 -15.69
N GLY A 964 6.50 -31.13 -15.29
CA GLY A 964 5.58 -32.03 -15.94
C GLY A 964 6.16 -32.84 -17.09
N SER A 965 7.47 -32.78 -17.30
CA SER A 965 8.11 -33.61 -18.31
C SER A 965 8.52 -34.98 -17.78
N GLY A 966 8.30 -35.24 -16.49
CA GLY A 966 8.64 -36.52 -15.92
C GLY A 966 10.11 -36.75 -15.64
N LYS A 967 10.82 -35.71 -15.16
CA LYS A 967 12.25 -35.83 -14.87
C LYS A 967 12.54 -36.75 -13.67
N THR A 968 11.53 -36.98 -12.83
CA THR A 968 11.72 -37.86 -11.69
C THR A 968 12.06 -39.28 -12.16
N ILE A 969 11.46 -39.71 -13.28
CA ILE A 969 11.77 -41.04 -13.78
C ILE A 969 13.22 -41.13 -14.23
N CYS A 970 13.78 -40.03 -14.73
CA CYS A 970 15.20 -40.03 -15.08
C CYS A 970 16.06 -40.26 -13.83
N ALA A 971 15.72 -39.57 -12.74
CA ALA A 971 16.40 -39.88 -11.47
C ALA A 971 16.28 -41.36 -11.14
N GLU A 972 15.10 -41.93 -11.36
CA GLU A 972 14.91 -43.35 -11.04
C GLU A 972 15.80 -44.24 -11.92
N PHE A 973 16.00 -43.88 -13.18
CA PHE A 973 16.93 -44.60 -14.04
C PHE A 973 18.31 -44.68 -13.39
N ALA A 974 18.78 -43.53 -12.88
CA ALA A 974 20.08 -43.52 -12.21
C ALA A 974 20.08 -44.43 -10.98
N ILE A 975 19.01 -44.37 -10.18
CA ILE A 975 18.95 -45.17 -8.96
C ILE A 975 18.98 -46.66 -9.29
N LEU A 976 18.27 -47.06 -10.34
CA LEU A 976 18.28 -48.47 -10.74
C LEU A 976 19.68 -48.91 -11.17
N ARG A 977 20.37 -48.08 -11.97
CA ARG A 977 21.74 -48.42 -12.33
C ARG A 977 22.59 -48.61 -11.07
N MET A 978 22.46 -47.70 -10.11
CA MET A 978 23.20 -47.82 -8.86
C MET A 978 22.90 -49.14 -8.16
N LEU A 979 21.63 -49.54 -8.15
CA LEU A 979 21.25 -50.80 -7.51
C LEU A 979 21.89 -51.99 -8.20
N LEU A 980 22.12 -51.90 -9.51
CA LEU A 980 22.86 -52.97 -10.18
C LEU A 980 24.35 -52.94 -9.88
N GLN A 981 24.94 -51.78 -9.60
CA GLN A 981 26.38 -51.77 -9.36
C GLN A 981 26.75 -52.17 -7.93
N SER A 982 25.87 -51.94 -6.97
CA SER A 982 26.22 -52.12 -5.56
C SER A 982 24.96 -52.50 -4.80
N SER A 983 24.95 -53.70 -4.23
CA SER A 983 23.77 -54.15 -3.51
C SER A 983 23.41 -53.21 -2.37
N GLU A 984 24.41 -52.55 -1.77
CA GLU A 984 24.13 -51.57 -0.73
C GLU A 984 24.56 -50.18 -1.18
N GLY A 985 24.13 -49.77 -2.37
CA GLY A 985 24.40 -48.43 -2.83
C GLY A 985 23.59 -47.40 -2.08
N ARG A 986 24.18 -46.22 -1.92
CA ARG A 986 23.51 -45.12 -1.24
C ARG A 986 23.33 -43.97 -2.23
N CYS A 987 22.08 -43.67 -2.54
CA CYS A 987 21.70 -42.48 -3.29
C CYS A 987 21.07 -41.48 -2.34
N VAL A 988 21.55 -40.23 -2.39
CA VAL A 988 20.94 -39.12 -1.65
C VAL A 988 20.22 -38.24 -2.67
N TYR A 989 18.94 -37.97 -2.40
CA TYR A 989 18.07 -37.19 -3.26
C TYR A 989 17.65 -35.92 -2.53
N ILE A 990 17.90 -34.78 -3.15
CA ILE A 990 17.61 -33.47 -2.58
C ILE A 990 16.52 -32.80 -3.42
N THR A 991 15.51 -32.28 -2.76
CA THR A 991 14.47 -31.47 -3.38
C THR A 991 14.22 -30.28 -2.47
N PRO A 992 13.87 -29.11 -3.03
CA PRO A 992 13.96 -27.87 -2.24
C PRO A 992 12.77 -27.59 -1.32
N MET A 993 11.63 -28.25 -1.51
CA MET A 993 10.45 -28.02 -0.68
C MET A 993 10.09 -29.29 0.06
N GLU A 994 9.65 -29.15 1.31
CA GLU A 994 9.38 -30.33 2.12
C GLU A 994 8.15 -31.11 1.61
N ALA A 995 7.16 -30.42 1.04
CA ALA A 995 5.98 -31.12 0.53
C ALA A 995 6.33 -32.03 -0.64
N LEU A 996 7.20 -31.55 -1.53
CA LEU A 996 7.71 -32.39 -2.61
C LEU A 996 8.48 -33.59 -2.06
N ALA A 997 9.30 -33.37 -1.03
CA ALA A 997 10.02 -34.46 -0.39
C ALA A 997 9.07 -35.52 0.11
N GLU A 998 7.95 -35.11 0.72
CA GLU A 998 6.98 -36.08 1.24
C GLU A 998 6.34 -36.88 0.11
N GLN A 999 5.93 -36.21 -0.98
CA GLN A 999 5.32 -36.92 -2.09
C GLN A 999 6.29 -37.94 -2.70
N VAL A 1000 7.53 -37.49 -2.97
CA VAL A 1000 8.55 -38.38 -3.50
C VAL A 1000 8.79 -39.54 -2.54
N TYR A 1001 8.74 -39.28 -1.23
CA TYR A 1001 8.97 -40.34 -0.26
C TYR A 1001 7.90 -41.42 -0.36
N MET A 1002 6.64 -41.00 -0.53
CA MET A 1002 5.57 -42.00 -0.69
C MET A 1002 5.77 -42.83 -1.95
N ASP A 1003 5.96 -42.18 -3.10
CA ASP A 1003 6.11 -42.93 -4.35
C ASP A 1003 7.34 -43.82 -4.34
N TRP A 1004 8.47 -43.32 -3.84
CA TRP A 1004 9.72 -44.06 -3.86
C TRP A 1004 9.77 -45.15 -2.79
N TYR A 1005 9.04 -44.97 -1.69
CA TYR A 1005 8.84 -46.09 -0.77
C TYR A 1005 8.12 -47.22 -1.49
N GLU A 1006 7.04 -46.88 -2.19
CA GLU A 1006 6.31 -47.91 -2.94
C GLU A 1006 7.23 -48.64 -3.90
N LYS A 1007 8.00 -47.89 -4.70
CA LYS A 1007 8.82 -48.51 -5.74
C LYS A 1007 9.97 -49.31 -5.14
N PHE A 1008 10.86 -48.64 -4.39
CA PHE A 1008 12.15 -49.24 -4.07
C PHE A 1008 12.14 -50.04 -2.77
N GLN A 1009 11.26 -49.72 -1.83
CA GLN A 1009 11.18 -50.51 -0.60
C GLN A 1009 10.21 -51.67 -0.76
N ASP A 1010 8.96 -51.37 -1.10
CA ASP A 1010 7.96 -52.43 -1.23
C ASP A 1010 8.29 -53.38 -2.36
N ARG A 1011 8.53 -52.85 -3.57
CA ARG A 1011 8.67 -53.74 -4.72
C ARG A 1011 10.11 -54.20 -4.96
N LEU A 1012 11.11 -53.42 -4.57
CA LEU A 1012 12.50 -53.84 -4.77
C LEU A 1012 13.20 -54.25 -3.50
N ASN A 1013 12.57 -54.06 -2.33
CA ASN A 1013 13.09 -54.52 -1.04
C ASN A 1013 14.37 -53.80 -0.65
N LYS A 1014 14.49 -52.53 -1.04
CA LYS A 1014 15.55 -51.66 -0.58
C LYS A 1014 15.03 -50.79 0.57
N LYS A 1015 15.94 -50.01 1.16
CA LYS A 1015 15.59 -49.13 2.27
C LYS A 1015 15.44 -47.70 1.75
N VAL A 1016 14.24 -47.15 1.89
CA VAL A 1016 13.94 -45.77 1.53
C VAL A 1016 13.65 -45.00 2.80
N VAL A 1017 14.30 -43.84 2.97
CA VAL A 1017 14.20 -43.05 4.19
C VAL A 1017 14.03 -41.58 3.84
N LEU A 1018 13.39 -40.86 4.75
CA LEU A 1018 13.18 -39.42 4.65
C LEU A 1018 13.92 -38.76 5.80
N LEU A 1019 14.83 -37.84 5.50
CA LEU A 1019 15.54 -37.16 6.58
C LEU A 1019 14.58 -36.28 7.36
N THR A 1020 14.70 -36.33 8.69
CA THR A 1020 13.77 -35.65 9.59
C THR A 1020 14.27 -34.29 10.05
N GLY A 1021 15.59 -34.08 10.07
CA GLY A 1021 16.20 -32.91 10.65
C GLY A 1021 16.91 -33.18 11.96
N GLU A 1022 16.71 -34.35 12.56
CA GLU A 1022 17.35 -34.72 13.81
C GLU A 1022 18.66 -35.46 13.51
N THR A 1023 19.77 -34.95 14.05
CA THR A 1023 21.09 -35.45 13.64
C THR A 1023 21.26 -36.94 13.93
N SER A 1024 20.92 -37.38 15.13
CA SER A 1024 21.13 -38.79 15.48
C SER A 1024 20.26 -39.70 14.62
N THR A 1025 18.96 -39.42 14.58
CA THR A 1025 18.04 -40.13 13.70
C THR A 1025 18.52 -40.11 12.26
N ASP A 1026 18.96 -38.95 11.77
CA ASP A 1026 19.30 -38.83 10.36
C ASP A 1026 20.58 -39.58 10.02
N LEU A 1027 21.55 -39.61 10.93
CA LEU A 1027 22.74 -40.42 10.72
C LEU A 1027 22.39 -41.89 10.65
N LYS A 1028 21.47 -42.34 11.52
CA LYS A 1028 20.99 -43.72 11.41
C LYS A 1028 20.36 -43.98 10.05
N LEU A 1029 19.45 -43.08 9.64
CA LEU A 1029 18.77 -43.24 8.35
C LEU A 1029 19.77 -43.28 7.21
N LEU A 1030 20.84 -42.49 7.30
CA LEU A 1030 21.87 -42.49 6.27
C LEU A 1030 22.60 -43.83 6.23
N GLY A 1031 22.93 -44.36 7.40
CA GLY A 1031 23.59 -45.66 7.43
C GLY A 1031 22.74 -46.76 6.81
N LYS A 1032 21.45 -46.81 7.19
CA LYS A 1032 20.63 -47.94 6.80
C LYS A 1032 19.98 -47.77 5.42
N GLY A 1033 19.74 -46.54 4.96
CA GLY A 1033 18.97 -46.33 3.75
C GLY A 1033 19.80 -46.45 2.48
N ASN A 1034 19.13 -46.91 1.41
CA ASN A 1034 19.70 -46.89 0.07
C ASN A 1034 19.26 -45.66 -0.73
N ILE A 1035 18.04 -45.19 -0.51
CA ILE A 1035 17.52 -43.95 -1.07
C ILE A 1035 17.18 -43.03 0.09
N ILE A 1036 17.88 -41.91 0.18
CA ILE A 1036 17.75 -40.97 1.29
C ILE A 1036 17.18 -39.66 0.74
N ILE A 1037 15.95 -39.32 1.13
CA ILE A 1037 15.27 -38.11 0.65
C ILE A 1037 15.42 -37.00 1.68
N SER A 1038 15.88 -35.83 1.23
CA SER A 1038 16.13 -34.73 2.15
C SER A 1038 15.92 -33.38 1.47
N THR A 1039 15.47 -32.40 2.25
CA THR A 1039 15.51 -31.00 1.86
C THR A 1039 16.94 -30.48 1.98
N PRO A 1040 17.23 -29.29 1.43
CA PRO A 1040 18.62 -28.81 1.44
C PRO A 1040 19.25 -28.64 2.81
N GLU A 1041 18.58 -28.02 3.78
CA GLU A 1041 19.24 -27.68 5.03
C GLU A 1041 19.53 -28.92 5.87
N LYS A 1042 18.64 -29.91 5.84
CA LYS A 1042 18.93 -31.15 6.55
C LYS A 1042 20.20 -31.78 6.02
N TRP A 1043 20.36 -31.82 4.70
CA TRP A 1043 21.59 -32.35 4.12
C TRP A 1043 22.78 -31.45 4.40
N ASP A 1044 22.57 -30.14 4.51
CA ASP A 1044 23.68 -29.24 4.79
C ASP A 1044 24.26 -29.52 6.19
N ILE A 1045 23.39 -29.59 7.20
CA ILE A 1045 23.88 -29.87 8.53
C ILE A 1045 24.54 -31.24 8.59
N LEU A 1046 23.98 -32.24 7.89
CA LEU A 1046 24.64 -33.54 7.87
C LEU A 1046 26.00 -33.48 7.20
N SER A 1047 26.07 -32.84 6.03
CA SER A 1047 27.22 -32.98 5.16
C SER A 1047 28.35 -32.02 5.48
N ARG A 1048 28.13 -31.07 6.40
CA ARG A 1048 29.24 -30.23 6.84
C ARG A 1048 30.33 -31.05 7.53
N ARG A 1049 29.95 -32.06 8.27
CA ARG A 1049 30.85 -32.96 8.99
C ARG A 1049 31.32 -34.13 8.15
N TRP A 1050 31.52 -33.92 6.84
CA TRP A 1050 31.80 -35.05 5.98
C TRP A 1050 33.16 -35.67 6.27
N LYS A 1051 34.10 -34.87 6.75
CA LYS A 1051 35.42 -35.38 7.08
C LYS A 1051 35.35 -36.48 8.14
N GLN A 1052 34.41 -36.36 9.08
CA GLN A 1052 34.26 -37.30 10.18
C GLN A 1052 33.05 -38.20 10.01
N ARG A 1053 32.43 -38.22 8.84
CA ARG A 1053 31.23 -39.00 8.57
C ARG A 1053 31.43 -39.70 7.23
N LYS A 1054 31.76 -40.99 7.29
CA LYS A 1054 32.13 -41.72 6.08
C LYS A 1054 30.92 -42.11 5.23
N ASN A 1055 29.75 -42.24 5.86
CA ASN A 1055 28.56 -42.49 5.06
C ASN A 1055 28.24 -41.31 4.13
N VAL A 1056 28.71 -40.11 4.49
CA VAL A 1056 28.54 -38.95 3.62
C VAL A 1056 29.49 -39.02 2.45
N GLN A 1057 30.68 -39.60 2.65
CA GLN A 1057 31.61 -39.74 1.55
C GLN A 1057 31.27 -40.92 0.66
N ASN A 1058 30.91 -42.06 1.26
CA ASN A 1058 30.55 -43.24 0.51
C ASN A 1058 29.13 -43.13 -0.02
N ILE A 1059 28.84 -42.02 -0.68
CA ILE A 1059 27.58 -41.81 -1.38
C ILE A 1059 27.84 -42.14 -2.85
N ASN A 1060 27.08 -43.10 -3.38
CA ASN A 1060 27.28 -43.52 -4.77
C ASN A 1060 26.66 -42.57 -5.77
N LEU A 1061 25.53 -41.93 -5.42
CA LEU A 1061 24.74 -41.15 -6.35
C LEU A 1061 24.07 -40.01 -5.61
N PHE A 1062 24.14 -38.82 -6.19
CA PHE A 1062 23.57 -37.60 -5.62
C PHE A 1062 22.64 -36.97 -6.67
N VAL A 1063 21.35 -36.96 -6.39
CA VAL A 1063 20.37 -36.37 -7.28
C VAL A 1063 19.85 -35.09 -6.67
N VAL A 1064 19.87 -34.01 -7.44
CA VAL A 1064 19.30 -32.74 -6.99
C VAL A 1064 18.16 -32.36 -7.94
N ASP A 1065 16.97 -32.15 -7.39
CA ASP A 1065 15.77 -31.83 -8.14
C ASP A 1065 15.44 -30.35 -8.01
N GLU A 1066 14.75 -29.82 -9.01
CA GLU A 1066 14.38 -28.40 -9.08
C GLU A 1066 15.61 -27.53 -8.79
N VAL A 1067 16.69 -27.83 -9.50
CA VAL A 1067 17.94 -27.12 -9.23
C VAL A 1067 17.87 -25.65 -9.66
N HIS A 1068 16.97 -25.29 -10.60
CA HIS A 1068 16.85 -23.88 -10.95
C HIS A 1068 16.58 -23.01 -9.72
N LEU A 1069 16.08 -23.58 -8.62
CA LEU A 1069 15.75 -22.80 -7.43
C LEU A 1069 17.01 -22.27 -6.75
N ILE A 1070 18.20 -22.64 -7.26
CA ILE A 1070 19.41 -21.97 -6.78
C ILE A 1070 19.29 -20.47 -6.98
N GLY A 1071 18.53 -20.05 -8.00
CA GLY A 1071 18.37 -18.64 -8.24
C GLY A 1071 17.34 -17.95 -7.39
N GLY A 1072 16.63 -18.70 -6.53
CA GLY A 1072 15.54 -18.17 -5.75
C GLY A 1072 15.94 -17.81 -4.33
N GLU A 1073 14.91 -17.54 -3.52
CA GLU A 1073 15.13 -16.95 -2.20
C GLU A 1073 15.96 -17.86 -1.31
N ASN A 1074 15.86 -19.18 -1.48
CA ASN A 1074 16.57 -20.12 -0.64
C ASN A 1074 17.70 -20.84 -1.37
N GLY A 1075 18.09 -20.36 -2.56
CA GLY A 1075 19.08 -21.01 -3.39
C GLY A 1075 20.47 -21.20 -2.81
N PRO A 1076 20.98 -20.26 -1.99
CA PRO A 1076 22.37 -20.43 -1.50
C PRO A 1076 22.68 -21.76 -0.81
N VAL A 1077 21.82 -22.26 0.10
CA VAL A 1077 22.12 -23.53 0.75
C VAL A 1077 22.17 -24.66 -0.27
N LEU A 1078 21.28 -24.61 -1.27
CA LEU A 1078 21.30 -25.65 -2.31
C LEU A 1078 22.61 -25.60 -3.08
N GLU A 1079 23.02 -24.40 -3.48
CA GLU A 1079 24.28 -24.26 -4.20
C GLU A 1079 25.46 -24.77 -3.37
N VAL A 1080 25.44 -24.49 -2.06
CA VAL A 1080 26.55 -24.92 -1.21
C VAL A 1080 26.61 -26.44 -1.12
N ILE A 1081 25.47 -27.10 -0.85
CA ILE A 1081 25.55 -28.56 -0.69
C ILE A 1081 25.99 -29.20 -1.99
N CYS A 1082 25.55 -28.66 -3.12
CA CYS A 1082 26.00 -29.20 -4.40
C CYS A 1082 27.50 -29.00 -4.60
N SER A 1083 28.00 -27.79 -4.31
CA SER A 1083 29.43 -27.50 -4.40
C SER A 1083 30.22 -28.45 -3.51
N ARG A 1084 29.70 -28.73 -2.33
CA ARG A 1084 30.38 -29.60 -1.40
C ARG A 1084 30.44 -31.03 -1.92
N MET A 1085 29.36 -31.51 -2.55
CA MET A 1085 29.40 -32.86 -3.09
C MET A 1085 30.46 -32.97 -4.19
N ARG A 1086 30.56 -31.96 -5.04
CA ARG A 1086 31.61 -31.99 -6.05
C ARG A 1086 33.00 -31.96 -5.42
N TYR A 1087 33.19 -31.15 -4.38
CA TYR A 1087 34.50 -31.05 -3.73
C TYR A 1087 34.90 -32.36 -3.04
N ILE A 1088 33.96 -32.99 -2.33
CA ILE A 1088 34.22 -34.30 -1.72
C ILE A 1088 34.59 -35.32 -2.79
N SER A 1089 33.81 -35.34 -3.88
CA SER A 1089 34.08 -36.32 -4.92
C SER A 1089 35.47 -36.14 -5.50
N SER A 1090 35.94 -34.90 -5.61
CA SER A 1090 37.31 -34.67 -6.06
C SER A 1090 38.34 -35.10 -5.02
N GLN A 1091 37.98 -35.06 -3.73
CA GLN A 1091 38.93 -35.48 -2.70
C GLN A 1091 39.03 -37.01 -2.53
N ILE A 1092 37.95 -37.76 -2.75
CA ILE A 1092 37.92 -39.15 -2.31
C ILE A 1092 38.41 -40.16 -3.35
N GLU A 1093 38.74 -39.72 -4.56
CA GLU A 1093 39.31 -40.54 -5.64
C GLU A 1093 38.39 -41.66 -6.14
N ARG A 1094 37.18 -41.80 -5.59
CA ARG A 1094 36.12 -42.62 -6.18
C ARG A 1094 34.93 -41.71 -6.40
N PRO A 1095 34.58 -41.37 -7.64
CA PRO A 1095 33.70 -40.22 -7.86
C PRO A 1095 32.25 -40.51 -7.49
N ILE A 1096 31.56 -39.45 -7.07
CA ILE A 1096 30.15 -39.53 -6.72
C ILE A 1096 29.35 -39.01 -7.90
N ARG A 1097 28.52 -39.87 -8.48
CA ARG A 1097 27.77 -39.46 -9.67
C ARG A 1097 26.71 -38.43 -9.29
N ILE A 1098 26.59 -37.37 -10.08
CA ILE A 1098 25.59 -36.33 -9.85
C ILE A 1098 24.63 -36.28 -11.03
N VAL A 1099 23.33 -36.28 -10.71
CA VAL A 1099 22.29 -36.02 -11.69
C VAL A 1099 21.46 -34.82 -11.21
N ALA A 1100 21.38 -33.79 -12.05
CA ALA A 1100 20.64 -32.57 -11.74
C ALA A 1100 19.43 -32.46 -12.67
N LEU A 1101 18.26 -32.18 -12.08
CA LEU A 1101 17.01 -31.99 -12.81
C LEU A 1101 16.57 -30.55 -12.65
N SER A 1102 15.93 -29.99 -13.68
CA SER A 1102 15.68 -28.56 -13.66
C SER A 1102 14.56 -28.19 -14.64
N SER A 1103 13.93 -27.05 -14.37
CA SER A 1103 13.14 -26.38 -15.40
C SER A 1103 14.07 -25.92 -16.52
N SER A 1104 13.49 -25.63 -17.68
CA SER A 1104 14.29 -25.17 -18.80
C SER A 1104 15.11 -23.95 -18.40
N LEU A 1105 16.39 -23.99 -18.74
CA LEU A 1105 17.35 -22.97 -18.36
C LEU A 1105 17.96 -22.37 -19.60
N SER A 1106 17.97 -21.04 -19.68
CA SER A 1106 18.74 -20.39 -20.74
C SER A 1106 20.22 -20.68 -20.57
N ASN A 1107 20.74 -20.56 -19.34
CA ASN A 1107 22.16 -20.83 -19.07
C ASN A 1107 22.36 -22.19 -18.42
N ALA A 1108 21.73 -23.21 -19.03
CA ALA A 1108 21.90 -24.58 -18.57
C ALA A 1108 23.37 -25.00 -18.56
N LYS A 1109 24.14 -24.61 -19.59
CA LYS A 1109 25.51 -25.08 -19.70
C LYS A 1109 26.35 -24.69 -18.49
N ASP A 1110 26.11 -23.50 -17.93
CA ASP A 1110 26.83 -23.09 -16.73
C ASP A 1110 26.54 -24.05 -15.56
N VAL A 1111 25.26 -24.35 -15.33
CA VAL A 1111 24.91 -25.28 -14.26
C VAL A 1111 25.60 -26.62 -14.51
N ALA A 1112 25.53 -27.10 -15.74
CA ALA A 1112 26.12 -28.40 -16.06
C ALA A 1112 27.64 -28.41 -15.82
N HIS A 1113 28.34 -27.36 -16.26
CA HIS A 1113 29.79 -27.32 -16.09
C HIS A 1113 30.17 -27.23 -14.62
N TRP A 1114 29.48 -26.37 -13.87
CA TRP A 1114 29.67 -26.28 -12.42
C TRP A 1114 29.50 -27.64 -11.75
N LEU A 1115 28.51 -28.42 -12.17
CA LEU A 1115 28.31 -29.76 -11.64
C LEU A 1115 29.08 -30.82 -12.42
N GLY A 1116 29.98 -30.43 -13.32
CA GLY A 1116 30.81 -31.41 -14.00
C GLY A 1116 30.08 -32.24 -15.02
N CYS A 1117 29.08 -31.69 -15.69
CA CYS A 1117 28.36 -32.43 -16.72
C CYS A 1117 29.01 -32.20 -18.08
N SER A 1118 29.35 -33.27 -18.76
CA SER A 1118 29.84 -33.16 -20.13
C SER A 1118 28.70 -32.74 -21.04
N ALA A 1119 29.01 -31.87 -22.01
CA ALA A 1119 28.06 -31.43 -23.02
C ALA A 1119 27.20 -32.57 -23.57
N THR A 1120 27.82 -33.74 -23.74
CA THR A 1120 27.11 -34.91 -24.27
C THR A 1120 26.07 -35.45 -23.30
N SER A 1121 26.15 -35.07 -22.02
CA SER A 1121 25.23 -35.54 -21.01
C SER A 1121 24.44 -34.43 -20.34
N THR A 1122 24.41 -33.22 -20.92
CA THR A 1122 23.53 -32.17 -20.45
C THR A 1122 22.42 -32.00 -21.47
N PHE A 1123 21.20 -32.16 -21.02
CA PHE A 1123 20.04 -32.18 -21.89
C PHE A 1123 19.23 -30.93 -21.56
N ASN A 1124 19.38 -29.90 -22.41
CA ASN A 1124 18.83 -28.57 -22.16
C ASN A 1124 17.61 -28.41 -23.07
N PHE A 1125 16.47 -28.93 -22.61
CA PHE A 1125 15.24 -28.89 -23.38
C PHE A 1125 14.50 -27.60 -23.04
N HIS A 1126 13.79 -27.07 -24.03
CA HIS A 1126 13.11 -25.80 -23.87
C HIS A 1126 11.61 -26.02 -23.83
N PRO A 1127 10.84 -25.05 -23.27
CA PRO A 1127 9.43 -25.33 -22.91
C PRO A 1127 8.56 -25.94 -24.01
N ASN A 1128 8.93 -25.72 -25.27
CA ASN A 1128 8.14 -26.24 -26.38
C ASN A 1128 8.11 -27.77 -26.45
N VAL A 1129 8.88 -28.48 -25.61
CA VAL A 1129 9.01 -29.93 -25.73
C VAL A 1129 8.24 -30.66 -24.64
N ARG A 1130 7.36 -29.99 -23.92
CA ARG A 1130 6.62 -30.68 -22.86
C ARG A 1130 5.80 -31.82 -23.47
N PRO A 1131 5.87 -33.03 -22.90
CA PRO A 1131 5.17 -34.17 -23.53
C PRO A 1131 3.68 -33.95 -23.75
N VAL A 1132 2.98 -33.45 -22.74
CA VAL A 1132 1.65 -32.91 -22.90
C VAL A 1132 1.82 -31.47 -23.37
N PRO A 1133 1.44 -31.13 -24.60
CA PRO A 1133 1.64 -29.76 -25.07
C PRO A 1133 0.87 -28.76 -24.19
N LEU A 1134 1.51 -27.65 -23.89
CA LEU A 1134 0.94 -26.63 -23.00
C LEU A 1134 0.53 -25.42 -23.83
N GLU A 1135 -0.77 -25.11 -23.82
CA GLU A 1135 -1.31 -23.90 -24.43
C GLU A 1135 -1.44 -22.84 -23.33
N LEU A 1136 -0.63 -21.80 -23.45
CA LEU A 1136 -0.51 -20.75 -22.44
C LEU A 1136 -1.06 -19.44 -22.98
N HIS A 1137 -2.03 -18.85 -22.25
CA HIS A 1137 -2.60 -17.55 -22.60
C HIS A 1137 -2.36 -16.57 -21.46
N ILE A 1138 -1.96 -15.36 -21.81
CA ILE A 1138 -1.70 -14.30 -20.83
C ILE A 1138 -2.66 -13.15 -21.09
N GLN A 1139 -3.50 -12.83 -20.11
CA GLN A 1139 -4.50 -11.77 -20.19
C GLN A 1139 -4.08 -10.61 -19.31
N GLY A 1140 -3.88 -9.44 -19.91
CA GLY A 1140 -3.52 -8.26 -19.16
C GLY A 1140 -4.76 -7.49 -18.75
N PHE A 1141 -4.73 -6.97 -17.52
CA PHE A 1141 -5.81 -6.17 -16.96
C PHE A 1141 -5.22 -4.81 -16.60
N ASN A 1142 -5.64 -3.77 -17.32
CA ASN A 1142 -5.07 -2.44 -17.14
C ASN A 1142 -5.80 -1.71 -16.00
N ILE A 1143 -5.71 -2.29 -14.80
CA ILE A 1143 -6.30 -1.76 -13.58
C ILE A 1143 -5.24 -1.87 -12.49
N SER A 1144 -4.86 -0.75 -11.91
CA SER A 1144 -3.74 -0.72 -10.96
C SER A 1144 -4.18 -0.78 -9.50
N HIS A 1145 -5.47 -0.92 -9.23
CA HIS A 1145 -5.97 -1.10 -7.89
C HIS A 1145 -6.34 -2.57 -7.73
N THR A 1146 -5.67 -3.25 -6.78
CA THR A 1146 -5.71 -4.70 -6.73
C THR A 1146 -7.14 -5.23 -6.61
N GLN A 1147 -7.91 -4.72 -5.64
CA GLN A 1147 -9.25 -5.26 -5.41
C GLN A 1147 -10.15 -5.03 -6.62
N THR A 1148 -9.98 -3.90 -7.29
CA THR A 1148 -10.72 -3.64 -8.51
C THR A 1148 -10.25 -4.55 -9.65
N ARG A 1149 -8.95 -4.84 -9.71
CA ARG A 1149 -8.46 -5.70 -10.78
C ARG A 1149 -8.97 -7.12 -10.59
N LEU A 1150 -8.95 -7.61 -9.35
CA LEU A 1150 -9.48 -8.94 -9.07
C LEU A 1150 -10.96 -9.01 -9.42
N LEU A 1151 -11.72 -7.97 -9.04
CA LEU A 1151 -13.11 -7.91 -9.43
C LEU A 1151 -13.26 -8.06 -10.94
N SER A 1152 -12.46 -7.32 -11.72
CA SER A 1152 -12.61 -7.40 -13.18
C SER A 1152 -12.21 -8.77 -13.71
N MET A 1153 -11.39 -9.52 -12.96
CA MET A 1153 -11.03 -10.89 -13.36
C MET A 1153 -12.12 -11.92 -13.06
N ALA A 1154 -13.04 -11.63 -12.14
CA ALA A 1154 -14.00 -12.63 -11.66
C ALA A 1154 -14.78 -13.32 -12.80
N LYS A 1155 -15.46 -12.55 -13.65
CA LYS A 1155 -16.21 -13.16 -14.75
C LYS A 1155 -15.28 -13.80 -15.79
N PRO A 1156 -14.17 -13.15 -16.18
CA PRO A 1156 -13.23 -13.83 -17.08
C PRO A 1156 -12.77 -15.19 -16.57
N VAL A 1157 -12.63 -15.39 -15.25
CA VAL A 1157 -12.34 -16.74 -14.76
C VAL A 1157 -13.39 -17.72 -15.26
N TYR A 1158 -14.66 -17.38 -15.05
CA TYR A 1158 -15.73 -18.29 -15.49
C TYR A 1158 -15.70 -18.51 -16.99
N HIS A 1159 -15.49 -17.43 -17.77
CA HIS A 1159 -15.47 -17.57 -19.23
C HIS A 1159 -14.30 -18.43 -19.68
N ALA A 1160 -13.14 -18.27 -19.04
CA ALA A 1160 -11.99 -19.10 -19.37
C ALA A 1160 -12.29 -20.56 -19.10
N ILE A 1161 -13.00 -20.86 -18.02
CA ILE A 1161 -13.44 -22.24 -17.78
C ILE A 1161 -14.29 -22.73 -18.94
N THR A 1162 -15.36 -21.99 -19.28
CA THR A 1162 -16.23 -22.51 -20.32
C THR A 1162 -15.56 -22.50 -21.70
N LYS A 1163 -14.47 -21.76 -21.88
CA LYS A 1163 -13.80 -21.73 -23.17
C LYS A 1163 -12.73 -22.80 -23.32
N HIS A 1164 -11.91 -23.00 -22.29
CA HIS A 1164 -10.76 -23.88 -22.39
C HIS A 1164 -10.95 -25.23 -21.69
N SER A 1165 -11.89 -25.35 -20.75
CA SER A 1165 -12.10 -26.64 -20.12
C SER A 1165 -13.52 -26.81 -19.61
N PRO A 1166 -14.53 -26.79 -20.49
CA PRO A 1166 -15.93 -26.90 -20.02
C PRO A 1166 -16.24 -28.21 -19.32
N LYS A 1167 -15.52 -29.29 -19.64
CA LYS A 1167 -15.84 -30.59 -19.10
C LYS A 1167 -14.77 -31.16 -18.17
N LYS A 1168 -13.54 -30.71 -18.27
CA LYS A 1168 -12.39 -31.34 -17.62
C LYS A 1168 -11.90 -30.51 -16.45
N PRO A 1169 -11.09 -31.10 -15.56
CA PRO A 1169 -10.78 -30.45 -14.27
C PRO A 1169 -10.04 -29.12 -14.40
N VAL A 1170 -10.37 -28.20 -13.51
CA VAL A 1170 -9.85 -26.85 -13.48
C VAL A 1170 -9.32 -26.55 -12.08
N ILE A 1171 -8.11 -26.01 -12.01
CA ILE A 1171 -7.54 -25.44 -10.79
C ILE A 1171 -7.41 -23.93 -10.99
N VAL A 1172 -7.96 -23.16 -10.05
CA VAL A 1172 -7.82 -21.71 -10.05
C VAL A 1172 -6.95 -21.33 -8.87
N PHE A 1173 -5.80 -20.71 -9.14
CA PHE A 1173 -4.93 -20.20 -8.09
C PHE A 1173 -5.26 -18.74 -7.81
N VAL A 1174 -5.47 -18.40 -6.55
CA VAL A 1174 -5.81 -17.04 -6.15
C VAL A 1174 -4.83 -16.58 -5.09
N PRO A 1175 -4.68 -15.27 -4.90
CA PRO A 1175 -3.57 -14.77 -4.07
C PRO A 1175 -3.70 -15.00 -2.58
N SER A 1176 -4.90 -15.23 -2.04
CA SER A 1176 -5.10 -15.22 -0.60
C SER A 1176 -6.13 -16.26 -0.19
N ARG A 1177 -6.14 -16.54 1.12
CA ARG A 1177 -7.10 -17.48 1.70
C ARG A 1177 -8.54 -17.03 1.50
N LYS A 1178 -8.82 -15.77 1.84
CA LYS A 1178 -10.17 -15.23 1.68
C LYS A 1178 -10.65 -15.35 0.23
N GLN A 1179 -9.75 -15.18 -0.73
CA GLN A 1179 -10.14 -15.16 -2.13
C GLN A 1179 -10.57 -16.53 -2.64
N THR A 1180 -10.02 -17.61 -2.08
CA THR A 1180 -10.48 -18.95 -2.45
C THR A 1180 -11.99 -19.07 -2.28
N ARG A 1181 -12.47 -18.77 -1.07
CA ARG A 1181 -13.90 -18.80 -0.78
C ARG A 1181 -14.65 -17.86 -1.72
N LEU A 1182 -14.20 -16.60 -1.79
CA LEU A 1182 -14.95 -15.61 -2.57
C LEU A 1182 -15.10 -16.04 -4.03
N THR A 1183 -14.01 -16.56 -4.63
CA THR A 1183 -14.00 -16.92 -6.04
C THR A 1183 -14.75 -18.22 -6.30
N ALA A 1184 -14.71 -19.18 -5.37
CA ALA A 1184 -15.57 -20.36 -5.47
C ALA A 1184 -17.04 -19.95 -5.51
N ILE A 1185 -17.44 -19.08 -4.58
CA ILE A 1185 -18.81 -18.59 -4.59
C ILE A 1185 -19.11 -17.86 -5.89
N ASP A 1186 -18.18 -17.06 -6.38
CA ASP A 1186 -18.48 -16.25 -7.55
C ASP A 1186 -18.62 -17.10 -8.81
N ILE A 1187 -17.76 -18.11 -8.96
CA ILE A 1187 -17.92 -19.09 -10.02
C ILE A 1187 -19.30 -19.73 -9.94
N LEU A 1188 -19.74 -20.07 -8.72
CA LEU A 1188 -21.07 -20.69 -8.59
C LEU A 1188 -22.19 -19.73 -8.98
N THR A 1189 -22.07 -18.47 -8.57
CA THR A 1189 -23.08 -17.47 -8.91
C THR A 1189 -23.16 -17.27 -10.42
N THR A 1190 -22.01 -17.19 -11.08
CA THR A 1190 -22.01 -17.02 -12.53
C THR A 1190 -22.56 -18.24 -13.22
N CYS A 1191 -22.30 -19.43 -12.65
CA CYS A 1191 -22.88 -20.66 -13.15
C CYS A 1191 -24.40 -20.60 -13.17
N ALA A 1192 -25.01 -20.26 -12.02
CA ALA A 1192 -26.46 -20.27 -11.90
C ALA A 1192 -27.11 -19.23 -12.81
N ALA A 1193 -26.48 -18.07 -12.99
CA ALA A 1193 -27.03 -17.10 -13.93
C ALA A 1193 -26.95 -17.61 -15.36
N ASP A 1194 -25.93 -18.39 -15.68
CA ASP A 1194 -25.80 -19.00 -16.99
C ASP A 1194 -26.85 -20.11 -17.14
N ILE A 1195 -27.03 -20.56 -18.40
CA ILE A 1195 -27.94 -21.69 -18.63
C ILE A 1195 -27.43 -22.93 -17.93
N GLN A 1196 -26.11 -23.10 -17.88
CA GLN A 1196 -25.49 -24.27 -17.27
C GLN A 1196 -25.30 -24.01 -15.77
N ARG A 1197 -26.12 -24.67 -14.94
CA ARG A 1197 -26.00 -24.62 -13.49
C ARG A 1197 -25.76 -26.03 -12.94
N GLN A 1198 -24.90 -26.13 -11.93
CA GLN A 1198 -24.38 -27.37 -11.36
C GLN A 1198 -23.61 -28.21 -12.35
N ARG A 1199 -23.20 -27.64 -13.48
CA ARG A 1199 -22.38 -28.32 -14.50
C ARG A 1199 -21.04 -28.80 -13.96
N PHE A 1200 -20.65 -28.40 -12.75
CA PHE A 1200 -19.36 -28.75 -12.19
C PHE A 1200 -19.45 -29.91 -11.20
N LEU A 1201 -20.64 -30.44 -10.97
CA LEU A 1201 -20.86 -31.62 -10.13
C LEU A 1201 -21.09 -32.82 -11.04
N HIS A 1202 -20.30 -33.88 -10.86
CA HIS A 1202 -20.38 -35.06 -11.71
C HIS A 1202 -20.61 -36.33 -10.90
N CYS A 1203 -21.26 -36.19 -9.73
CA CYS A 1203 -21.74 -37.33 -8.97
C CYS A 1203 -23.03 -36.91 -8.26
N THR A 1204 -23.74 -37.91 -7.76
CA THR A 1204 -25.03 -37.65 -7.13
C THR A 1204 -24.85 -36.92 -5.80
N GLU A 1205 -25.84 -36.12 -5.44
CA GLU A 1205 -25.82 -35.45 -4.14
C GLU A 1205 -25.71 -36.47 -3.01
N LYS A 1206 -26.40 -37.61 -3.15
CA LYS A 1206 -26.40 -38.61 -2.09
C LYS A 1206 -25.04 -39.30 -1.96
N ASP A 1207 -24.35 -39.54 -3.08
CA ASP A 1207 -23.03 -40.15 -3.01
C ASP A 1207 -21.99 -39.21 -2.39
N LEU A 1208 -22.33 -37.94 -2.23
CA LEU A 1208 -21.42 -36.92 -1.70
C LEU A 1208 -21.75 -36.50 -0.27
N ILE A 1209 -23.01 -36.63 0.15
CA ILE A 1209 -23.41 -36.19 1.50
C ILE A 1209 -22.49 -36.72 2.61
N PRO A 1210 -22.12 -38.00 2.65
CA PRO A 1210 -21.23 -38.46 3.73
C PRO A 1210 -19.94 -37.66 3.81
N TYR A 1211 -19.27 -37.45 2.66
CA TYR A 1211 -18.10 -36.59 2.62
C TYR A 1211 -18.39 -35.22 3.23
N LEU A 1212 -19.51 -34.62 2.83
CA LEU A 1212 -19.82 -33.26 3.27
C LEU A 1212 -19.88 -33.18 4.79
N GLU A 1213 -20.66 -34.06 5.42
CA GLU A 1213 -20.97 -33.87 6.84
C GLU A 1213 -19.72 -33.78 7.71
N LYS A 1214 -18.59 -34.33 7.24
CA LYS A 1214 -17.38 -34.37 8.06
C LYS A 1214 -16.62 -33.04 8.09
N LEU A 1215 -17.13 -32.00 7.45
CA LEU A 1215 -16.44 -30.73 7.38
C LEU A 1215 -17.02 -29.74 8.37
N SER A 1216 -16.21 -28.74 8.72
CA SER A 1216 -16.61 -27.68 9.65
C SER A 1216 -16.93 -26.36 8.96
N ASP A 1217 -16.70 -26.24 7.66
CA ASP A 1217 -16.96 -25.01 6.92
C ASP A 1217 -18.28 -25.17 6.17
N SER A 1218 -19.24 -24.30 6.46
CA SER A 1218 -20.54 -24.37 5.80
C SER A 1218 -20.41 -24.03 4.33
N THR A 1219 -19.76 -22.90 4.03
CA THR A 1219 -19.56 -22.48 2.64
C THR A 1219 -18.89 -23.58 1.84
N LEU A 1220 -17.93 -24.29 2.43
CA LEU A 1220 -17.23 -25.33 1.68
C LEU A 1220 -18.17 -26.46 1.30
N LYS A 1221 -19.07 -26.85 2.22
CA LYS A 1221 -20.05 -27.90 1.91
C LYS A 1221 -21.04 -27.44 0.85
N GLU A 1222 -21.51 -26.19 0.94
CA GLU A 1222 -22.39 -25.66 -0.12
C GLU A 1222 -21.70 -25.69 -1.48
N THR A 1223 -20.50 -25.10 -1.58
CA THR A 1223 -19.82 -25.01 -2.87
C THR A 1223 -19.50 -26.39 -3.41
N LEU A 1224 -19.01 -27.28 -2.55
CA LEU A 1224 -18.79 -28.66 -2.98
C LEU A 1224 -20.07 -29.27 -3.53
N LEU A 1225 -21.19 -29.08 -2.81
CA LEU A 1225 -22.47 -29.57 -3.27
C LEU A 1225 -22.79 -29.08 -4.67
N ASN A 1226 -22.31 -27.90 -5.03
CA ASN A 1226 -22.52 -27.39 -6.37
C ASN A 1226 -21.33 -27.60 -7.30
N GLY A 1227 -20.34 -28.41 -6.89
CA GLY A 1227 -19.28 -28.85 -7.77
C GLY A 1227 -17.99 -28.07 -7.71
N VAL A 1228 -17.78 -27.26 -6.68
CA VAL A 1228 -16.62 -26.39 -6.59
C VAL A 1228 -16.00 -26.52 -5.21
N GLY A 1229 -14.75 -26.96 -5.15
CA GLY A 1229 -14.00 -26.97 -3.91
C GLY A 1229 -13.09 -25.76 -3.79
N TYR A 1230 -12.60 -25.53 -2.59
CA TYR A 1230 -11.49 -24.59 -2.43
C TYR A 1230 -10.52 -25.11 -1.39
N LEU A 1231 -9.30 -24.56 -1.43
CA LEU A 1231 -8.18 -25.04 -0.63
C LEU A 1231 -7.39 -23.84 -0.14
N HIS A 1232 -7.25 -23.73 1.18
CA HIS A 1232 -6.42 -22.72 1.79
C HIS A 1232 -5.80 -23.30 3.05
N GLU A 1233 -4.88 -22.52 3.62
CA GLU A 1233 -4.07 -22.98 4.75
C GLU A 1233 -4.91 -23.24 5.99
N GLY A 1234 -6.01 -22.50 6.16
CA GLY A 1234 -6.84 -22.57 7.35
C GLY A 1234 -7.78 -23.75 7.43
N LEU A 1235 -7.78 -24.63 6.45
CA LEU A 1235 -8.61 -25.83 6.50
C LEU A 1235 -7.87 -26.95 7.21
N SER A 1236 -8.63 -27.79 7.90
CA SER A 1236 -8.07 -28.98 8.50
C SER A 1236 -7.38 -29.83 7.44
N PRO A 1237 -6.30 -30.53 7.78
CA PRO A 1237 -5.65 -31.39 6.79
C PRO A 1237 -6.58 -32.46 6.26
N MET A 1238 -7.50 -32.95 7.11
CA MET A 1238 -8.53 -33.86 6.63
C MET A 1238 -9.43 -33.17 5.62
N GLU A 1239 -9.80 -31.91 5.87
CA GLU A 1239 -10.64 -31.19 4.92
C GLU A 1239 -9.94 -31.03 3.57
N ARG A 1240 -8.66 -30.67 3.60
CA ARG A 1240 -7.88 -30.59 2.38
C ARG A 1240 -7.87 -31.93 1.66
N ARG A 1241 -7.69 -33.03 2.40
CA ARG A 1241 -7.69 -34.35 1.80
C ARG A 1241 -9.03 -34.67 1.16
N LEU A 1242 -10.13 -34.34 1.85
CA LEU A 1242 -11.46 -34.63 1.31
C LEU A 1242 -11.68 -33.88 0.01
N VAL A 1243 -11.31 -32.60 -0.02
CA VAL A 1243 -11.48 -31.80 -1.23
C VAL A 1243 -10.61 -32.35 -2.36
N GLU A 1244 -9.38 -32.75 -2.05
CA GLU A 1244 -8.48 -33.24 -3.09
C GLU A 1244 -8.97 -34.58 -3.64
N GLN A 1245 -9.52 -35.43 -2.78
CA GLN A 1245 -10.02 -36.72 -3.26
C GLN A 1245 -11.29 -36.55 -4.08
N LEU A 1246 -12.17 -35.63 -3.67
CA LEU A 1246 -13.32 -35.28 -4.52
C LEU A 1246 -12.86 -34.76 -5.87
N PHE A 1247 -11.74 -34.02 -5.90
CA PHE A 1247 -11.26 -33.47 -7.17
C PHE A 1247 -10.65 -34.55 -8.05
N SER A 1248 -9.86 -35.45 -7.46
CA SER A 1248 -9.25 -36.50 -8.28
C SER A 1248 -10.29 -37.52 -8.73
N SER A 1249 -11.36 -37.70 -7.95
CA SER A 1249 -12.43 -38.61 -8.34
C SER A 1249 -13.18 -38.14 -9.57
N GLY A 1250 -13.05 -36.87 -9.95
CA GLY A 1250 -13.93 -36.28 -10.91
C GLY A 1250 -15.27 -35.85 -10.36
N ALA A 1251 -15.47 -35.97 -9.05
CA ALA A 1251 -16.75 -35.57 -8.46
C ALA A 1251 -16.97 -34.07 -8.61
N ILE A 1252 -15.96 -33.27 -8.31
CA ILE A 1252 -16.02 -31.81 -8.40
C ILE A 1252 -15.09 -31.37 -9.52
N GLN A 1253 -15.59 -30.50 -10.40
CA GLN A 1253 -14.80 -30.14 -11.58
C GLN A 1253 -13.80 -29.02 -11.30
N VAL A 1254 -14.06 -28.13 -10.33
CA VAL A 1254 -13.25 -26.94 -10.12
C VAL A 1254 -12.74 -26.93 -8.69
N VAL A 1255 -11.48 -26.52 -8.50
CA VAL A 1255 -10.97 -26.25 -7.15
C VAL A 1255 -10.19 -24.93 -7.16
N VAL A 1256 -10.50 -24.07 -6.21
CA VAL A 1256 -9.85 -22.77 -6.05
C VAL A 1256 -8.83 -22.86 -4.92
N ALA A 1257 -7.54 -22.83 -5.23
CA ALA A 1257 -6.48 -22.98 -4.25
C ALA A 1257 -5.74 -21.66 -4.04
N SER A 1258 -5.29 -21.43 -2.81
CA SER A 1258 -4.43 -20.29 -2.56
C SER A 1258 -3.01 -20.55 -3.08
N ARG A 1259 -2.33 -19.45 -3.43
CA ARG A 1259 -0.96 -19.53 -3.96
C ARG A 1259 -0.05 -20.32 -3.03
N SER A 1260 -0.21 -20.13 -1.72
CA SER A 1260 0.74 -20.75 -0.80
C SER A 1260 0.75 -22.26 -0.91
N LEU A 1261 -0.31 -22.87 -1.46
CA LEU A 1261 -0.37 -24.31 -1.59
C LEU A 1261 0.20 -24.84 -2.91
N CYS A 1262 0.74 -23.97 -3.77
CA CYS A 1262 1.17 -24.43 -5.09
C CYS A 1262 2.31 -25.43 -5.04
N TRP A 1263 2.98 -25.63 -3.91
CA TRP A 1263 4.03 -26.63 -3.83
C TRP A 1263 3.60 -27.91 -3.13
N GLY A 1264 2.47 -27.93 -2.45
CA GLY A 1264 2.07 -29.14 -1.76
C GLY A 1264 0.73 -29.69 -2.18
N MET A 1265 0.44 -29.67 -3.48
CA MET A 1265 -0.81 -30.19 -3.98
C MET A 1265 -0.59 -31.52 -4.70
N ASN A 1266 -1.50 -32.46 -4.46
CA ASN A 1266 -1.44 -33.78 -5.06
C ASN A 1266 -2.49 -33.98 -6.13
N VAL A 1267 -2.97 -32.89 -6.72
CA VAL A 1267 -3.93 -32.93 -7.81
C VAL A 1267 -3.31 -32.24 -9.02
N ALA A 1268 -3.79 -32.64 -10.20
CA ALA A 1268 -3.45 -31.97 -11.46
C ALA A 1268 -4.74 -31.65 -12.19
N ALA A 1269 -4.62 -30.95 -13.32
CA ALA A 1269 -5.82 -30.50 -13.99
C ALA A 1269 -5.55 -30.31 -15.47
N HIS A 1270 -6.64 -30.24 -16.22
CA HIS A 1270 -6.58 -29.92 -17.64
C HIS A 1270 -6.32 -28.44 -17.84
N LEU A 1271 -6.95 -27.60 -17.02
CA LEU A 1271 -6.84 -26.15 -17.11
C LEU A 1271 -6.41 -25.59 -15.77
N VAL A 1272 -5.41 -24.73 -15.79
CA VAL A 1272 -5.00 -23.94 -14.64
C VAL A 1272 -5.20 -22.47 -14.98
N ILE A 1273 -5.90 -21.76 -14.10
CA ILE A 1273 -6.08 -20.32 -14.23
C ILE A 1273 -5.40 -19.69 -13.03
N ILE A 1274 -4.47 -18.79 -13.29
CA ILE A 1274 -3.79 -18.01 -12.26
C ILE A 1274 -4.46 -16.63 -12.20
N MET A 1275 -5.24 -16.38 -11.15
CA MET A 1275 -6.05 -15.16 -11.02
C MET A 1275 -5.22 -14.14 -10.27
N ASP A 1276 -4.57 -13.27 -11.03
CA ASP A 1276 -3.63 -12.26 -10.55
C ASP A 1276 -2.33 -12.90 -10.06
N THR A 1277 -1.25 -12.11 -10.07
CA THR A 1277 0.10 -12.63 -9.79
C THR A 1277 0.79 -11.86 -8.66
N GLN A 1278 0.04 -11.31 -7.71
CA GLN A 1278 0.62 -10.54 -6.62
C GLN A 1278 -0.11 -10.90 -5.33
N TYR A 1279 0.59 -10.78 -4.21
CA TYR A 1279 -0.06 -11.04 -2.94
C TYR A 1279 0.35 -9.95 -1.95
N TYR A 1280 -0.47 -9.78 -0.93
CA TYR A 1280 -0.26 -8.73 0.06
C TYR A 1280 0.62 -9.27 1.19
N ASN A 1281 1.75 -8.63 1.41
CA ASN A 1281 2.64 -8.92 2.52
C ASN A 1281 2.30 -7.94 3.65
N GLY A 1282 1.80 -8.48 4.76
CA GLY A 1282 1.39 -7.65 5.88
C GLY A 1282 2.54 -7.12 6.71
N LYS A 1283 3.66 -7.86 6.77
CA LYS A 1283 4.81 -7.38 7.52
C LYS A 1283 5.33 -6.06 6.95
N ILE A 1284 5.42 -5.96 5.62
CA ILE A 1284 5.89 -4.75 4.95
C ILE A 1284 4.75 -3.91 4.40
N HIS A 1285 3.50 -4.33 4.59
CA HIS A 1285 2.32 -3.59 4.16
C HIS A 1285 2.42 -3.18 2.68
N ALA A 1286 2.63 -4.18 1.82
CA ALA A 1286 2.75 -3.89 0.40
C ALA A 1286 2.56 -5.15 -0.42
N TYR A 1287 2.25 -4.97 -1.71
CA TYR A 1287 2.06 -6.08 -2.64
C TYR A 1287 3.39 -6.56 -3.19
N VAL A 1288 3.51 -7.87 -3.32
CA VAL A 1288 4.73 -8.52 -3.79
C VAL A 1288 4.38 -9.43 -4.95
N ASP A 1289 5.22 -9.41 -5.99
CA ASP A 1289 5.02 -10.27 -7.15
C ASP A 1289 5.32 -11.71 -6.79
N TYR A 1290 4.49 -12.64 -7.31
CA TYR A 1290 4.82 -14.05 -7.25
C TYR A 1290 6.23 -14.25 -7.80
N PRO A 1291 7.11 -14.96 -7.11
CA PRO A 1291 8.36 -15.39 -7.75
C PRO A 1291 8.03 -16.21 -8.98
N ILE A 1292 8.82 -16.01 -10.04
CA ILE A 1292 8.63 -16.77 -11.27
C ILE A 1292 8.60 -18.28 -11.01
N TYR A 1293 9.30 -18.76 -9.98
CA TYR A 1293 9.36 -20.19 -9.68
C TYR A 1293 8.00 -20.72 -9.28
N ASP A 1294 7.30 -19.98 -8.41
CA ASP A 1294 5.93 -20.33 -8.08
C ASP A 1294 5.06 -20.40 -9.34
N VAL A 1295 5.23 -19.45 -10.26
CA VAL A 1295 4.36 -19.40 -11.42
C VAL A 1295 4.63 -20.60 -12.32
N LEU A 1296 5.90 -20.94 -12.53
CA LEU A 1296 6.23 -22.16 -13.27
C LEU A 1296 5.62 -23.39 -12.62
N GLN A 1297 5.63 -23.47 -11.28
CA GLN A 1297 5.05 -24.63 -10.61
C GLN A 1297 3.53 -24.66 -10.81
N MET A 1298 2.88 -23.50 -10.69
CA MET A 1298 1.45 -23.41 -10.94
C MET A 1298 1.11 -23.85 -12.37
N VAL A 1299 1.82 -23.32 -13.36
CA VAL A 1299 1.59 -23.74 -14.74
C VAL A 1299 1.77 -25.24 -14.87
N GLY A 1300 2.77 -25.80 -14.16
CA GLY A 1300 3.03 -27.22 -14.22
C GLY A 1300 1.88 -28.07 -13.72
N HIS A 1301 0.96 -27.48 -12.94
CA HIS A 1301 -0.22 -28.28 -12.56
C HIS A 1301 -1.17 -28.56 -13.72
N ALA A 1302 -0.98 -27.94 -14.89
CA ALA A 1302 -1.87 -28.13 -16.04
C ALA A 1302 -1.27 -29.19 -16.95
N ASN A 1303 -1.38 -30.44 -16.51
CA ASN A 1303 -0.59 -31.53 -17.09
C ASN A 1303 -1.16 -32.87 -16.64
N ARG A 1304 -1.76 -33.61 -17.56
CA ARG A 1304 -2.36 -34.91 -17.27
C ARG A 1304 -1.99 -35.87 -18.39
N PRO A 1305 -0.80 -36.47 -18.33
CA PRO A 1305 -0.34 -37.29 -19.45
C PRO A 1305 -1.28 -38.43 -19.79
N LEU A 1306 -1.89 -39.06 -18.78
CA LEU A 1306 -2.70 -40.24 -18.99
C LEU A 1306 -4.14 -39.92 -19.37
N GLN A 1307 -4.51 -38.64 -19.50
CA GLN A 1307 -5.91 -38.33 -19.78
C GLN A 1307 -6.12 -37.30 -20.88
N ASP A 1308 -5.27 -36.28 -20.98
CA ASP A 1308 -5.49 -35.16 -21.87
C ASP A 1308 -4.52 -35.16 -23.05
N ASP A 1309 -4.95 -34.60 -24.17
CA ASP A 1309 -4.05 -34.37 -25.29
C ASP A 1309 -3.27 -33.09 -25.14
N GLU A 1310 -3.62 -32.25 -24.17
CA GLU A 1310 -2.98 -30.96 -23.98
C GLU A 1310 -3.33 -30.45 -22.59
N GLY A 1311 -2.52 -29.52 -22.10
CA GLY A 1311 -2.82 -28.76 -20.90
C GLY A 1311 -3.01 -27.31 -21.28
N ARG A 1312 -3.85 -26.60 -20.52
CA ARG A 1312 -4.16 -25.21 -20.83
C ARG A 1312 -4.05 -24.38 -19.57
N CYS A 1313 -3.45 -23.20 -19.72
CA CYS A 1313 -3.27 -22.30 -18.60
C CYS A 1313 -3.57 -20.89 -19.05
N VAL A 1314 -4.34 -20.17 -18.24
CA VAL A 1314 -4.61 -18.76 -18.44
C VAL A 1314 -4.04 -18.01 -17.26
N ILE A 1315 -3.13 -17.09 -17.52
CA ILE A 1315 -2.55 -16.23 -16.49
C ILE A 1315 -3.15 -14.85 -16.63
N MET A 1316 -3.86 -14.40 -15.59
CA MET A 1316 -4.44 -13.06 -15.58
C MET A 1316 -3.59 -12.17 -14.71
N CYS A 1317 -3.08 -11.08 -15.27
CA CYS A 1317 -2.09 -10.29 -14.55
C CYS A 1317 -2.33 -8.82 -14.81
N GLN A 1318 -1.82 -7.98 -13.92
CA GLN A 1318 -1.78 -6.57 -14.20
C GLN A 1318 -1.08 -6.37 -15.54
N GLY A 1319 -1.59 -5.43 -16.33
CA GLY A 1319 -1.07 -5.23 -17.67
C GLY A 1319 0.42 -4.98 -17.69
N SER A 1320 0.92 -4.24 -16.69
CA SER A 1320 2.34 -3.90 -16.69
C SER A 1320 3.22 -5.14 -16.61
N LYS A 1321 2.69 -6.25 -16.12
CA LYS A 1321 3.45 -7.49 -15.96
C LYS A 1321 3.43 -8.38 -17.20
N LYS A 1322 2.55 -8.10 -18.18
CA LYS A 1322 2.31 -9.07 -19.25
C LYS A 1322 3.61 -9.41 -19.98
N ASP A 1323 4.31 -8.39 -20.52
CA ASP A 1323 5.52 -8.65 -21.29
C ASP A 1323 6.52 -9.48 -20.49
N PHE A 1324 6.64 -9.21 -19.19
CA PHE A 1324 7.61 -9.95 -18.39
C PHE A 1324 7.30 -11.44 -18.40
N PHE A 1325 6.03 -11.79 -18.19
CA PHE A 1325 5.69 -13.21 -18.18
C PHE A 1325 5.96 -13.84 -19.52
N LYS A 1326 5.68 -13.10 -20.61
CA LYS A 1326 5.92 -13.68 -21.92
C LYS A 1326 7.40 -13.96 -22.10
N LYS A 1327 8.24 -13.11 -21.50
CA LYS A 1327 9.68 -13.29 -21.68
C LYS A 1327 10.18 -14.48 -20.91
N PHE A 1328 9.60 -14.74 -19.74
CA PHE A 1328 10.20 -15.75 -18.88
C PHE A 1328 9.32 -16.99 -18.72
N LEU A 1329 8.26 -17.10 -19.53
CA LEU A 1329 7.53 -18.35 -19.68
C LEU A 1329 7.63 -18.97 -21.06
N TYR A 1330 7.65 -18.17 -22.14
CA TYR A 1330 7.77 -18.75 -23.47
C TYR A 1330 9.20 -19.26 -23.74
N GLU A 1331 10.19 -18.68 -23.09
CA GLU A 1331 11.60 -19.01 -23.28
C GLU A 1331 12.18 -19.61 -22.01
N PRO A 1332 13.29 -20.34 -22.10
CA PRO A 1332 13.93 -20.84 -20.88
C PRO A 1332 14.45 -19.71 -20.02
N LEU A 1333 14.61 -19.99 -18.73
CA LEU A 1333 14.85 -19.12 -17.60
C LEU A 1333 16.35 -18.93 -17.34
N PRO A 1334 16.81 -17.69 -17.16
CA PRO A 1334 18.20 -17.49 -16.69
C PRO A 1334 18.28 -17.46 -15.19
N VAL A 1335 19.15 -18.25 -14.58
CA VAL A 1335 19.28 -18.22 -13.13
C VAL A 1335 20.68 -17.77 -12.76
N GLU A 1336 20.77 -17.17 -11.58
CA GLU A 1336 21.97 -16.57 -11.04
C GLU A 1336 22.16 -17.04 -9.62
N SER A 1337 23.36 -16.87 -9.10
CA SER A 1337 23.64 -17.16 -7.70
C SER A 1337 23.38 -15.93 -6.82
N HIS A 1338 22.89 -16.17 -5.62
CA HIS A 1338 22.86 -15.12 -4.60
C HIS A 1338 23.67 -15.53 -3.38
N LEU A 1339 24.66 -16.40 -3.58
CA LEU A 1339 25.50 -16.86 -2.48
C LEU A 1339 26.30 -15.73 -1.88
N ASP A 1340 26.71 -14.75 -2.70
CA ASP A 1340 27.52 -13.64 -2.21
C ASP A 1340 26.79 -12.77 -1.20
N HIS A 1341 25.48 -12.93 -1.08
CA HIS A 1341 24.69 -12.26 -0.08
C HIS A 1341 24.39 -13.14 1.13
N CYS A 1342 24.99 -14.32 1.22
CA CYS A 1342 24.60 -15.29 2.24
C CYS A 1342 25.75 -16.23 2.59
N MET A 1343 26.91 -15.70 2.94
CA MET A 1343 28.09 -16.54 3.11
C MET A 1343 28.53 -16.77 4.54
N HIS A 1344 28.13 -15.92 5.48
CA HIS A 1344 28.77 -15.96 6.80
C HIS A 1344 28.59 -17.32 7.46
N ASP A 1345 27.37 -17.87 7.44
CA ASP A 1345 27.13 -19.14 8.14
C ASP A 1345 27.91 -20.28 7.48
N HIS A 1346 27.99 -20.28 6.14
CA HIS A 1346 28.74 -21.31 5.45
C HIS A 1346 30.24 -21.17 5.70
N PHE A 1347 30.78 -19.95 5.61
CA PHE A 1347 32.19 -19.73 5.92
C PHE A 1347 32.51 -20.18 7.34
N ASN A 1348 31.69 -19.74 8.29
CA ASN A 1348 31.84 -20.13 9.69
C ASN A 1348 31.88 -21.64 9.86
N ALA A 1349 30.94 -22.35 9.22
CA ALA A 1349 30.95 -23.80 9.30
C ALA A 1349 32.24 -24.38 8.74
N GLU A 1350 32.70 -23.84 7.60
CA GLU A 1350 33.93 -24.37 7.01
C GLU A 1350 35.15 -24.06 7.85
N ILE A 1351 35.10 -23.02 8.68
CA ILE A 1351 36.22 -22.73 9.56
C ILE A 1351 36.15 -23.63 10.80
N VAL A 1352 34.95 -24.06 11.18
CA VAL A 1352 34.85 -25.05 12.25
C VAL A 1352 35.47 -26.37 11.82
N THR A 1353 35.22 -26.80 10.58
CA THR A 1353 35.68 -28.11 10.11
C THR A 1353 37.05 -28.05 9.43
N LYS A 1354 37.72 -26.91 9.45
CA LYS A 1354 39.08 -26.74 8.94
C LYS A 1354 39.16 -26.93 7.43
N THR A 1355 38.04 -26.82 6.73
CA THR A 1355 38.09 -26.69 5.28
C THR A 1355 38.69 -25.33 4.88
N ILE A 1356 38.35 -24.28 5.62
CA ILE A 1356 38.91 -22.95 5.41
C ILE A 1356 39.80 -22.62 6.61
N GLU A 1357 41.11 -22.52 6.37
CA GLU A 1357 42.06 -22.20 7.42
C GLU A 1357 42.74 -20.86 7.22
N ASN A 1358 42.52 -20.21 6.07
CA ASN A 1358 43.11 -18.91 5.78
C ASN A 1358 42.30 -18.26 4.66
N LYS A 1359 42.69 -17.05 4.29
CA LYS A 1359 41.92 -16.31 3.29
C LYS A 1359 42.07 -16.93 1.90
N GLN A 1360 43.27 -17.44 1.60
CA GLN A 1360 43.47 -18.14 0.33
C GLN A 1360 42.55 -19.34 0.21
N ASP A 1361 42.36 -20.07 1.33
CA ASP A 1361 41.42 -21.18 1.35
C ASP A 1361 40.01 -20.71 1.03
N ALA A 1362 39.62 -19.53 1.52
CA ALA A 1362 38.27 -19.03 1.26
C ALA A 1362 38.09 -18.70 -0.22
N VAL A 1363 39.11 -18.15 -0.86
CA VAL A 1363 39.02 -17.91 -2.30
C VAL A 1363 38.90 -19.22 -3.07
N ASP A 1364 39.77 -20.19 -2.75
CA ASP A 1364 39.71 -21.49 -3.43
C ASP A 1364 38.35 -22.14 -3.22
N TYR A 1365 37.82 -22.08 -2.00
CA TYR A 1365 36.46 -22.50 -1.70
C TYR A 1365 35.48 -21.92 -2.71
N LEU A 1366 35.49 -20.60 -2.85
CA LEU A 1366 34.54 -19.96 -3.76
C LEU A 1366 34.66 -20.52 -5.17
N THR A 1367 35.88 -20.91 -5.56
CA THR A 1367 36.10 -21.43 -6.92
C THR A 1367 35.21 -22.63 -7.27
N TRP A 1368 34.63 -23.31 -6.28
CA TRP A 1368 33.80 -24.49 -6.53
C TRP A 1368 32.33 -24.16 -6.75
N THR A 1369 31.93 -22.90 -6.71
CA THR A 1369 30.53 -22.54 -6.62
C THR A 1369 29.95 -22.10 -7.96
N PHE A 1370 28.62 -22.01 -7.99
CA PHE A 1370 27.95 -21.50 -9.17
C PHE A 1370 28.14 -20.00 -9.30
N LEU A 1371 28.18 -19.31 -8.16
CA LEU A 1371 28.55 -17.90 -8.12
C LEU A 1371 29.81 -17.63 -8.93
N TYR A 1372 30.86 -18.43 -8.72
CA TYR A 1372 32.13 -18.17 -9.39
C TYR A 1372 32.01 -18.37 -10.90
N ARG A 1373 31.25 -19.36 -11.32
CA ARG A 1373 31.06 -19.58 -12.75
C ARG A 1373 30.28 -18.42 -13.37
N ARG A 1374 29.25 -17.94 -12.67
CA ARG A 1374 28.41 -16.89 -13.23
C ARG A 1374 29.07 -15.52 -13.18
N MET A 1375 30.08 -15.34 -12.33
CA MET A 1375 30.78 -14.07 -12.30
C MET A 1375 31.47 -13.78 -13.62
N THR A 1376 31.97 -14.80 -14.32
CA THR A 1376 32.58 -14.54 -15.61
C THR A 1376 31.53 -14.34 -16.71
N GLN A 1377 30.37 -14.95 -16.60
CA GLN A 1377 29.39 -14.87 -17.68
C GLN A 1377 28.51 -13.62 -17.58
N ASN A 1378 28.35 -13.05 -16.40
CA ASN A 1378 27.44 -11.93 -16.25
C ASN A 1378 27.99 -10.97 -15.21
N PRO A 1379 29.18 -10.40 -15.46
CA PRO A 1379 29.88 -9.66 -14.40
C PRO A 1379 29.04 -8.58 -13.73
N ASN A 1380 28.31 -7.77 -14.51
CA ASN A 1380 27.57 -6.65 -13.93
C ASN A 1380 26.54 -7.12 -12.91
N TYR A 1381 26.00 -8.33 -13.06
CA TYR A 1381 25.04 -8.84 -12.08
C TYR A 1381 25.64 -8.94 -10.70
N TYR A 1382 26.94 -9.23 -10.61
CA TYR A 1382 27.60 -9.37 -9.32
C TYR A 1382 28.45 -8.16 -8.99
N ASN A 1383 28.21 -7.05 -9.69
CA ASN A 1383 28.93 -5.80 -9.49
C ASN A 1383 30.43 -5.95 -9.78
N LEU A 1384 30.76 -6.73 -10.80
CA LEU A 1384 32.08 -6.74 -11.41
C LEU A 1384 32.04 -5.85 -12.65
N GLN A 1385 33.17 -5.22 -12.94
N GLN A 1385 33.17 -5.22 -12.94
CA GLN A 1385 33.27 -4.38 -14.13
CA GLN A 1385 33.30 -4.36 -14.11
C GLN A 1385 34.17 -4.97 -15.21
C GLN A 1385 34.17 -4.96 -15.21
N GLY A 1386 34.73 -6.15 -14.98
CA GLY A 1386 35.53 -6.86 -15.97
C GLY A 1386 35.57 -8.33 -15.64
N ILE A 1387 35.95 -9.14 -16.64
CA ILE A 1387 36.07 -10.58 -16.46
C ILE A 1387 37.53 -11.04 -16.41
N SER A 1388 38.47 -10.10 -16.36
CA SER A 1388 39.88 -10.46 -16.28
C SER A 1388 40.14 -11.27 -15.01
N HIS A 1389 41.11 -12.17 -15.09
CA HIS A 1389 41.39 -13.02 -13.93
C HIS A 1389 41.74 -12.18 -12.71
N ARG A 1390 42.41 -11.06 -12.92
CA ARG A 1390 42.78 -10.22 -11.79
C ARG A 1390 41.57 -9.51 -11.22
N HIS A 1391 40.64 -9.07 -12.08
CA HIS A 1391 39.39 -8.51 -11.57
C HIS A 1391 38.66 -9.51 -10.69
N LEU A 1392 38.58 -10.76 -11.14
CA LEU A 1392 37.89 -11.80 -10.37
C LEU A 1392 38.60 -12.06 -9.06
N SER A 1393 39.93 -12.13 -9.09
CA SER A 1393 40.68 -12.34 -7.86
C SER A 1393 40.44 -11.23 -6.86
N ASP A 1394 40.51 -9.97 -7.31
CA ASP A 1394 40.23 -8.85 -6.43
C ASP A 1394 38.82 -8.93 -5.85
N HIS A 1395 37.85 -9.30 -6.68
CA HIS A 1395 36.46 -9.39 -6.24
C HIS A 1395 36.29 -10.45 -5.18
N LEU A 1396 36.83 -11.64 -5.42
CA LEU A 1396 36.75 -12.72 -4.43
C LEU A 1396 37.46 -12.33 -3.15
N SER A 1397 38.61 -11.64 -3.26
CA SER A 1397 39.34 -11.22 -2.07
C SER A 1397 38.53 -10.25 -1.25
N GLU A 1398 37.81 -9.34 -1.91
CA GLU A 1398 36.99 -8.39 -1.16
C GLU A 1398 35.82 -9.10 -0.49
N LEU A 1399 35.18 -10.03 -1.19
CA LEU A 1399 34.08 -10.79 -0.59
C LEU A 1399 34.57 -11.55 0.63
N VAL A 1400 35.71 -12.21 0.50
CA VAL A 1400 36.29 -12.97 1.59
C VAL A 1400 36.62 -12.05 2.76
N GLU A 1401 37.24 -10.90 2.46
CA GLU A 1401 37.63 -9.96 3.49
C GLU A 1401 36.44 -9.46 4.28
N GLN A 1402 35.37 -9.07 3.59
CA GLN A 1402 34.18 -8.57 4.28
C GLN A 1402 33.56 -9.66 5.14
N THR A 1403 33.46 -10.90 4.62
CA THR A 1403 32.79 -11.96 5.35
C THR A 1403 33.58 -12.38 6.59
N LEU A 1404 34.89 -12.51 6.44
CA LEU A 1404 35.72 -12.88 7.58
C LEU A 1404 35.75 -11.76 8.62
N SER A 1405 35.78 -10.51 8.17
CA SER A 1405 35.74 -9.39 9.10
C SER A 1405 34.45 -9.42 9.93
N ASP A 1406 33.30 -9.62 9.25
CA ASP A 1406 32.05 -9.73 9.99
C ASP A 1406 32.12 -10.84 11.03
N LEU A 1407 32.54 -12.05 10.63
CA LEU A 1407 32.61 -13.15 11.58
C LEU A 1407 33.55 -12.83 12.75
N GLU A 1408 34.68 -12.17 12.48
CA GLU A 1408 35.63 -11.89 13.54
C GLU A 1408 35.07 -10.87 14.53
N GLN A 1409 34.41 -9.84 14.01
CA GLN A 1409 33.78 -8.85 14.88
C GLN A 1409 32.69 -9.50 15.73
N SER A 1410 31.96 -10.46 15.16
CA SER A 1410 30.96 -11.21 15.89
C SER A 1410 31.54 -12.22 16.88
N LYS A 1411 32.87 -12.30 16.98
CA LYS A 1411 33.58 -13.24 17.84
C LYS A 1411 33.34 -14.70 17.47
N CYS A 1412 32.97 -14.98 16.22
CA CYS A 1412 32.83 -16.37 15.82
C CYS A 1412 34.17 -16.98 15.40
N ILE A 1413 35.07 -16.15 14.85
CA ILE A 1413 36.38 -16.63 14.43
C ILE A 1413 37.45 -15.68 14.95
N SER A 1414 38.67 -16.17 14.97
CA SER A 1414 39.87 -15.38 15.19
C SER A 1414 40.66 -15.29 13.89
N ILE A 1415 41.30 -14.14 13.69
CA ILE A 1415 42.18 -13.87 12.56
C ILE A 1415 43.55 -13.50 13.13
N GLU A 1416 44.57 -14.24 12.70
CA GLU A 1416 45.95 -14.00 13.12
C GLU A 1416 46.78 -13.62 11.89
N ASP A 1417 47.55 -12.54 12.05
CA ASP A 1417 48.39 -11.96 10.99
C ASP A 1417 47.56 -11.56 9.78
N GLU A 1418 46.29 -11.21 10.02
CA GLU A 1418 45.35 -10.84 8.97
C GLU A 1418 45.35 -11.87 7.83
N MET A 1419 45.67 -13.12 8.16
CA MET A 1419 45.82 -14.16 7.16
C MET A 1419 45.15 -15.46 7.57
N ASP A 1420 45.48 -15.98 8.75
CA ASP A 1420 44.99 -17.28 9.17
C ASP A 1420 43.76 -17.13 10.06
N VAL A 1421 42.84 -18.08 9.96
CA VAL A 1421 41.59 -18.01 10.72
C VAL A 1421 41.39 -19.29 11.51
N ALA A 1422 40.62 -19.17 12.58
CA ALA A 1422 40.36 -20.27 13.48
C ALA A 1422 39.00 -20.09 14.13
N PRO A 1423 38.30 -21.17 14.46
CA PRO A 1423 36.95 -21.03 15.01
C PRO A 1423 36.97 -20.66 16.50
N LEU A 1424 36.03 -19.84 16.89
CA LEU A 1424 35.83 -19.55 18.30
C LEU A 1424 34.61 -20.29 18.80
N ASN A 1425 34.54 -20.43 20.13
CA ASN A 1425 33.45 -21.15 20.78
C ASN A 1425 32.08 -20.81 20.17
N LEU A 1426 31.82 -19.53 19.95
CA LEU A 1426 30.52 -19.12 19.42
C LEU A 1426 30.31 -19.62 18.00
N GLY A 1427 31.35 -19.54 17.16
CA GLY A 1427 31.23 -20.05 15.80
C GLY A 1427 31.00 -21.55 15.81
N MET A 1428 31.65 -22.26 16.74
CA MET A 1428 31.48 -23.70 16.82
C MET A 1428 30.06 -24.06 17.26
N ILE A 1429 29.49 -23.30 18.19
CA ILE A 1429 28.12 -23.54 18.61
C ILE A 1429 27.15 -23.24 17.46
N ALA A 1430 27.34 -22.10 16.78
CA ALA A 1430 26.48 -21.76 15.65
C ALA A 1430 26.52 -22.84 14.58
N ALA A 1431 27.71 -23.39 14.32
CA ALA A 1431 27.86 -24.41 13.28
C ALA A 1431 27.25 -25.73 13.73
N TYR A 1432 27.50 -26.15 14.97
CA TYR A 1432 26.99 -27.42 15.46
C TYR A 1432 25.47 -27.44 15.45
N TYR A 1433 24.84 -26.37 15.94
CA TYR A 1433 23.39 -26.37 16.01
C TYR A 1433 22.72 -25.84 14.75
N TYR A 1434 23.50 -25.37 13.78
CA TYR A 1434 22.97 -24.83 12.53
C TYR A 1434 22.13 -23.60 12.82
N ILE A 1435 22.77 -22.60 13.40
CA ILE A 1435 22.11 -21.38 13.83
C ILE A 1435 22.83 -20.19 13.22
N ASN A 1436 22.04 -19.22 12.73
CA ASN A 1436 22.56 -17.97 12.20
C ASN A 1436 23.51 -17.32 13.18
N TYR A 1437 24.71 -16.96 12.72
CA TYR A 1437 25.72 -16.40 13.62
C TYR A 1437 25.22 -15.11 14.29
N THR A 1438 24.37 -14.34 13.60
CA THR A 1438 23.77 -13.17 14.25
C THR A 1438 22.94 -13.57 15.46
N THR A 1439 22.19 -14.67 15.36
CA THR A 1439 21.45 -15.18 16.50
C THR A 1439 22.38 -15.48 17.66
N ILE A 1440 23.52 -16.10 17.38
CA ILE A 1440 24.43 -16.50 18.46
C ILE A 1440 25.11 -15.28 19.07
N GLU A 1441 25.45 -14.29 18.25
CA GLU A 1441 26.03 -13.06 18.77
C GLU A 1441 25.02 -12.35 19.67
N LEU A 1442 23.76 -12.27 19.22
CA LEU A 1442 22.72 -11.65 20.03
C LEU A 1442 22.50 -12.41 21.33
N PHE A 1443 22.58 -13.75 21.28
CA PHE A 1443 22.52 -14.55 22.49
C PHE A 1443 23.65 -14.16 23.44
N SER A 1444 24.87 -14.09 22.92
CA SER A 1444 26.02 -13.74 23.74
C SER A 1444 25.82 -12.39 24.41
N MET A 1445 25.18 -11.45 23.71
CA MET A 1445 24.91 -10.15 24.31
C MET A 1445 23.83 -10.24 25.39
N SER A 1446 22.72 -10.95 25.10
CA SER A 1446 21.53 -10.88 25.95
C SER A 1446 21.66 -11.70 27.23
N LEU A 1447 22.15 -12.93 27.14
CA LEU A 1447 22.22 -13.82 28.30
C LEU A 1447 23.15 -13.22 29.35
N ASN A 1448 22.73 -13.32 30.63
CA ASN A 1448 23.30 -12.46 31.65
C ASN A 1448 23.53 -13.12 33.01
N ALA A 1449 23.68 -14.45 33.06
CA ALA A 1449 24.04 -15.16 34.29
C ALA A 1449 22.97 -15.07 35.37
N LYS A 1450 21.98 -14.17 35.21
CA LYS A 1450 20.79 -14.13 36.06
C LYS A 1450 19.53 -14.34 35.24
N THR A 1451 19.67 -14.91 34.04
CA THR A 1451 18.54 -15.06 33.14
C THR A 1451 17.50 -16.02 33.73
N LYS A 1452 16.24 -15.63 33.64
CA LYS A 1452 15.12 -16.46 34.04
C LYS A 1452 14.45 -17.02 32.80
N VAL A 1453 13.54 -17.98 33.02
CA VAL A 1453 12.93 -18.68 31.89
C VAL A 1453 12.16 -17.72 30.99
N ARG A 1454 11.64 -16.62 31.55
CA ARG A 1454 10.99 -15.61 30.73
C ARG A 1454 12.01 -14.91 29.83
N GLY A 1455 13.15 -14.51 30.40
CA GLY A 1455 14.20 -13.94 29.59
C GLY A 1455 14.69 -14.90 28.53
N LEU A 1456 14.66 -16.19 28.83
CA LEU A 1456 15.03 -17.19 27.84
C LEU A 1456 14.04 -17.21 26.69
N ILE A 1457 12.74 -17.24 27.00
CA ILE A 1457 11.75 -17.22 25.92
C ILE A 1457 11.91 -15.96 25.09
N GLU A 1458 12.22 -14.83 25.73
CA GLU A 1458 12.40 -13.58 25.00
C GLU A 1458 13.61 -13.64 24.07
N ILE A 1459 14.77 -14.00 24.62
CA ILE A 1459 15.99 -14.06 23.85
C ILE A 1459 15.83 -14.98 22.66
N ILE A 1460 15.27 -16.18 22.89
CA ILE A 1460 15.17 -17.14 21.79
C ILE A 1460 14.07 -16.75 20.82
N SER A 1461 13.06 -16.00 21.27
CA SER A 1461 12.05 -15.55 20.33
C SER A 1461 12.58 -14.45 19.43
N ASN A 1462 13.64 -13.77 19.84
CA ASN A 1462 14.25 -12.77 18.97
C ASN A 1462 15.41 -13.32 18.13
N ALA A 1463 15.48 -14.64 17.96
CA ALA A 1463 16.47 -15.21 17.06
C ALA A 1463 16.12 -14.88 15.61
N ALA A 1464 17.15 -14.80 14.77
CA ALA A 1464 16.94 -14.54 13.35
C ALA A 1464 16.12 -15.63 12.68
N GLU A 1465 16.13 -16.86 13.22
CA GLU A 1465 15.40 -17.97 12.60
C GLU A 1465 13.88 -17.80 12.64
N TYR A 1466 13.37 -16.75 13.27
CA TYR A 1466 11.94 -16.54 13.38
C TYR A 1466 11.43 -15.32 12.63
N GLU A 1467 12.32 -14.49 12.06
CA GLU A 1467 11.89 -13.27 11.40
C GLU A 1467 11.11 -13.54 10.11
N ASN A 1468 11.06 -14.79 9.64
CA ASN A 1468 10.28 -15.15 8.46
C ASN A 1468 9.05 -15.99 8.80
N ILE A 1469 8.72 -16.12 10.08
CA ILE A 1469 7.47 -16.81 10.47
C ILE A 1469 6.29 -16.01 9.93
N PRO A 1470 5.28 -16.65 9.35
CA PRO A 1470 4.18 -15.92 8.69
C PRO A 1470 3.56 -14.85 9.58
N ILE A 1471 3.10 -13.77 8.94
CA ILE A 1471 2.48 -12.64 9.63
C ILE A 1471 1.21 -12.26 8.89
N ARG A 1472 0.09 -12.24 9.60
CA ARG A 1472 -1.21 -11.82 9.11
C ARG A 1472 -1.88 -11.04 10.22
N HIS A 1473 -2.30 -9.80 9.94
CA HIS A 1473 -2.77 -8.91 10.99
C HIS A 1473 -4.17 -9.24 11.51
N HIS A 1474 -4.88 -10.17 10.87
CA HIS A 1474 -6.09 -10.71 11.50
C HIS A 1474 -5.79 -11.15 12.92
N GLU A 1475 -4.66 -11.83 13.10
CA GLU A 1475 -4.24 -12.28 14.42
C GLU A 1475 -3.94 -11.13 15.37
N ASP A 1476 -3.60 -9.94 14.85
CA ASP A 1476 -3.21 -8.82 15.70
C ASP A 1476 -4.16 -8.66 16.88
N ASN A 1477 -5.45 -8.43 16.61
CA ASN A 1477 -6.44 -8.37 17.67
C ASN A 1477 -6.41 -9.65 18.51
N LEU A 1478 -6.54 -10.81 17.87
CA LEU A 1478 -6.29 -12.08 18.54
C LEU A 1478 -5.05 -11.97 19.42
N LEU A 1479 -3.92 -11.61 18.81
CA LEU A 1479 -2.66 -11.53 19.55
C LEU A 1479 -2.76 -10.56 20.73
N ARG A 1480 -3.43 -9.42 20.53
CA ARG A 1480 -3.54 -8.45 21.61
C ARG A 1480 -4.30 -9.01 22.81
N GLN A 1481 -5.16 -10.00 22.60
CA GLN A 1481 -5.81 -10.67 23.72
C GLN A 1481 -4.97 -11.81 24.25
N LEU A 1482 -4.17 -12.46 23.39
CA LEU A 1482 -3.31 -13.54 23.84
C LEU A 1482 -2.23 -13.02 24.81
N ALA A 1483 -1.77 -11.79 24.61
CA ALA A 1483 -0.83 -11.19 25.55
C ALA A 1483 -1.47 -10.84 26.88
N GLN A 1484 -2.81 -10.88 26.97
CA GLN A 1484 -3.48 -10.47 28.20
C GLN A 1484 -3.17 -11.42 29.35
N LYS A 1485 -3.07 -12.72 29.07
CA LYS A 1485 -2.95 -13.74 30.11
C LYS A 1485 -1.58 -14.40 30.17
N VAL A 1486 -0.61 -13.96 29.38
CA VAL A 1486 0.69 -14.64 29.39
C VAL A 1486 1.28 -14.60 30.79
N PRO A 1487 1.69 -15.74 31.35
CA PRO A 1487 2.12 -15.75 32.77
C PRO A 1487 3.32 -14.86 33.05
N HIS A 1488 4.21 -14.67 32.08
CA HIS A 1488 5.44 -13.91 32.29
C HIS A 1488 5.34 -12.57 31.56
N LYS A 1489 6.13 -11.61 32.05
CA LYS A 1489 5.95 -10.20 31.75
C LYS A 1489 7.14 -9.64 30.98
N LEU A 1490 6.84 -8.72 30.07
CA LEU A 1490 7.85 -8.02 29.27
C LEU A 1490 7.40 -6.57 29.08
N ASN A 1491 8.22 -5.80 28.36
CA ASN A 1491 8.07 -4.36 28.36
C ASN A 1491 6.96 -3.87 27.43
N ASN A 1492 7.08 -4.17 26.14
CA ASN A 1492 6.25 -3.50 25.14
C ASN A 1492 5.51 -4.52 24.27
N PRO A 1493 4.18 -4.46 24.23
CA PRO A 1493 3.46 -5.13 23.12
C PRO A 1493 3.71 -4.35 21.83
N LYS A 1494 4.13 -5.07 20.78
CA LYS A 1494 4.56 -4.44 19.53
C LYS A 1494 3.98 -5.20 18.33
N PHE A 1495 2.78 -4.77 17.92
CA PHE A 1495 2.11 -5.07 16.65
C PHE A 1495 2.34 -6.49 16.12
N ASN A 1496 2.99 -6.60 14.97
CA ASN A 1496 2.97 -7.79 14.13
C ASN A 1496 4.36 -8.24 13.69
N ASP A 1497 5.42 -7.89 14.43
CA ASP A 1497 6.74 -8.38 14.05
C ASP A 1497 6.81 -9.88 14.34
N PRO A 1498 7.37 -10.69 13.43
CA PRO A 1498 7.26 -12.15 13.59
C PRO A 1498 7.80 -12.64 14.93
N HIS A 1499 8.68 -11.86 15.54
CA HIS A 1499 9.24 -12.26 16.83
C HIS A 1499 8.19 -12.28 17.93
N VAL A 1500 7.27 -11.31 17.92
CA VAL A 1500 6.28 -11.27 18.99
C VAL A 1500 5.20 -12.32 18.76
N LYS A 1501 4.82 -12.58 17.50
CA LYS A 1501 3.96 -13.72 17.23
C LYS A 1501 4.61 -15.02 17.67
N THR A 1502 5.93 -15.15 17.47
CA THR A 1502 6.63 -16.35 17.90
C THR A 1502 6.61 -16.50 19.42
N ASN A 1503 6.94 -15.43 20.15
CA ASN A 1503 6.85 -15.47 21.60
C ASN A 1503 5.43 -15.83 22.06
N LEU A 1504 4.42 -15.24 21.42
CA LEU A 1504 3.05 -15.50 21.85
C LEU A 1504 2.66 -16.95 21.62
N LEU A 1505 2.98 -17.49 20.44
CA LEU A 1505 2.63 -18.88 20.16
C LEU A 1505 3.42 -19.84 21.05
N LEU A 1506 4.63 -19.44 21.45
CA LEU A 1506 5.37 -20.23 22.43
C LEU A 1506 4.66 -20.23 23.78
N GLN A 1507 4.22 -19.04 24.23
CA GLN A 1507 3.44 -18.95 25.46
C GLN A 1507 2.24 -19.87 25.39
N ALA A 1508 1.51 -19.81 24.27
CA ALA A 1508 0.34 -20.65 24.08
C ALA A 1508 0.70 -22.14 23.99
N HIS A 1509 1.95 -22.46 23.67
CA HIS A 1509 2.36 -23.85 23.68
C HIS A 1509 2.60 -24.34 25.10
N LEU A 1510 3.43 -23.62 25.88
CA LEU A 1510 3.82 -24.09 27.21
C LEU A 1510 2.59 -24.30 28.08
N SER A 1511 1.83 -23.23 28.35
CA SER A 1511 0.50 -23.37 28.91
C SER A 1511 -0.43 -23.59 27.73
N ARG A 1512 -0.85 -24.85 27.53
CA ARG A 1512 -1.68 -25.19 26.38
C ARG A 1512 -2.92 -24.29 26.34
N MET A 1513 -2.73 -23.06 25.85
CA MET A 1513 -3.76 -22.04 25.91
C MET A 1513 -4.99 -22.48 25.13
N GLN A 1514 -4.86 -22.54 23.80
CA GLN A 1514 -6.01 -22.83 22.96
C GLN A 1514 -5.57 -23.68 21.79
N LEU A 1515 -6.51 -23.89 20.87
CA LEU A 1515 -6.27 -24.60 19.60
C LEU A 1515 -6.61 -23.62 18.49
N SER A 1516 -5.57 -23.06 17.87
CA SER A 1516 -5.74 -22.12 16.76
C SER A 1516 -5.90 -22.90 15.45
N ALA A 1517 -5.83 -22.20 14.31
CA ALA A 1517 -6.11 -22.83 13.05
C ALA A 1517 -4.81 -22.80 12.25
N GLU A 1518 -4.57 -21.80 11.41
CA GLU A 1518 -3.27 -21.71 10.74
C GLU A 1518 -2.13 -21.44 11.73
N LEU A 1519 -2.43 -20.72 12.81
CA LEU A 1519 -1.45 -20.53 13.87
C LEU A 1519 -1.00 -21.85 14.48
N GLN A 1520 -1.73 -22.95 14.27
CA GLN A 1520 -1.26 -24.25 14.72
C GLN A 1520 -0.04 -24.71 13.90
N SER A 1521 -0.12 -24.58 12.58
CA SER A 1521 1.06 -24.82 11.75
C SER A 1521 2.18 -23.83 12.06
N ASP A 1522 1.81 -22.58 12.40
CA ASP A 1522 2.83 -21.61 12.81
C ASP A 1522 3.55 -22.07 14.08
N THR A 1523 2.80 -22.54 15.08
CA THR A 1523 3.41 -23.08 16.29
C THR A 1523 4.31 -24.26 15.96
N GLU A 1524 3.87 -25.13 15.06
CA GLU A 1524 4.68 -26.28 14.68
C GLU A 1524 6.02 -25.84 14.08
N GLU A 1525 5.99 -24.84 13.20
CA GLU A 1525 7.23 -24.33 12.62
C GLU A 1525 8.15 -23.73 13.69
N ILE A 1526 7.58 -23.01 14.66
CA ILE A 1526 8.38 -22.44 15.74
C ILE A 1526 9.06 -23.53 16.56
N LEU A 1527 8.29 -24.57 16.91
CA LEU A 1527 8.81 -25.73 17.63
C LEU A 1527 9.88 -26.48 16.86
N SER A 1528 9.87 -26.41 15.52
CA SER A 1528 10.92 -27.05 14.75
C SER A 1528 12.33 -26.52 15.05
N LYS A 1529 12.46 -25.32 15.63
CA LYS A 1529 13.76 -24.71 15.92
C LYS A 1529 14.00 -24.36 17.39
N ALA A 1530 12.94 -24.36 18.21
CA ALA A 1530 13.08 -24.02 19.62
C ALA A 1530 14.18 -24.83 20.34
N ILE A 1531 14.24 -26.14 20.09
CA ILE A 1531 15.15 -26.98 20.88
C ILE A 1531 16.61 -26.64 20.60
N ARG A 1532 16.96 -26.45 19.32
CA ARG A 1532 18.33 -26.09 18.99
C ARG A 1532 18.69 -24.71 19.55
N LEU A 1533 17.76 -23.77 19.53
CA LEU A 1533 18.05 -22.48 20.17
C LEU A 1533 18.30 -22.65 21.67
N ILE A 1534 17.50 -23.48 22.34
CA ILE A 1534 17.68 -23.70 23.78
C ILE A 1534 19.02 -24.35 24.07
N GLN A 1535 19.42 -25.33 23.24
CA GLN A 1535 20.69 -26.01 23.44
C GLN A 1535 21.87 -25.08 23.18
N ALA A 1536 21.74 -24.18 22.20
CA ALA A 1536 22.76 -23.15 21.99
C ALA A 1536 22.89 -22.27 23.23
N CYS A 1537 21.76 -21.86 23.81
CA CYS A 1537 21.82 -21.09 25.06
C CYS A 1537 22.52 -21.87 26.15
N VAL A 1538 22.21 -23.17 26.28
CA VAL A 1538 22.86 -24.00 27.29
C VAL A 1538 24.37 -23.99 27.09
N ASP A 1539 24.82 -24.13 25.84
CA ASP A 1539 26.25 -24.11 25.57
C ASP A 1539 26.87 -22.76 25.89
N VAL A 1540 26.16 -21.67 25.58
CA VAL A 1540 26.68 -20.35 25.89
C VAL A 1540 26.85 -20.18 27.40
N LEU A 1541 25.78 -20.48 28.15
CA LEU A 1541 25.84 -20.34 29.61
C LEU A 1541 26.93 -21.21 30.21
N SER A 1542 27.04 -22.45 29.75
CA SER A 1542 28.07 -23.35 30.27
C SER A 1542 29.47 -22.82 29.98
N SER A 1543 29.71 -22.41 28.74
CA SER A 1543 31.01 -21.85 28.37
C SER A 1543 31.36 -20.62 29.21
N ASN A 1544 30.38 -19.99 29.83
CA ASN A 1544 30.61 -18.88 30.74
C ASN A 1544 30.52 -19.27 32.20
N GLY A 1545 30.26 -20.55 32.51
CA GLY A 1545 30.32 -21.02 33.88
C GLY A 1545 29.14 -20.65 34.75
N TRP A 1546 27.96 -20.44 34.17
CA TRP A 1546 26.78 -19.99 34.92
C TRP A 1546 25.84 -21.19 35.11
N LEU A 1547 25.65 -21.59 36.37
CA LEU A 1547 24.96 -22.83 36.71
C LEU A 1547 23.44 -22.69 36.61
N SER A 1548 22.88 -21.72 37.34
CA SER A 1548 21.42 -21.61 37.42
C SER A 1548 20.78 -21.30 36.07
N PRO A 1549 21.28 -20.38 35.24
CA PRO A 1549 20.64 -20.18 33.93
C PRO A 1549 20.75 -21.41 33.04
N ALA A 1550 21.86 -22.14 33.14
CA ALA A 1550 22.00 -23.36 32.35
C ALA A 1550 20.94 -24.39 32.72
N LEU A 1551 20.80 -24.68 34.02
CA LEU A 1551 19.75 -25.61 34.44
C LEU A 1551 18.37 -25.09 34.06
N ALA A 1552 18.16 -23.78 34.11
CA ALA A 1552 16.89 -23.20 33.68
C ALA A 1552 16.60 -23.53 32.21
N ALA A 1553 17.60 -23.33 31.34
CA ALA A 1553 17.41 -23.65 29.93
C ALA A 1553 17.19 -25.14 29.71
N MET A 1554 17.88 -25.97 30.51
CA MET A 1554 17.71 -27.41 30.42
C MET A 1554 16.29 -27.82 30.78
N GLU A 1555 15.71 -27.18 31.78
CA GLU A 1555 14.30 -27.46 32.08
C GLU A 1555 13.40 -26.86 31.02
N LEU A 1556 13.81 -25.77 30.37
CA LEU A 1556 13.01 -25.18 29.30
C LEU A 1556 12.90 -26.12 28.11
N ALA A 1557 13.95 -26.90 27.84
CA ALA A 1557 13.85 -27.96 26.83
C ALA A 1557 12.76 -28.97 27.19
N GLN A 1558 12.74 -29.42 28.45
CA GLN A 1558 11.68 -30.33 28.91
C GLN A 1558 10.30 -29.67 28.79
N MET A 1559 10.20 -28.41 29.22
CA MET A 1559 8.94 -27.66 29.15
C MET A 1559 8.40 -27.63 27.73
N VAL A 1560 9.24 -27.22 26.78
CA VAL A 1560 8.79 -27.13 25.39
C VAL A 1560 8.41 -28.51 24.87
N THR A 1561 9.14 -29.55 25.29
CA THR A 1561 8.84 -30.88 24.78
C THR A 1561 7.49 -31.36 25.27
N GLN A 1562 7.22 -31.25 26.56
CA GLN A 1562 5.98 -31.76 27.15
C GLN A 1562 4.84 -30.73 27.19
N ALA A 1563 5.11 -29.47 26.85
CA ALA A 1563 4.13 -28.38 26.88
C ALA A 1563 3.63 -28.12 28.30
N MET A 1564 4.56 -27.68 29.15
CA MET A 1564 4.28 -27.45 30.57
C MET A 1564 5.11 -26.26 31.05
N TRP A 1565 4.95 -25.93 32.31
CA TRP A 1565 5.78 -24.95 33.00
C TRP A 1565 6.50 -25.63 34.15
N SER A 1566 7.29 -24.85 34.88
CA SER A 1566 8.07 -25.41 35.98
C SER A 1566 7.16 -25.81 37.14
N LYS A 1567 6.22 -24.93 37.50
CA LYS A 1567 5.28 -25.21 38.59
C LYS A 1567 3.98 -25.81 38.04
N ASP A 1568 4.14 -26.93 37.33
CA ASP A 1568 3.04 -27.76 36.89
C ASP A 1568 3.26 -29.18 37.41
N SER A 1569 2.20 -29.99 37.34
CA SER A 1569 2.28 -31.37 37.80
C SER A 1569 2.90 -32.23 36.71
N TYR A 1570 3.85 -33.08 37.10
CA TYR A 1570 4.46 -33.98 36.13
C TYR A 1570 3.43 -34.89 35.49
N LEU A 1571 2.31 -35.14 36.18
CA LEU A 1571 1.27 -36.01 35.64
C LEU A 1571 0.65 -35.45 34.37
N LYS A 1572 0.85 -34.15 34.11
CA LYS A 1572 0.42 -33.56 32.84
C LYS A 1572 1.07 -34.24 31.65
N GLN A 1573 2.18 -34.94 31.85
CA GLN A 1573 2.84 -35.61 30.73
C GLN A 1573 2.07 -36.84 30.27
N LEU A 1574 1.28 -37.46 31.16
CA LEU A 1574 0.63 -38.73 30.86
C LEU A 1574 -0.61 -38.51 29.99
N PRO A 1575 -0.87 -39.41 29.05
CA PRO A 1575 -2.00 -39.22 28.13
C PRO A 1575 -3.35 -39.35 28.82
N HIS A 1576 -4.31 -38.58 28.31
CA HIS A 1576 -5.72 -38.61 28.71
C HIS A 1576 -5.94 -38.04 30.11
N PHE A 1577 -5.01 -37.24 30.62
CA PHE A 1577 -5.11 -36.59 31.92
C PHE A 1577 -5.58 -35.15 31.78
N THR A 1578 -6.16 -34.63 32.86
CA THR A 1578 -6.54 -33.22 32.94
C THR A 1578 -6.30 -32.75 34.39
N SER A 1579 -6.93 -31.63 34.76
CA SER A 1579 -6.56 -30.91 35.97
C SER A 1579 -7.16 -31.52 37.24
N GLU A 1580 -8.45 -31.86 37.20
CA GLU A 1580 -9.07 -32.44 38.38
C GLU A 1580 -8.40 -33.76 38.76
N HIS A 1581 -7.92 -34.51 37.77
CA HIS A 1581 -7.23 -35.76 38.05
C HIS A 1581 -5.96 -35.52 38.86
N ILE A 1582 -5.15 -34.54 38.45
CA ILE A 1582 -3.91 -34.30 39.18
C ILE A 1582 -4.18 -33.67 40.54
N LYS A 1583 -5.23 -32.85 40.64
CA LYS A 1583 -5.60 -32.29 41.94
C LYS A 1583 -6.02 -33.37 42.92
N ARG A 1584 -6.78 -34.37 42.45
CA ARG A 1584 -7.18 -35.46 43.35
C ARG A 1584 -6.06 -36.48 43.57
N CYS A 1585 -5.10 -36.58 42.64
CA CYS A 1585 -3.93 -37.41 42.90
C CYS A 1585 -3.06 -36.80 43.99
N THR A 1586 -2.82 -35.49 43.91
CA THR A 1586 -2.17 -34.81 45.03
C THR A 1586 -3.03 -34.86 46.28
N ASP A 1587 -4.36 -34.97 46.11
CA ASP A 1587 -5.26 -35.16 47.24
C ASP A 1587 -5.13 -36.55 47.86
N LYS A 1588 -4.56 -37.52 47.13
CA LYS A 1588 -4.31 -38.86 47.65
C LYS A 1588 -2.84 -39.18 47.78
N GLY A 1589 -1.96 -38.20 47.58
CA GLY A 1589 -0.54 -38.36 47.80
C GLY A 1589 0.31 -38.76 46.60
N VAL A 1590 -0.14 -38.48 45.38
CA VAL A 1590 0.55 -38.90 44.16
C VAL A 1590 0.86 -37.65 43.34
N GLU A 1591 2.15 -37.35 43.19
CA GLU A 1591 2.58 -36.21 42.38
C GLU A 1591 3.73 -36.58 41.44
N SER A 1592 4.13 -37.85 41.40
CA SER A 1592 5.20 -38.33 40.54
C SER A 1592 4.70 -39.44 39.63
N VAL A 1593 5.33 -39.55 38.45
CA VAL A 1593 4.99 -40.61 37.50
C VAL A 1593 5.32 -41.97 38.09
N PHE A 1594 6.37 -42.07 38.89
CA PHE A 1594 6.65 -43.34 39.54
C PHE A 1594 5.65 -43.62 40.66
N ASP A 1595 5.11 -42.56 41.28
CA ASP A 1595 4.04 -42.75 42.28
C ASP A 1595 2.84 -43.45 41.66
N ILE A 1596 2.44 -43.05 40.44
CA ILE A 1596 1.29 -43.72 39.82
C ILE A 1596 1.70 -45.08 39.29
N MET A 1597 2.96 -45.25 38.87
CA MET A 1597 3.39 -46.58 38.43
C MET A 1597 3.37 -47.59 39.57
N GLU A 1598 3.81 -47.19 40.76
CA GLU A 1598 3.95 -48.12 41.89
C GLU A 1598 2.64 -48.18 42.68
N MET A 1599 1.66 -48.84 42.09
CA MET A 1599 0.42 -49.16 42.79
C MET A 1599 -0.37 -50.15 41.95
N GLU A 1600 -1.12 -51.01 42.63
CA GLU A 1600 -1.92 -52.02 41.98
C GLU A 1600 -2.93 -51.37 41.03
N ASP A 1601 -3.21 -52.08 39.93
CA ASP A 1601 -4.07 -51.52 38.88
C ASP A 1601 -5.47 -51.24 39.39
N GLU A 1602 -6.04 -52.16 40.18
CA GLU A 1602 -7.42 -52.03 40.65
C GLU A 1602 -7.60 -50.70 41.39
N GLU A 1603 -6.67 -50.38 42.28
CA GLU A 1603 -6.79 -49.14 43.04
C GLU A 1603 -6.60 -47.93 42.14
N ARG A 1604 -5.57 -47.97 41.27
CA ARG A 1604 -5.31 -46.86 40.35
C ARG A 1604 -6.55 -46.51 39.54
N ASN A 1605 -7.33 -47.52 39.16
CA ASN A 1605 -8.51 -47.25 38.34
C ASN A 1605 -9.57 -46.47 39.11
N ALA A 1606 -9.70 -46.68 40.41
CA ALA A 1606 -10.60 -45.86 41.20
C ALA A 1606 -9.99 -44.50 41.54
N LEU A 1607 -8.66 -44.43 41.58
CA LEU A 1607 -7.98 -43.17 41.88
C LEU A 1607 -8.26 -42.11 40.81
N LEU A 1608 -8.40 -42.54 39.56
CA LEU A 1608 -8.59 -41.61 38.46
C LEU A 1608 -9.85 -41.98 37.70
N GLN A 1609 -10.42 -40.99 37.02
CA GLN A 1609 -11.45 -41.26 36.03
C GLN A 1609 -10.84 -42.11 34.92
N LEU A 1610 -11.37 -43.31 34.74
CA LEU A 1610 -10.71 -44.37 34.03
C LEU A 1610 -11.45 -44.76 32.76
N THR A 1611 -10.69 -44.95 31.69
CA THR A 1611 -11.11 -45.70 30.51
C THR A 1611 -10.08 -46.78 30.25
N ASP A 1612 -10.55 -47.98 29.94
CA ASP A 1612 -9.67 -49.14 29.91
C ASP A 1612 -8.69 -49.08 28.74
N SER A 1613 -9.18 -48.77 27.53
CA SER A 1613 -8.31 -48.78 26.36
C SER A 1613 -7.44 -47.54 26.24
N GLN A 1614 -7.69 -46.51 27.05
CA GLN A 1614 -6.77 -45.39 27.14
C GLN A 1614 -5.62 -45.69 28.10
N ILE A 1615 -5.87 -46.59 29.04
CA ILE A 1615 -4.83 -47.04 29.97
C ILE A 1615 -3.69 -47.70 29.23
N ALA A 1616 -3.93 -48.25 28.04
CA ALA A 1616 -2.84 -48.87 27.27
C ALA A 1616 -1.85 -47.82 26.74
N ASP A 1617 -2.35 -46.66 26.32
CA ASP A 1617 -1.45 -45.57 25.95
C ASP A 1617 -0.79 -44.96 27.19
N VAL A 1618 -1.53 -44.87 28.29
CA VAL A 1618 -0.91 -44.46 29.56
C VAL A 1618 0.25 -45.39 29.90
N ALA A 1619 0.08 -46.69 29.62
CA ALA A 1619 1.08 -47.69 29.98
C ALA A 1619 2.27 -47.65 29.03
N ARG A 1620 2.02 -47.42 27.74
CA ARG A 1620 3.14 -47.23 26.82
C ARG A 1620 3.99 -46.04 27.27
N PHE A 1621 3.35 -44.98 27.78
CA PHE A 1621 4.12 -43.85 28.29
C PHE A 1621 4.90 -44.23 29.54
N CYS A 1622 4.21 -44.77 30.55
CA CYS A 1622 4.88 -45.10 31.82
C CYS A 1622 6.03 -46.08 31.62
N ASN A 1623 5.91 -47.00 30.66
CA ASN A 1623 7.03 -47.89 30.34
C ASN A 1623 8.09 -47.19 29.49
N ARG A 1624 7.74 -46.10 28.80
CA ARG A 1624 8.74 -45.32 28.07
C ARG A 1624 9.36 -44.20 28.91
N TYR A 1625 8.79 -43.89 30.08
CA TYR A 1625 9.33 -42.84 30.93
C TYR A 1625 10.71 -43.24 31.43
N PRO A 1626 11.67 -42.31 31.46
CA PRO A 1626 13.03 -42.68 31.89
C PRO A 1626 13.06 -43.13 33.34
N ASN A 1627 13.68 -44.29 33.57
CA ASN A 1627 13.93 -44.86 34.89
C ASN A 1627 15.41 -45.25 34.91
N ILE A 1628 16.27 -44.28 35.17
CA ILE A 1628 17.71 -44.47 35.14
C ILE A 1628 18.23 -44.56 36.57
N GLU A 1629 18.94 -45.63 36.89
CA GLU A 1629 19.68 -45.71 38.14
C GLU A 1629 21.13 -45.31 37.86
N LEU A 1630 21.70 -44.52 38.76
CA LEU A 1630 22.92 -43.77 38.50
C LEU A 1630 24.00 -44.10 39.52
N SER A 1631 25.16 -44.53 39.03
CA SER A 1631 26.34 -44.71 39.85
C SER A 1631 27.37 -43.64 39.49
N TYR A 1632 28.27 -43.35 40.42
CA TYR A 1632 29.38 -42.46 40.08
C TYR A 1632 30.51 -42.59 41.11
N GLU A 1633 31.74 -42.70 40.60
CA GLU A 1633 32.94 -42.72 41.42
C GLU A 1633 33.80 -41.49 41.11
N VAL A 1634 34.61 -41.09 42.10
CA VAL A 1634 35.64 -40.08 41.91
C VAL A 1634 36.99 -40.81 41.81
N VAL A 1635 37.72 -40.56 40.73
CA VAL A 1635 38.83 -41.42 40.33
C VAL A 1635 40.07 -41.03 41.14
N ASP A 1636 40.39 -41.84 42.16
CA ASP A 1636 41.65 -41.72 42.90
C ASP A 1636 41.89 -40.29 43.40
N LYS A 1637 40.89 -39.73 44.08
CA LYS A 1637 40.97 -38.36 44.54
C LYS A 1637 41.36 -38.22 46.01
N ASP A 1638 41.63 -39.34 46.68
CA ASP A 1638 42.34 -39.25 47.96
C ASP A 1638 43.79 -38.83 47.77
N SER A 1639 44.31 -38.95 46.54
CA SER A 1639 45.65 -38.50 46.19
C SER A 1639 45.61 -37.36 45.18
N ILE A 1640 44.63 -36.48 45.31
CA ILE A 1640 44.47 -35.36 44.37
C ILE A 1640 45.41 -34.23 44.74
N ARG A 1641 45.85 -33.50 43.73
CA ARG A 1641 46.67 -32.30 43.90
C ARG A 1641 45.95 -31.10 43.32
N SER A 1642 46.25 -29.92 43.86
CA SER A 1642 45.58 -28.70 43.43
C SER A 1642 46.14 -28.22 42.09
N GLY A 1643 45.26 -27.62 41.29
CA GLY A 1643 45.59 -27.24 39.93
C GLY A 1643 45.69 -28.38 38.95
N GLY A 1644 45.35 -29.60 39.36
CA GLY A 1644 45.50 -30.76 38.51
C GLY A 1644 44.19 -31.42 38.12
N PRO A 1645 44.17 -32.75 38.09
CA PRO A 1645 43.02 -33.46 37.50
C PRO A 1645 41.98 -33.93 38.49
N VAL A 1646 40.74 -33.46 38.32
CA VAL A 1646 39.57 -33.99 39.00
C VAL A 1646 38.72 -34.68 37.94
N VAL A 1647 38.75 -36.01 37.95
CA VAL A 1647 38.05 -36.83 36.97
C VAL A 1647 36.94 -37.58 37.70
N VAL A 1648 35.69 -37.38 37.26
CA VAL A 1648 34.54 -38.05 37.85
C VAL A 1648 33.99 -39.01 36.80
N LEU A 1649 33.92 -40.30 37.15
CA LEU A 1649 33.28 -41.29 36.30
C LEU A 1649 31.82 -41.43 36.74
N VAL A 1650 30.91 -41.38 35.78
CA VAL A 1650 29.48 -41.35 36.04
C VAL A 1650 28.82 -42.37 35.12
N GLN A 1651 28.18 -43.38 35.69
CA GLN A 1651 27.55 -44.45 34.93
C GLN A 1651 26.04 -44.37 35.05
N LEU A 1652 25.35 -44.59 33.93
CA LEU A 1652 23.91 -44.54 33.85
C LEU A 1652 23.40 -45.87 33.34
N GLU A 1653 22.48 -46.48 34.09
CA GLU A 1653 21.90 -47.77 33.74
C GLU A 1653 20.40 -47.62 33.67
N ARG A 1654 19.84 -47.85 32.49
CA ARG A 1654 18.40 -47.85 32.27
C ARG A 1654 17.90 -49.29 32.28
N GLU A 1655 16.76 -49.51 32.92
CA GLU A 1655 16.20 -50.86 33.01
C GLU A 1655 16.09 -51.51 31.62
N GLU A 1656 15.29 -50.92 30.72
CA GLU A 1656 15.18 -51.42 29.35
C GLU A 1656 14.20 -50.58 28.52
N GLU A 1657 14.55 -49.33 28.24
CA GLU A 1657 13.58 -48.37 27.69
C GLU A 1657 14.18 -47.58 26.53
N VAL A 1658 14.51 -48.29 25.44
CA VAL A 1658 14.88 -47.65 24.18
C VAL A 1658 14.09 -48.32 23.05
N THR A 1659 12.77 -48.41 23.21
CA THR A 1659 11.94 -49.01 22.17
C THR A 1659 11.83 -48.11 20.95
N GLY A 1660 11.85 -46.80 21.15
CA GLY A 1660 11.74 -45.87 20.06
C GLY A 1660 11.91 -44.43 20.52
N PRO A 1661 11.22 -43.52 19.86
CA PRO A 1661 11.38 -42.09 20.21
C PRO A 1661 10.74 -41.75 21.55
N VAL A 1662 11.04 -40.53 22.01
CA VAL A 1662 10.36 -39.94 23.15
C VAL A 1662 8.86 -39.88 22.87
N ILE A 1663 8.07 -40.22 23.88
CA ILE A 1663 6.62 -40.00 23.80
C ILE A 1663 6.41 -38.52 24.12
N ALA A 1664 6.10 -37.75 23.08
CA ALA A 1664 5.79 -36.32 23.22
C ALA A 1664 4.83 -35.96 22.11
N PRO A 1665 3.56 -36.36 22.23
CA PRO A 1665 2.61 -36.15 21.13
C PRO A 1665 2.35 -34.70 20.81
N LEU A 1666 2.53 -33.78 21.76
CA LEU A 1666 2.33 -32.36 21.48
C LEU A 1666 3.58 -31.70 20.90
N PHE A 1667 4.58 -32.49 20.49
CA PHE A 1667 5.74 -31.96 19.83
C PHE A 1667 5.78 -32.46 18.40
N PRO A 1668 6.01 -31.58 17.42
CA PRO A 1668 5.82 -32.01 16.02
C PRO A 1668 6.89 -32.95 15.53
N GLN A 1669 8.13 -32.76 15.93
CA GLN A 1669 9.19 -33.67 15.54
C GLN A 1669 9.24 -34.85 16.50
N LYS A 1670 9.62 -36.00 15.96
CA LYS A 1670 9.89 -37.16 16.78
C LYS A 1670 11.31 -37.05 17.31
N ARG A 1671 11.48 -37.18 18.62
CA ARG A 1671 12.71 -36.84 19.28
C ARG A 1671 13.26 -38.06 20.03
N GLU A 1672 14.55 -38.01 20.30
CA GLU A 1672 15.17 -39.00 21.18
C GLU A 1672 15.69 -38.31 22.43
N GLU A 1673 15.72 -39.07 23.53
CA GLU A 1673 16.04 -38.51 24.84
C GLU A 1673 17.49 -38.06 24.91
N GLY A 1674 17.70 -36.80 25.28
CA GLY A 1674 19.02 -36.26 25.52
C GLY A 1674 19.25 -36.03 27.00
N TRP A 1675 20.51 -36.06 27.42
CA TRP A 1675 20.86 -35.91 28.82
C TRP A 1675 22.08 -35.02 28.96
N TRP A 1676 22.15 -34.34 30.10
CA TRP A 1676 23.33 -33.56 30.50
C TRP A 1676 23.76 -34.04 31.88
N VAL A 1677 25.06 -34.27 32.04
CA VAL A 1677 25.67 -34.48 33.35
C VAL A 1677 26.45 -33.22 33.70
N VAL A 1678 26.11 -32.61 34.83
CA VAL A 1678 26.65 -31.31 35.23
C VAL A 1678 27.30 -31.44 36.60
N ILE A 1679 28.56 -31.02 36.70
CA ILE A 1679 29.21 -30.81 38.00
C ILE A 1679 29.21 -29.32 38.27
N GLY A 1680 28.67 -28.91 39.41
CA GLY A 1680 28.61 -27.49 39.72
C GLY A 1680 28.72 -27.23 41.20
N ASP A 1681 28.80 -25.94 41.53
CA ASP A 1681 28.77 -25.46 42.90
C ASP A 1681 27.69 -24.40 42.99
N ALA A 1682 26.66 -24.67 43.80
CA ALA A 1682 25.51 -23.77 43.87
C ALA A 1682 25.84 -22.50 44.65
N LYS A 1683 26.82 -22.55 45.55
CA LYS A 1683 27.17 -21.39 46.36
C LYS A 1683 27.50 -20.18 45.50
N SER A 1684 28.43 -20.35 44.54
CA SER A 1684 28.85 -19.27 43.66
C SER A 1684 28.21 -19.34 42.29
N ASN A 1685 27.25 -20.25 42.09
CA ASN A 1685 26.55 -20.42 40.81
C ASN A 1685 27.55 -20.69 39.68
N SER A 1686 28.42 -21.67 39.90
CA SER A 1686 29.57 -21.93 39.03
C SER A 1686 29.41 -23.28 38.32
N LEU A 1687 29.31 -23.23 36.99
CA LEU A 1687 29.33 -24.44 36.18
C LEU A 1687 30.76 -24.95 36.11
N ILE A 1688 31.01 -26.14 36.66
CA ILE A 1688 32.36 -26.65 36.72
C ILE A 1688 32.65 -27.61 35.55
N SER A 1689 31.73 -28.52 35.30
CA SER A 1689 31.89 -29.48 34.20
C SER A 1689 30.53 -29.78 33.61
N ILE A 1690 30.51 -30.16 32.35
CA ILE A 1690 29.26 -30.55 31.69
C ILE A 1690 29.58 -31.49 30.54
N LYS A 1691 28.74 -32.51 30.38
CA LYS A 1691 28.78 -33.38 29.22
C LYS A 1691 27.36 -33.63 28.73
N ARG A 1692 27.23 -33.72 27.41
CA ARG A 1692 25.96 -34.04 26.76
C ARG A 1692 26.03 -35.48 26.24
N LEU A 1693 24.95 -36.23 26.43
CA LEU A 1693 24.98 -37.65 26.09
C LEU A 1693 23.61 -38.14 25.66
N THR A 1694 23.62 -39.28 24.97
CA THR A 1694 22.43 -40.06 24.66
C THR A 1694 22.63 -41.45 25.24
N LEU A 1695 21.58 -41.99 25.85
CA LEU A 1695 21.66 -43.21 26.65
C LEU A 1695 20.91 -44.34 25.96
N GLN A 1696 21.53 -45.52 25.91
CA GLN A 1696 20.89 -46.73 25.38
C GLN A 1696 21.06 -47.82 26.42
N GLN A 1697 20.22 -47.75 27.45
CA GLN A 1697 20.14 -48.71 28.56
C GLN A 1697 21.36 -48.68 29.48
N LYS A 1698 22.58 -48.75 28.94
CA LYS A 1698 23.77 -48.62 29.77
C LYS A 1698 24.80 -47.76 29.06
N ALA A 1699 25.46 -46.88 29.81
CA ALA A 1699 26.62 -46.16 29.29
C ALA A 1699 27.30 -45.39 30.41
N LYS A 1700 28.61 -45.20 30.28
CA LYS A 1700 29.41 -44.46 31.24
C LYS A 1700 30.06 -43.26 30.58
N VAL A 1701 30.31 -42.22 31.39
CA VAL A 1701 30.85 -40.95 30.92
C VAL A 1701 31.90 -40.45 31.91
N LYS A 1702 32.82 -39.65 31.42
CA LYS A 1702 33.94 -39.14 32.22
C LYS A 1702 33.93 -37.61 32.16
N LEU A 1703 33.94 -36.96 33.33
CA LEU A 1703 33.92 -35.51 33.42
C LEU A 1703 35.24 -35.01 33.97
N ASP A 1704 35.72 -33.90 33.39
CA ASP A 1704 37.02 -33.34 33.67
C ASP A 1704 36.88 -31.98 34.33
N PHE A 1705 37.74 -31.73 35.32
CA PHE A 1705 37.74 -30.50 36.09
C PHE A 1705 39.15 -30.27 36.61
N VAL A 1706 39.50 -29.02 36.88
CA VAL A 1706 40.81 -28.64 37.39
C VAL A 1706 40.65 -28.17 38.83
N ALA A 1707 41.37 -28.80 39.75
CA ALA A 1707 41.23 -28.50 41.17
C ALA A 1707 41.58 -27.04 41.43
N PRO A 1708 40.69 -26.27 42.09
CA PRO A 1708 40.90 -24.82 42.18
C PRO A 1708 41.51 -24.35 43.50
N ALA A 1709 41.24 -25.07 44.59
CA ALA A 1709 41.73 -24.69 45.91
C ALA A 1709 41.76 -25.95 46.77
N THR A 1710 42.18 -25.79 48.02
CA THR A 1710 42.37 -26.92 48.93
C THR A 1710 41.28 -26.93 49.98
N GLY A 1711 40.40 -27.93 49.90
CA GLY A 1711 39.50 -28.25 51.00
C GLY A 1711 38.17 -27.55 50.93
N ALA A 1712 37.28 -27.99 51.82
CA ALA A 1712 35.95 -27.40 52.02
C ALA A 1712 35.17 -27.31 50.72
N HIS A 1713 35.36 -28.28 49.82
CA HIS A 1713 34.76 -28.27 48.50
C HIS A 1713 33.70 -29.37 48.40
N ASN A 1714 32.44 -28.95 48.28
CA ASN A 1714 31.32 -29.86 48.09
C ASN A 1714 30.63 -29.49 46.79
N TYR A 1715 30.58 -30.44 45.86
CA TYR A 1715 30.02 -30.17 44.54
C TYR A 1715 28.74 -30.96 44.34
N THR A 1716 27.74 -30.28 43.75
CA THR A 1716 26.49 -30.92 43.40
C THR A 1716 26.58 -31.48 41.99
N LEU A 1717 26.17 -32.74 41.84
CA LEU A 1717 26.06 -33.42 40.56
C LEU A 1717 24.60 -33.39 40.12
N TYR A 1718 24.41 -33.06 38.84
CA TYR A 1718 23.10 -32.86 38.22
C TYR A 1718 22.96 -33.81 37.05
N PHE A 1719 21.81 -34.50 36.98
CA PHE A 1719 21.43 -35.31 35.83
C PHE A 1719 20.17 -34.70 35.24
N MET A 1720 20.28 -34.09 34.07
CA MET A 1720 19.20 -33.28 33.52
C MET A 1720 18.74 -33.83 32.18
N SER A 1721 17.44 -34.04 32.04
CA SER A 1721 16.88 -34.43 30.76
C SER A 1721 16.62 -33.19 29.91
N ASP A 1722 16.47 -33.42 28.61
CA ASP A 1722 16.01 -32.38 27.70
C ASP A 1722 14.63 -32.68 27.14
N ALA A 1723 13.97 -33.71 27.64
CA ALA A 1723 12.76 -34.22 27.01
C ALA A 1723 11.61 -34.47 27.99
N TYR A 1724 11.90 -34.89 29.21
CA TYR A 1724 10.88 -35.21 30.20
C TYR A 1724 11.09 -34.36 31.44
N MET A 1725 10.05 -34.25 32.27
CA MET A 1725 10.15 -33.56 33.55
C MET A 1725 9.96 -34.56 34.68
N GLY A 1726 10.62 -34.29 35.81
CA GLY A 1726 10.50 -35.09 37.00
C GLY A 1726 11.61 -36.10 37.20
N CYS A 1727 12.31 -36.49 36.14
CA CYS A 1727 13.34 -37.52 36.25
C CYS A 1727 14.75 -36.96 36.29
N ASP A 1728 14.89 -35.65 36.51
CA ASP A 1728 16.21 -35.09 36.83
C ASP A 1728 16.67 -35.60 38.20
N GLN A 1729 17.95 -35.86 38.33
CA GLN A 1729 18.52 -36.35 39.58
C GLN A 1729 19.57 -35.36 40.11
N GLU A 1730 19.83 -35.46 41.42
CA GLU A 1730 20.73 -34.52 42.09
C GLU A 1730 21.42 -35.24 43.24
N TYR A 1731 22.75 -35.25 43.22
CA TYR A 1731 23.54 -35.87 44.28
C TYR A 1731 24.63 -34.90 44.72
N LYS A 1732 25.38 -35.28 45.75
CA LYS A 1732 26.47 -34.44 46.25
C LYS A 1732 27.70 -35.28 46.48
N PHE A 1733 28.87 -34.69 46.22
CA PHE A 1733 30.09 -35.38 46.60
C PHE A 1733 31.13 -34.37 47.04
N SER A 1734 32.05 -34.83 47.88
CA SER A 1734 33.03 -33.96 48.51
C SER A 1734 34.33 -34.69 48.85
N VAL A 1735 35.25 -34.82 47.88
CA VAL A 1735 36.60 -35.24 48.18
C VAL A 1735 37.47 -33.99 48.28
N ASP A 1736 38.58 -34.11 49.01
CA ASP A 1736 39.37 -32.95 49.42
C ASP A 1736 40.76 -33.00 48.78
N VAL A 1737 41.36 -31.83 48.62
CA VAL A 1737 42.73 -31.74 48.10
C VAL A 1737 43.69 -32.22 49.18
N LYS A 1738 44.39 -33.31 48.90
CA LYS A 1738 45.37 -33.86 49.83
C LYS A 1738 46.51 -34.55 49.08
N GLY B 1 -17.08 63.59 -34.71
CA GLY B 1 -16.19 62.94 -33.78
C GLY B 1 -16.41 63.33 -32.33
N PRO B 2 -16.26 62.36 -31.44
CA PRO B 2 -16.59 62.58 -30.03
C PRO B 2 -15.38 62.50 -29.10
N LEU B 3 -15.26 63.49 -28.21
CA LEU B 3 -14.18 63.48 -27.22
C LEU B 3 -14.51 62.61 -26.01
N GLY B 4 -15.80 62.55 -25.63
CA GLY B 4 -16.21 61.76 -24.50
C GLY B 4 -17.51 61.01 -24.74
N SER B 5 -18.21 61.34 -25.83
CA SER B 5 -19.46 60.66 -26.14
C SER B 5 -19.24 59.19 -26.53
N MET B 6 -18.04 58.84 -27.00
CA MET B 6 -17.75 57.51 -27.50
C MET B 6 -16.41 57.02 -26.97
N THR B 7 -16.12 57.33 -25.71
CA THR B 7 -14.83 56.96 -25.14
C THR B 7 -14.74 55.44 -24.94
N GLN B 8 -13.59 54.88 -25.27
CA GLN B 8 -13.29 53.47 -25.09
C GLN B 8 -11.93 53.32 -24.43
N THR B 9 -11.70 52.17 -23.80
CA THR B 9 -10.55 51.97 -22.93
C THR B 9 -9.66 50.87 -23.49
N PHE B 10 -8.40 51.20 -23.75
CA PHE B 10 -7.48 50.19 -24.25
C PHE B 10 -7.30 49.07 -23.22
N SER B 11 -7.08 47.86 -23.72
CA SER B 11 -6.84 46.68 -22.90
C SER B 11 -5.65 45.92 -23.46
N SER B 12 -4.63 45.72 -22.64
CA SER B 12 -3.40 45.08 -23.10
C SER B 12 -3.68 43.66 -23.59
N LYS B 13 -2.91 43.24 -24.59
CA LYS B 13 -2.98 41.89 -25.16
C LYS B 13 -1.54 41.50 -25.51
N THR B 14 -0.79 41.02 -24.51
CA THR B 14 0.64 40.82 -24.62
C THR B 14 0.97 39.78 -25.71
N GLU B 15 2.19 39.90 -26.25
CA GLU B 15 2.58 39.17 -27.46
C GLU B 15 2.91 37.71 -27.17
N TRP B 16 3.51 37.41 -26.03
CA TRP B 16 4.01 36.06 -25.82
C TRP B 16 2.90 35.06 -25.58
N ARG B 17 1.70 35.50 -25.18
CA ARG B 17 0.60 34.57 -24.93
C ARG B 17 0.22 33.81 -26.20
N VAL B 18 0.05 34.55 -27.30
CA VAL B 18 -0.30 33.94 -28.59
C VAL B 18 0.78 32.96 -29.01
N ARG B 19 2.04 33.32 -28.82
CA ARG B 19 3.12 32.44 -29.22
C ARG B 19 3.22 31.21 -28.31
N ALA B 20 2.86 31.34 -27.04
CA ALA B 20 2.79 30.18 -26.14
C ALA B 20 1.71 29.22 -26.60
N ILE B 21 0.51 29.74 -26.88
CA ILE B 21 -0.55 28.90 -27.42
C ILE B 21 -0.07 28.21 -28.69
N SER B 22 0.67 28.93 -29.53
CA SER B 22 1.16 28.34 -30.78
C SER B 22 2.19 27.25 -30.52
N ALA B 23 3.12 27.49 -29.58
CA ALA B 23 4.15 26.51 -29.27
C ALA B 23 3.56 25.24 -28.68
N ALA B 24 2.39 25.34 -28.04
CA ALA B 24 1.75 24.16 -27.49
C ALA B 24 1.45 23.12 -28.57
N ASN B 25 1.16 23.55 -29.81
CA ASN B 25 0.78 22.65 -30.90
C ASN B 25 1.97 22.14 -31.73
N LEU B 26 3.20 22.49 -31.36
CA LEU B 26 4.35 22.12 -32.18
C LEU B 26 4.46 20.61 -32.40
N HIS B 27 3.93 19.81 -31.47
CA HIS B 27 4.07 18.36 -31.59
C HIS B 27 3.43 17.82 -32.86
N LEU B 28 2.42 18.52 -33.41
CA LEU B 28 1.77 18.07 -34.64
C LEU B 28 2.76 18.03 -35.81
N ARG B 29 3.76 18.91 -35.83
CA ARG B 29 4.72 18.96 -36.91
C ARG B 29 5.75 17.84 -36.86
N THR B 30 5.97 17.22 -35.70
CA THR B 30 7.02 16.21 -35.64
C THR B 30 6.70 14.96 -36.46
N ASN B 31 5.47 14.85 -36.97
CA ASN B 31 5.10 13.73 -37.82
C ASN B 31 5.11 14.08 -39.30
N HIS B 32 5.56 15.28 -39.65
CA HIS B 32 5.69 15.70 -41.03
C HIS B 32 7.02 16.43 -41.13
N ILE B 33 8.10 15.66 -41.04
CA ILE B 33 9.46 16.18 -41.11
C ILE B 33 10.03 15.79 -42.47
N TYR B 34 10.41 16.78 -43.25
CA TYR B 34 10.95 16.53 -44.58
C TYR B 34 12.39 17.02 -44.66
N VAL B 35 13.24 16.20 -45.23
CA VAL B 35 14.63 16.54 -45.48
C VAL B 35 14.76 16.95 -46.93
N SER B 36 15.29 18.15 -47.16
CA SER B 36 15.56 18.60 -48.52
C SER B 36 16.73 17.80 -49.09
N SER B 37 16.49 17.13 -50.22
CA SER B 37 17.52 16.41 -50.97
C SER B 37 17.89 17.13 -52.26
N ASP B 38 17.65 18.44 -52.31
CA ASP B 38 17.69 19.17 -53.58
C ASP B 38 19.06 19.15 -54.22
N ASP B 39 20.13 19.00 -53.43
CA ASP B 39 21.46 18.95 -54.01
C ASP B 39 21.58 17.71 -54.88
N ILE B 40 21.83 17.93 -56.17
CA ILE B 40 21.90 16.84 -57.14
C ILE B 40 22.97 15.84 -56.73
N LYS B 41 24.14 16.34 -56.30
CA LYS B 41 25.20 15.52 -55.75
C LYS B 41 25.64 16.11 -54.43
N GLU B 42 26.41 15.33 -53.68
CA GLU B 42 26.78 15.65 -52.31
C GLU B 42 28.23 16.12 -52.25
N THR B 43 28.46 17.21 -51.52
CA THR B 43 29.79 17.67 -51.16
C THR B 43 29.94 17.56 -49.65
N GLY B 44 30.84 16.69 -49.21
CA GLY B 44 31.09 16.48 -47.79
C GLY B 44 30.79 15.07 -47.34
N TYR B 45 30.59 14.91 -46.04
CA TYR B 45 30.17 13.63 -45.48
C TYR B 45 28.65 13.47 -45.63
N THR B 46 28.14 12.35 -45.13
CA THR B 46 26.70 12.13 -45.02
C THR B 46 26.33 12.14 -43.54
N TYR B 47 25.46 13.07 -43.14
CA TYR B 47 25.09 13.23 -41.74
C TYR B 47 23.76 12.55 -41.47
N ILE B 48 23.70 11.74 -40.42
CA ILE B 48 22.51 11.01 -40.04
C ILE B 48 22.04 11.53 -38.68
N LEU B 49 20.83 12.07 -38.67
CA LEU B 49 20.20 12.68 -37.51
C LEU B 49 19.12 11.76 -36.97
N PRO B 50 19.23 11.33 -35.71
CA PRO B 50 18.19 10.49 -35.11
C PRO B 50 16.90 11.26 -34.88
N LYS B 51 15.78 10.62 -35.20
CA LYS B 51 14.49 11.31 -35.13
C LYS B 51 14.17 11.75 -33.71
N ASN B 52 14.53 10.95 -32.70
CA ASN B 52 14.01 11.21 -31.37
C ASN B 52 14.43 12.61 -30.87
N VAL B 53 15.72 12.94 -30.99
CA VAL B 53 16.14 14.24 -30.51
C VAL B 53 15.69 15.35 -31.45
N LEU B 54 15.58 15.08 -32.75
CA LEU B 54 14.98 16.06 -33.65
C LEU B 54 13.56 16.43 -33.22
N LYS B 55 12.76 15.43 -32.86
CA LYS B 55 11.39 15.70 -32.44
C LYS B 55 11.40 16.52 -31.15
N LYS B 56 12.22 16.12 -30.17
CA LYS B 56 12.31 16.92 -28.95
C LYS B 56 12.75 18.36 -29.25
N PHE B 57 13.75 18.52 -30.13
CA PHE B 57 14.24 19.86 -30.49
C PHE B 57 13.10 20.72 -31.05
N ILE B 58 12.34 20.19 -32.01
CA ILE B 58 11.17 20.91 -32.53
C ILE B 58 10.21 21.26 -31.41
N CYS B 59 9.92 20.30 -30.54
CA CYS B 59 8.93 20.48 -29.47
C CYS B 59 9.35 21.54 -28.45
N ILE B 60 10.64 21.72 -28.22
CA ILE B 60 11.06 22.69 -27.21
C ILE B 60 11.26 24.07 -27.82
N SER B 61 10.89 24.24 -29.09
CA SER B 61 11.25 25.44 -29.82
C SER B 61 10.11 26.46 -29.77
N ASP B 62 10.28 27.55 -30.52
CA ASP B 62 9.31 28.63 -30.65
C ASP B 62 9.17 28.99 -32.13
N LEU B 63 7.98 29.39 -32.54
CA LEU B 63 7.75 29.65 -33.96
C LEU B 63 8.47 30.91 -34.46
N ARG B 64 8.84 31.84 -33.58
CA ARG B 64 9.52 33.06 -34.01
C ARG B 64 10.96 33.16 -33.52
N ALA B 65 11.19 32.99 -32.22
CA ALA B 65 12.54 33.11 -31.66
C ALA B 65 13.35 31.87 -31.99
N GLN B 66 14.49 32.05 -32.66
CA GLN B 66 15.33 30.92 -33.02
C GLN B 66 15.95 30.30 -31.77
N ILE B 67 16.07 28.98 -31.76
CA ILE B 67 16.85 28.27 -30.75
C ILE B 67 17.86 27.39 -31.48
N ALA B 68 18.91 27.01 -30.76
CA ALA B 68 20.00 26.26 -31.37
C ALA B 68 20.53 25.18 -30.43
N GLY B 69 21.03 24.12 -31.03
CA GLY B 69 21.74 23.10 -30.29
C GLY B 69 23.04 22.76 -31.00
N TYR B 70 24.06 22.46 -30.18
CA TYR B 70 25.31 21.94 -30.72
C TYR B 70 25.18 20.46 -31.04
N LEU B 71 25.88 20.02 -32.08
CA LEU B 71 25.81 18.66 -32.58
C LEU B 71 27.10 17.92 -32.26
N TYR B 72 26.98 16.74 -31.69
CA TYR B 72 28.13 15.90 -31.36
C TYR B 72 27.87 14.50 -31.87
N GLY B 73 28.89 13.87 -32.46
CA GLY B 73 28.67 12.57 -33.05
C GLY B 73 29.98 11.85 -33.31
N VAL B 74 29.86 10.74 -34.04
CA VAL B 74 31.01 9.92 -34.39
C VAL B 74 30.76 9.30 -35.77
N SER B 75 31.82 8.72 -36.34
CA SER B 75 31.56 7.92 -37.53
C SER B 75 31.31 6.48 -37.12
N PRO B 76 30.36 5.80 -37.75
CA PRO B 76 30.21 4.38 -37.51
C PRO B 76 31.50 3.65 -37.85
N PRO B 77 31.80 2.57 -37.13
CA PRO B 77 33.05 1.83 -37.41
C PRO B 77 33.25 1.46 -38.87
N ASP B 78 32.15 1.22 -39.59
CA ASP B 78 32.20 0.79 -40.98
C ASP B 78 32.91 1.79 -41.88
N ASN B 79 32.27 2.92 -42.16
CA ASN B 79 32.82 3.87 -43.12
C ASN B 79 32.95 5.25 -42.50
N PRO B 80 34.10 5.90 -42.65
CA PRO B 80 34.30 7.23 -42.05
C PRO B 80 33.53 8.35 -42.74
N GLN B 81 32.89 8.08 -43.88
CA GLN B 81 32.15 9.10 -44.61
C GLN B 81 30.78 9.37 -43.99
N VAL B 82 30.30 8.47 -43.14
CA VAL B 82 29.03 8.68 -42.42
C VAL B 82 29.32 9.31 -41.08
N LYS B 83 28.54 10.32 -40.71
CA LYS B 83 28.62 10.98 -39.41
C LYS B 83 27.28 10.81 -38.71
N GLU B 84 27.25 9.96 -37.68
CA GLU B 84 26.06 9.77 -36.87
C GLU B 84 26.05 10.82 -35.78
N ILE B 85 24.97 11.62 -35.75
CA ILE B 85 24.76 12.61 -34.71
C ILE B 85 24.21 11.90 -33.48
N ARG B 86 25.01 11.86 -32.42
CA ARG B 86 24.66 11.14 -31.21
C ARG B 86 24.06 12.02 -30.12
N CYS B 87 24.34 13.31 -30.12
CA CYS B 87 24.01 14.17 -28.99
C CYS B 87 23.68 15.58 -29.47
N ILE B 88 22.70 16.21 -28.84
CA ILE B 88 22.44 17.63 -29.04
C ILE B 88 22.60 18.30 -27.69
N VAL B 89 23.37 19.39 -27.65
CA VAL B 89 23.65 20.11 -26.42
C VAL B 89 22.91 21.45 -26.46
N MET B 90 22.08 21.70 -25.45
CA MET B 90 21.42 22.99 -25.28
C MET B 90 22.18 23.81 -24.23
N VAL B 91 22.60 25.01 -24.60
CA VAL B 91 23.38 25.88 -23.74
C VAL B 91 22.58 27.17 -23.54
N PRO B 92 22.90 27.95 -22.52
CA PRO B 92 22.18 29.21 -22.28
C PRO B 92 22.17 30.10 -23.52
N GLN B 93 21.00 30.63 -23.87
CA GLN B 93 20.89 31.24 -25.18
C GLN B 93 19.67 32.15 -25.26
N TRP B 94 19.71 33.07 -26.22
CA TRP B 94 18.50 33.78 -26.62
C TRP B 94 18.54 33.97 -28.13
N GLY B 95 17.45 34.48 -28.69
CA GLY B 95 17.47 34.67 -30.13
C GLY B 95 16.35 35.57 -30.62
N THR B 96 16.44 35.90 -31.90
CA THR B 96 15.41 36.61 -32.64
C THR B 96 14.94 35.72 -33.79
N HIS B 97 14.20 36.30 -34.73
CA HIS B 97 13.80 35.56 -35.91
C HIS B 97 14.94 35.37 -36.91
N GLN B 98 16.08 36.05 -36.74
CA GLN B 98 17.17 36.04 -37.71
C GLN B 98 18.40 35.29 -37.26
N THR B 99 18.63 35.16 -35.96
CA THR B 99 19.93 34.74 -35.47
C THR B 99 19.77 34.16 -34.07
N VAL B 100 20.83 33.54 -33.56
CA VAL B 100 20.87 33.06 -32.19
C VAL B 100 22.05 33.71 -31.48
N HIS B 101 21.94 33.86 -30.16
CA HIS B 101 23.00 34.37 -29.32
C HIS B 101 23.34 33.28 -28.32
N LEU B 102 24.53 32.70 -28.48
CA LEU B 102 25.22 31.63 -27.77
C LEU B 102 26.43 32.20 -27.03
N PRO B 103 26.81 31.60 -25.91
CA PRO B 103 28.02 32.04 -25.22
C PRO B 103 29.25 31.73 -26.04
N GLY B 104 30.35 32.40 -25.70
CA GLY B 104 31.61 32.10 -26.35
C GLY B 104 32.07 30.67 -26.09
N GLN B 105 31.85 30.17 -24.89
CA GLN B 105 32.38 28.88 -24.46
C GLN B 105 31.61 27.72 -25.09
N LEU B 106 32.35 26.81 -25.73
CA LEU B 106 31.75 25.61 -26.29
C LEU B 106 31.43 24.61 -25.19
N PRO B 107 30.61 23.61 -25.48
CA PRO B 107 30.34 22.55 -24.49
C PRO B 107 31.60 21.87 -24.01
N GLN B 108 31.63 21.59 -22.71
CA GLN B 108 32.76 20.91 -22.10
C GLN B 108 32.17 19.93 -21.08
N HIS B 109 32.28 18.65 -21.37
CA HIS B 109 31.85 17.62 -20.44
C HIS B 109 32.58 16.32 -20.78
N GLU B 110 32.96 15.58 -19.74
CA GLU B 110 33.68 14.34 -19.94
C GLU B 110 32.89 13.38 -20.82
N TYR B 111 31.58 13.35 -20.63
CA TYR B 111 30.70 12.46 -21.39
C TYR B 111 30.79 12.71 -22.88
N LEU B 112 31.22 13.90 -23.31
CA LEU B 112 31.35 14.26 -24.73
C LEU B 112 32.74 14.03 -25.30
N LYS B 113 33.69 13.57 -24.47
CA LYS B 113 35.10 13.61 -24.86
C LYS B 113 35.42 12.63 -25.98
N GLU B 114 34.67 11.54 -26.11
CA GLU B 114 34.93 10.57 -27.17
C GLU B 114 34.16 10.88 -28.44
N MET B 115 33.49 12.03 -28.52
CA MET B 115 32.73 12.40 -29.70
C MET B 115 33.36 13.64 -30.33
N GLU B 116 33.06 13.83 -31.57
CA GLU B 116 33.62 14.98 -32.22
C GLU B 116 32.54 16.00 -32.49
N PRO B 117 32.86 17.29 -32.49
CA PRO B 117 31.84 18.30 -32.75
C PRO B 117 31.51 18.34 -34.23
N LEU B 118 30.22 18.49 -34.55
CA LEU B 118 29.73 18.43 -35.91
C LEU B 118 29.01 19.70 -36.33
N GLY B 119 28.99 20.72 -35.48
CA GLY B 119 28.36 21.97 -35.84
C GLY B 119 27.12 22.21 -35.03
N TRP B 120 26.04 22.64 -35.67
CA TRP B 120 24.89 23.05 -34.89
C TRP B 120 23.63 22.99 -35.73
N ILE B 121 22.50 22.88 -35.04
CA ILE B 121 21.17 22.89 -35.61
C ILE B 121 20.42 24.08 -35.05
N HIS B 122 19.61 24.74 -35.87
CA HIS B 122 18.81 25.85 -35.37
C HIS B 122 17.50 25.97 -36.14
N THR B 123 16.49 26.53 -35.47
CA THR B 123 15.19 26.73 -36.07
C THR B 123 15.16 28.04 -36.87
N GLN B 124 14.19 28.14 -37.78
CA GLN B 124 14.02 29.32 -38.61
C GLN B 124 12.54 29.49 -38.87
N PRO B 125 12.02 30.72 -38.81
CA PRO B 125 10.59 30.92 -39.09
C PRO B 125 10.19 30.55 -40.51
N ASN B 126 11.07 30.73 -41.50
CA ASN B 126 10.67 30.48 -42.86
C ASN B 126 11.78 29.79 -43.63
N GLU B 127 11.37 28.97 -44.60
CA GLU B 127 12.30 28.33 -45.51
C GLU B 127 13.06 29.39 -46.31
N SER B 128 14.32 29.09 -46.60
CA SER B 128 15.12 30.01 -47.39
C SER B 128 15.89 29.20 -48.44
N PRO B 129 15.97 29.71 -49.67
CA PRO B 129 16.77 29.01 -50.69
C PRO B 129 18.26 29.15 -50.47
N GLN B 130 18.69 29.91 -49.46
CA GLN B 130 20.10 30.18 -49.22
C GLN B 130 20.38 30.10 -47.73
N LEU B 131 21.62 29.76 -47.41
CA LEU B 131 22.08 29.84 -46.03
C LEU B 131 22.25 31.29 -45.63
N SER B 132 21.76 31.60 -44.44
CA SER B 132 21.74 32.97 -43.95
C SER B 132 23.16 33.54 -43.83
N PRO B 133 23.34 34.84 -44.09
CA PRO B 133 24.66 35.44 -43.83
C PRO B 133 24.97 35.57 -42.35
N GLN B 134 23.94 35.74 -41.51
CA GLN B 134 24.12 35.61 -40.07
C GLN B 134 24.68 34.24 -39.71
N ASP B 135 24.12 33.18 -40.30
CA ASP B 135 24.59 31.83 -39.99
C ASP B 135 26.05 31.65 -40.43
N VAL B 136 26.40 32.15 -41.60
CA VAL B 136 27.79 32.07 -42.07
C VAL B 136 28.72 32.78 -41.10
N THR B 137 28.34 34.00 -40.68
CA THR B 137 29.15 34.73 -39.71
C THR B 137 29.28 33.93 -38.40
N THR B 138 28.17 33.40 -37.89
CA THR B 138 28.21 32.68 -36.61
C THR B 138 29.12 31.46 -36.69
N HIS B 139 28.94 30.64 -37.72
CA HIS B 139 29.75 29.45 -37.88
C HIS B 139 31.23 29.80 -38.06
N ALA B 140 31.52 30.81 -38.88
CA ALA B 140 32.90 31.21 -39.10
C ALA B 140 33.57 31.73 -37.82
N LYS B 141 32.86 32.54 -37.03
CA LYS B 141 33.47 33.06 -35.82
C LYS B 141 33.68 31.97 -34.77
N ILE B 142 32.78 30.99 -34.72
CA ILE B 142 33.03 29.84 -33.85
C ILE B 142 34.28 29.12 -34.30
N MET B 143 34.41 28.85 -35.61
CA MET B 143 35.59 28.16 -36.10
C MET B 143 36.86 28.93 -35.78
N ALA B 144 36.81 30.27 -35.88
CA ALA B 144 38.00 31.07 -35.63
C ALA B 144 38.41 31.02 -34.17
N ASP B 145 37.45 30.85 -33.26
CA ASP B 145 37.79 30.77 -31.84
C ASP B 145 38.00 29.36 -31.35
N ASN B 146 37.68 28.35 -32.14
CA ASN B 146 37.70 26.97 -31.67
C ASN B 146 38.28 26.07 -32.76
N PRO B 147 39.57 25.73 -32.67
CA PRO B 147 40.19 24.91 -33.73
C PRO B 147 39.69 23.48 -33.79
N SER B 148 38.89 23.02 -32.81
CA SER B 148 38.29 21.70 -32.89
C SER B 148 37.17 21.63 -33.92
N TRP B 149 36.72 22.75 -34.47
CA TRP B 149 35.70 22.74 -35.51
C TRP B 149 36.41 22.75 -36.86
N ASP B 150 36.45 21.60 -37.52
CA ASP B 150 37.04 21.57 -38.84
C ASP B 150 36.00 21.97 -39.87
N GLY B 151 36.35 22.91 -40.74
CA GLY B 151 35.41 23.42 -41.72
C GLY B 151 34.92 22.38 -42.71
N GLU B 152 35.68 21.31 -42.90
CA GLU B 152 35.25 20.21 -43.73
C GLU B 152 34.40 19.20 -42.97
N LYS B 153 34.14 19.44 -41.67
CA LYS B 153 33.42 18.48 -40.86
C LYS B 153 32.22 19.06 -40.12
N THR B 154 32.23 20.34 -39.79
CA THR B 154 31.15 20.94 -39.03
C THR B 154 30.12 21.55 -39.97
N ILE B 155 28.85 21.34 -39.65
CA ILE B 155 27.74 21.72 -40.52
C ILE B 155 26.77 22.62 -39.76
N ILE B 156 25.83 23.18 -40.51
CA ILE B 156 24.69 23.91 -39.99
C ILE B 156 23.43 23.26 -40.54
N ILE B 157 22.61 22.70 -39.66
CA ILE B 157 21.29 22.21 -40.04
C ILE B 157 20.27 23.30 -39.74
N THR B 158 19.47 23.66 -40.73
CA THR B 158 18.34 24.55 -40.52
C THR B 158 17.06 23.73 -40.48
N CYS B 159 16.22 24.06 -39.50
CA CYS B 159 14.91 23.47 -39.27
C CYS B 159 13.90 24.60 -39.46
N SER B 160 13.30 24.67 -40.65
CA SER B 160 12.43 25.77 -41.01
C SER B 160 10.97 25.34 -40.88
N PHE B 161 10.15 26.24 -40.33
CA PHE B 161 8.74 25.98 -40.09
C PHE B 161 7.91 26.21 -41.36
N THR B 162 7.89 25.21 -42.21
CA THR B 162 6.91 25.17 -43.28
C THR B 162 5.52 24.91 -42.68
N PRO B 163 4.46 25.39 -43.32
CA PRO B 163 3.11 25.23 -42.75
C PRO B 163 2.75 23.76 -42.55
N GLY B 164 2.43 23.41 -41.30
CA GLY B 164 2.09 22.06 -40.94
C GLY B 164 3.26 21.12 -40.72
N SER B 165 4.48 21.53 -41.04
CA SER B 165 5.58 20.58 -41.12
C SER B 165 6.87 21.26 -40.66
N CYS B 166 8.00 20.62 -40.97
CA CYS B 166 9.35 21.13 -40.75
C CYS B 166 10.20 20.67 -41.91
N THR B 167 11.05 21.57 -42.40
CA THR B 167 11.97 21.25 -43.48
C THR B 167 13.39 21.39 -42.97
N LEU B 168 14.17 20.32 -43.09
CA LEU B 168 15.57 20.33 -42.66
C LEU B 168 16.46 20.42 -43.89
N THR B 169 17.42 21.34 -43.87
CA THR B 169 18.47 21.32 -44.88
C THR B 169 19.80 21.62 -44.21
N ALA B 170 20.85 20.93 -44.67
CA ALA B 170 22.15 20.97 -44.03
C ALA B 170 23.20 21.60 -44.95
N TYR B 171 24.02 22.48 -44.38
CA TYR B 171 25.07 23.20 -45.10
C TYR B 171 26.40 23.01 -44.40
N LYS B 172 27.46 23.32 -45.14
CA LYS B 172 28.80 23.49 -44.59
C LYS B 172 29.37 24.77 -45.19
N LEU B 173 30.27 25.40 -44.44
CA LEU B 173 31.01 26.53 -44.98
C LEU B 173 32.06 26.07 -46.00
N THR B 174 32.36 26.95 -46.95
CA THR B 174 33.52 26.81 -47.82
C THR B 174 34.62 27.73 -47.33
N PRO B 175 35.89 27.47 -47.70
CA PRO B 175 36.98 28.33 -47.22
C PRO B 175 36.74 29.83 -47.43
N SER B 176 36.26 30.21 -48.61
CA SER B 176 35.85 31.60 -48.84
C SER B 176 34.79 32.02 -47.84
N GLY B 177 33.86 31.10 -47.53
CA GLY B 177 32.84 31.42 -46.55
C GLY B 177 33.42 31.73 -45.19
N TYR B 178 34.34 30.87 -44.73
CA TYR B 178 34.96 31.08 -43.42
C TYR B 178 35.70 32.41 -43.38
N GLU B 179 36.46 32.72 -44.44
CA GLU B 179 37.25 33.93 -44.45
C GLU B 179 36.37 35.18 -44.43
N TRP B 180 35.28 35.18 -45.21
CA TRP B 180 34.36 36.32 -45.17
C TRP B 180 33.67 36.40 -43.81
N GLY B 181 33.12 35.28 -43.34
CA GLY B 181 32.33 35.30 -42.14
C GLY B 181 33.08 35.77 -40.92
N ARG B 182 34.36 35.37 -40.80
CA ARG B 182 35.04 35.68 -39.55
C ARG B 182 35.38 37.16 -39.42
N GLN B 183 35.44 37.91 -40.52
CA GLN B 183 35.67 39.35 -40.46
C GLN B 183 34.39 40.17 -40.64
N ASN B 184 33.22 39.53 -40.69
CA ASN B 184 31.99 40.26 -40.98
C ASN B 184 31.41 40.81 -39.70
N THR B 185 31.31 42.14 -39.62
CA THR B 185 30.72 42.79 -38.46
C THR B 185 29.34 43.37 -38.75
N ASP B 186 28.85 43.25 -39.99
CA ASP B 186 27.52 43.71 -40.37
C ASP B 186 26.51 42.60 -40.13
N LYS B 187 25.57 42.84 -39.22
CA LYS B 187 24.60 41.84 -38.80
C LYS B 187 23.29 41.91 -39.58
N GLY B 188 23.23 42.73 -40.63
CA GLY B 188 22.01 42.89 -41.39
C GLY B 188 21.72 41.72 -42.31
N ASN B 189 20.69 41.88 -43.13
CA ASN B 189 20.29 40.82 -44.05
C ASN B 189 21.09 40.82 -45.34
N ASN B 190 21.73 41.94 -45.69
CA ASN B 190 22.49 42.06 -46.94
C ASN B 190 23.81 42.74 -46.63
N PRO B 191 24.74 42.02 -46.00
CA PRO B 191 26.02 42.61 -45.65
C PRO B 191 26.97 42.63 -46.84
N LYS B 192 27.97 43.49 -46.73
CA LYS B 192 28.96 43.62 -47.80
C LYS B 192 29.81 42.36 -47.91
N GLY B 193 29.97 41.86 -49.13
CA GLY B 193 30.85 40.74 -49.40
C GLY B 193 30.19 39.37 -49.36
N TYR B 194 28.95 39.29 -48.92
CA TYR B 194 28.27 38.00 -48.76
C TYR B 194 28.05 37.32 -50.12
N LEU B 195 28.39 36.05 -50.21
CA LEU B 195 28.34 35.33 -51.48
C LEU B 195 27.68 33.98 -51.32
N PRO B 196 26.92 33.52 -52.32
CA PRO B 196 26.36 32.17 -52.24
C PRO B 196 27.41 31.09 -52.35
N SER B 197 28.60 31.41 -52.88
CA SER B 197 29.77 30.53 -52.89
C SER B 197 30.49 30.48 -51.54
N HIS B 198 29.84 30.93 -50.46
CA HIS B 198 30.38 30.86 -49.12
C HIS B 198 29.89 29.64 -48.35
N TYR B 199 28.96 28.88 -48.92
CA TYR B 199 28.41 27.69 -48.29
C TYR B 199 28.08 26.69 -49.38
N GLU B 200 27.86 25.44 -48.96
CA GLU B 200 27.41 24.39 -49.88
C GLU B 200 26.64 23.34 -49.08
N ARG B 201 25.63 22.77 -49.73
CA ARG B 201 24.75 21.81 -49.11
C ARG B 201 25.44 20.47 -48.92
N VAL B 202 25.15 19.81 -47.79
CA VAL B 202 25.66 18.49 -47.48
C VAL B 202 24.49 17.53 -47.38
N GLN B 203 24.76 16.25 -47.62
CA GLN B 203 23.71 15.25 -47.53
C GLN B 203 23.36 14.93 -46.09
N MET B 204 22.05 14.87 -45.81
CA MET B 204 21.52 14.61 -44.48
C MET B 204 20.37 13.62 -44.58
N LEU B 205 20.31 12.69 -43.64
CA LEU B 205 19.28 11.67 -43.58
C LEU B 205 18.76 11.52 -42.15
N LEU B 206 17.44 11.40 -42.02
CA LEU B 206 16.80 11.10 -40.74
C LEU B 206 16.80 9.60 -40.51
N SER B 207 17.00 9.19 -39.25
CA SER B 207 17.00 7.77 -38.94
C SER B 207 16.15 7.46 -37.71
N ASP B 208 15.57 6.26 -37.72
CA ASP B 208 15.01 5.62 -36.53
C ASP B 208 15.88 4.49 -36.01
N ARG B 209 17.00 4.19 -36.67
CA ARG B 209 17.78 3.00 -36.34
C ARG B 209 18.45 3.11 -34.97
N PHE B 210 18.84 4.31 -34.56
CA PHE B 210 19.45 4.53 -33.26
C PHE B 210 18.83 5.78 -32.64
N LEU B 211 19.21 6.05 -31.41
CA LEU B 211 18.66 7.17 -30.64
C LEU B 211 19.80 8.05 -30.13
N GLY B 212 19.60 9.37 -30.22
CA GLY B 212 20.49 10.32 -29.60
C GLY B 212 20.01 10.71 -28.21
N PHE B 213 20.78 11.60 -27.58
CA PHE B 213 20.42 12.11 -26.27
C PHE B 213 20.74 13.60 -26.22
N PHE B 214 20.27 14.25 -25.16
CA PHE B 214 20.55 15.65 -24.91
C PHE B 214 21.50 15.83 -23.73
N MET B 215 22.23 16.93 -23.76
CA MET B 215 22.83 17.48 -22.55
C MET B 215 22.32 18.91 -22.39
N VAL B 216 22.10 19.30 -21.13
CA VAL B 216 21.51 20.61 -20.80
C VAL B 216 22.37 21.31 -19.75
N PRO B 217 22.17 22.60 -19.45
CA PRO B 217 23.01 23.24 -18.44
C PRO B 217 22.83 22.60 -17.07
N ALA B 218 23.87 22.72 -16.25
CA ALA B 218 23.88 21.98 -14.99
C ALA B 218 23.02 22.66 -13.94
N GLN B 219 22.99 23.98 -13.90
CA GLN B 219 22.21 24.68 -12.88
C GLN B 219 21.14 25.61 -13.43
N SER B 220 21.32 26.15 -14.62
CA SER B 220 20.27 26.94 -15.22
C SER B 220 19.46 26.04 -16.14
N SER B 221 18.53 26.63 -16.85
CA SER B 221 18.01 25.98 -18.03
C SER B 221 18.71 26.61 -19.24
N TRP B 222 18.26 26.26 -20.45
CA TRP B 222 18.89 26.80 -21.66
C TRP B 222 18.23 28.08 -22.15
N ASN B 223 16.93 28.26 -21.93
CA ASN B 223 16.18 29.36 -22.53
C ASN B 223 16.35 30.63 -21.72
N TYR B 224 17.01 31.63 -22.29
CA TYR B 224 17.16 32.95 -21.68
C TYR B 224 16.43 34.04 -22.47
N ASN B 225 15.51 33.68 -23.37
CA ASN B 225 14.75 34.67 -24.10
C ASN B 225 13.80 35.49 -23.22
N PHE B 226 13.59 35.11 -21.97
CA PHE B 226 12.87 35.94 -21.04
C PHE B 226 13.75 36.57 -19.97
N MET B 227 15.02 36.18 -19.89
CA MET B 227 15.96 36.72 -18.92
C MET B 227 17.13 37.38 -19.64
N GLY B 228 16.84 38.09 -20.73
CA GLY B 228 17.89 38.53 -21.64
C GLY B 228 19.01 39.30 -20.96
N VAL B 229 18.67 40.10 -19.94
CA VAL B 229 19.69 40.87 -19.23
C VAL B 229 20.69 39.93 -18.57
N ARG B 230 20.24 38.79 -18.07
CA ARG B 230 21.10 37.85 -17.37
C ARG B 230 22.00 37.04 -18.30
N HIS B 231 21.74 37.05 -19.60
CA HIS B 231 22.58 36.32 -20.54
C HIS B 231 23.68 37.23 -21.07
N ASP B 232 24.89 36.66 -21.21
CA ASP B 232 26.10 37.39 -21.52
C ASP B 232 27.00 36.52 -22.40
N PRO B 233 27.55 37.06 -23.48
CA PRO B 233 28.43 36.24 -24.34
C PRO B 233 29.54 35.53 -23.58
N ASN B 234 29.97 36.07 -22.44
CA ASN B 234 31.05 35.48 -21.67
C ASN B 234 30.58 34.63 -20.51
N MET B 235 29.31 34.25 -20.47
CA MET B 235 28.84 33.43 -19.37
C MET B 235 29.38 32.00 -19.47
N LYS B 236 29.65 31.42 -18.32
CA LYS B 236 30.17 30.06 -18.22
C LYS B 236 29.07 29.16 -17.68
N TYR B 237 29.17 27.88 -18.01
CA TYR B 237 28.15 26.91 -17.69
C TYR B 237 28.77 25.54 -17.73
N GLU B 238 28.29 24.66 -16.85
CA GLU B 238 28.54 23.23 -16.92
C GLU B 238 27.32 22.57 -17.55
N LEU B 239 27.44 21.28 -17.79
CA LEU B 239 26.40 20.50 -18.45
C LEU B 239 26.03 19.30 -17.59
N GLN B 240 24.86 18.73 -17.88
CA GLN B 240 24.36 17.53 -17.22
C GLN B 240 23.57 16.71 -18.24
N LEU B 241 23.49 15.41 -17.98
CA LEU B 241 22.78 14.50 -18.88
C LEU B 241 21.31 14.48 -18.48
N ALA B 242 20.50 15.25 -19.19
CA ALA B 242 19.06 15.36 -18.91
C ALA B 242 18.38 15.98 -20.12
N ASN B 243 17.05 15.91 -20.13
CA ASN B 243 16.35 16.39 -21.33
C ASN B 243 15.84 17.82 -21.16
N PRO B 244 15.84 18.60 -22.24
CA PRO B 244 15.53 20.04 -22.13
C PRO B 244 14.06 20.31 -21.90
N LYS B 245 13.79 21.38 -21.17
CA LYS B 245 12.41 21.81 -20.97
C LYS B 245 11.92 22.62 -22.15
N GLU B 246 10.61 22.64 -22.34
CA GLU B 246 10.03 23.34 -23.49
C GLU B 246 10.13 24.85 -23.34
N PHE B 247 9.98 25.56 -24.48
CA PHE B 247 10.26 26.99 -24.54
C PHE B 247 9.54 27.78 -23.45
N TYR B 248 8.23 27.58 -23.30
CA TYR B 248 7.41 28.40 -22.41
C TYR B 248 7.24 27.79 -21.03
N HIS B 249 8.09 26.80 -20.68
CA HIS B 249 8.08 26.21 -19.35
C HIS B 249 8.25 27.29 -18.29
N GLU B 250 7.67 27.01 -17.10
CA GLU B 250 7.60 28.01 -16.04
C GLU B 250 8.98 28.48 -15.59
N VAL B 251 9.98 27.60 -15.55
CA VAL B 251 11.30 28.03 -15.08
C VAL B 251 12.02 28.93 -16.09
N HIS B 252 11.47 29.12 -17.27
CA HIS B 252 12.07 30.01 -18.24
C HIS B 252 11.54 31.42 -18.17
N ARG B 253 10.36 31.60 -17.59
CA ARG B 253 9.71 32.91 -17.47
C ARG B 253 9.20 33.10 -16.05
N PRO B 254 10.09 33.07 -15.05
CA PRO B 254 9.62 33.19 -13.66
C PRO B 254 8.99 34.54 -13.34
N SER B 255 9.44 35.60 -14.00
CA SER B 255 8.87 36.92 -13.73
C SER B 255 7.39 36.96 -14.08
N HIS B 256 6.94 36.18 -15.07
CA HIS B 256 5.50 36.13 -15.36
C HIS B 256 4.70 35.59 -14.18
N PHE B 257 5.30 34.72 -13.38
CA PHE B 257 4.58 34.15 -12.24
C PHE B 257 4.70 35.03 -11.00
N LEU B 258 5.88 35.58 -10.74
CA LEU B 258 6.04 36.43 -9.56
C LEU B 258 5.36 37.79 -9.74
N ASN B 259 5.25 38.28 -10.99
CA ASN B 259 4.63 39.58 -11.23
C ASN B 259 3.12 39.51 -11.13
N PHE B 260 2.52 38.38 -11.52
CA PHE B 260 1.06 38.28 -11.47
C PHE B 260 0.57 38.29 -10.04
N ALA B 261 1.34 37.68 -9.12
CA ALA B 261 0.95 37.65 -7.71
C ALA B 261 1.01 39.03 -7.06
N LEU B 262 1.69 39.99 -7.68
CA LEU B 262 1.79 41.35 -7.17
C LEU B 262 0.57 42.20 -7.51
N LEU B 263 -0.38 41.69 -8.28
CA LEU B 263 -1.65 42.38 -8.54
C LEU B 263 -2.59 42.28 -7.33
#